data_5AIW
#
_entry.id   5AIW
#
_cell.length_a   1.000
_cell.length_b   1.000
_cell.length_c   1.000
_cell.angle_alpha   90.00
_cell.angle_beta   90.00
_cell.angle_gamma   90.00
#
_symmetry.space_group_name_H-M   'P 1'
#
_entity_poly.entity_id   1
_entity_poly.type   'polypeptide(L)'
_entity_poly.pdbx_seq_one_letter_code
;SNTNQSESEKIIKEFYKTVYNYEKSQKEISMTTVKELATDNVYQELQNEINVNNSYSPQQNTIQKSSVNENEIKILAYES
KDNSQQYLVTAPIHQVFNGTKNDFEINQLIQIKNQKITQRTTIQLGEE
;
_entity_poly.pdbx_strand_id   A
#
# COMPACT_ATOMS: atom_id res chain seq x y z
N SER A 1 5.04 -9.98 -16.75
CA SER A 1 5.08 -10.72 -18.00
C SER A 1 4.33 -12.04 -17.88
N ASN A 2 4.21 -12.52 -16.66
CA ASN A 2 3.47 -13.71 -16.33
C ASN A 2 3.35 -13.63 -14.84
N THR A 3 2.87 -14.63 -14.18
CA THR A 3 2.79 -14.52 -12.77
C THR A 3 3.66 -15.44 -12.04
N ASN A 4 4.23 -14.88 -11.05
CA ASN A 4 5.15 -15.50 -10.22
C ASN A 4 5.21 -14.66 -9.00
N GLN A 5 5.69 -15.23 -7.95
CA GLN A 5 5.85 -14.57 -6.68
C GLN A 5 6.59 -13.24 -6.81
N SER A 6 7.73 -13.27 -7.41
CA SER A 6 8.53 -12.07 -7.62
C SER A 6 7.87 -11.07 -8.61
N GLU A 7 7.07 -11.58 -9.54
CA GLU A 7 6.30 -10.75 -10.43
C GLU A 7 5.21 -10.05 -9.65
N SER A 8 4.67 -10.76 -8.71
CA SER A 8 3.66 -10.25 -7.84
C SER A 8 4.27 -9.22 -6.90
N GLU A 9 5.49 -9.52 -6.42
CA GLU A 9 6.23 -8.66 -5.50
C GLU A 9 6.33 -7.29 -6.03
N LYS A 10 6.82 -7.19 -7.24
CA LYS A 10 7.12 -5.94 -7.88
C LYS A 10 5.86 -5.05 -7.95
N ILE A 11 4.70 -5.67 -8.15
CA ILE A 11 3.44 -4.95 -8.27
C ILE A 11 3.06 -4.37 -6.91
N ILE A 12 3.24 -5.18 -5.89
CA ILE A 12 2.96 -4.81 -4.51
C ILE A 12 3.94 -3.74 -4.07
N LYS A 13 5.19 -3.94 -4.44
CA LYS A 13 6.26 -3.01 -4.12
C LYS A 13 5.98 -1.66 -4.70
N GLU A 14 5.61 -1.61 -5.96
CA GLU A 14 5.29 -0.36 -6.59
C GLU A 14 4.05 0.26 -5.96
N PHE A 15 3.05 -0.57 -5.66
CA PHE A 15 1.80 -0.11 -5.03
C PHE A 15 2.12 0.63 -3.75
N TYR A 16 2.86 0.00 -2.89
CA TYR A 16 3.25 0.58 -1.61
C TYR A 16 4.20 1.73 -1.77
N LYS A 17 5.22 1.57 -2.62
CA LYS A 17 6.21 2.58 -2.83
C LYS A 17 5.58 3.83 -3.39
N THR A 18 4.58 3.68 -4.19
CA THR A 18 3.91 4.82 -4.76
C THR A 18 3.06 5.50 -3.68
N VAL A 19 2.20 4.73 -3.04
CA VAL A 19 1.23 5.31 -2.14
C VAL A 19 1.82 5.81 -0.83
N TYR A 20 2.80 5.15 -0.33
CA TYR A 20 3.38 5.56 0.93
C TYR A 20 4.68 6.30 0.74
N ASN A 21 4.79 7.02 -0.35
CA ASN A 21 5.93 7.89 -0.60
C ASN A 21 5.51 9.22 -1.08
N TYR A 22 5.53 10.13 -0.20
CA TYR A 22 5.19 11.49 -0.51
C TYR A 22 5.87 12.38 0.44
N GLU A 23 5.75 13.64 0.21
CA GLU A 23 6.26 14.53 1.13
C GLU A 23 5.23 15.02 2.11
N LYS A 24 4.15 15.61 1.65
CA LYS A 24 3.21 16.15 2.60
C LYS A 24 1.80 15.64 2.29
N SER A 25 1.45 15.65 1.03
CA SER A 25 0.17 15.17 0.59
C SER A 25 0.31 13.86 -0.19
N GLN A 26 -0.49 12.86 0.20
CA GLN A 26 -0.48 11.55 -0.42
C GLN A 26 -1.15 11.59 -1.81
N LYS A 27 -1.75 12.73 -2.14
CA LYS A 27 -2.42 12.93 -3.42
C LYS A 27 -1.42 13.04 -4.59
N GLU A 28 -0.23 13.53 -4.30
CA GLU A 28 0.77 13.86 -5.34
C GLU A 28 1.42 12.61 -5.98
N ILE A 29 1.11 11.45 -5.45
CA ILE A 29 1.76 10.18 -5.84
C ILE A 29 1.29 9.65 -7.21
N SER A 30 0.35 10.34 -7.84
CA SER A 30 -0.23 9.92 -9.12
C SER A 30 -1.15 8.70 -9.00
N MET A 31 -2.44 8.97 -8.90
CA MET A 31 -3.48 7.94 -8.76
C MET A 31 -3.66 7.09 -10.02
N THR A 32 -2.96 7.43 -11.08
CA THR A 32 -3.04 6.62 -12.25
C THR A 32 -2.21 5.38 -12.03
N THR A 33 -1.10 5.53 -11.33
CA THR A 33 -0.17 4.46 -11.13
C THR A 33 -0.80 3.30 -10.35
N VAL A 34 -1.55 3.64 -9.32
CA VAL A 34 -2.27 2.63 -8.55
C VAL A 34 -3.32 1.88 -9.39
N LYS A 35 -3.91 2.56 -10.34
CA LYS A 35 -4.92 2.04 -11.20
C LYS A 35 -4.30 0.95 -12.13
N GLU A 36 -3.02 1.07 -12.33
CA GLU A 36 -2.27 0.18 -13.20
C GLU A 36 -1.77 -1.00 -12.38
N LEU A 37 -1.46 -0.75 -11.15
CA LEU A 37 -0.93 -1.77 -10.24
C LEU A 37 -2.05 -2.53 -9.56
N ALA A 38 -3.18 -1.92 -9.42
CA ALA A 38 -4.27 -2.50 -8.68
C ALA A 38 -5.58 -2.34 -9.44
N THR A 39 -6.57 -3.12 -9.08
CA THR A 39 -7.88 -3.04 -9.67
C THR A 39 -8.65 -1.83 -9.12
N ASP A 40 -9.81 -1.57 -9.68
CA ASP A 40 -10.64 -0.41 -9.31
C ASP A 40 -11.03 -0.44 -7.86
N ASN A 41 -11.37 -1.61 -7.35
CA ASN A 41 -11.83 -1.74 -5.97
C ASN A 41 -10.74 -1.30 -4.97
N VAL A 42 -9.53 -1.75 -5.18
CA VAL A 42 -8.42 -1.36 -4.33
C VAL A 42 -7.95 0.08 -4.62
N TYR A 43 -8.09 0.47 -5.87
CA TYR A 43 -7.80 1.83 -6.31
C TYR A 43 -8.72 2.83 -5.60
N GLN A 44 -10.00 2.53 -5.62
CA GLN A 44 -11.03 3.42 -5.08
C GLN A 44 -10.91 3.56 -3.56
N GLU A 45 -10.60 2.48 -2.86
CA GLU A 45 -10.43 2.54 -1.40
C GLU A 45 -9.18 3.33 -1.06
N LEU A 46 -8.16 3.19 -1.90
CA LEU A 46 -6.89 3.84 -1.66
C LEU A 46 -7.01 5.33 -1.82
N GLN A 47 -7.59 5.76 -2.92
CA GLN A 47 -7.75 7.17 -3.18
C GLN A 47 -8.60 7.84 -2.10
N ASN A 48 -9.47 7.06 -1.51
CA ASN A 48 -10.29 7.53 -0.43
C ASN A 48 -9.50 7.70 0.85
N GLU A 49 -8.58 6.75 1.15
CA GLU A 49 -7.75 6.90 2.34
C GLU A 49 -6.87 8.13 2.15
N ILE A 50 -6.38 8.31 0.91
CA ILE A 50 -5.58 9.45 0.53
C ILE A 50 -6.31 10.74 0.81
N ASN A 51 -7.57 10.77 0.42
CA ASN A 51 -8.33 11.98 0.52
C ASN A 51 -8.49 12.42 1.97
N VAL A 52 -8.94 11.49 2.81
CA VAL A 52 -9.19 11.78 4.23
C VAL A 52 -7.88 12.02 5.00
N ASN A 53 -6.82 11.40 4.52
CA ASN A 53 -5.48 11.53 5.09
C ASN A 53 -4.96 12.95 4.93
N ASN A 54 -5.18 13.50 3.75
CA ASN A 54 -4.68 14.82 3.40
C ASN A 54 -5.63 15.88 3.90
N SER A 55 -6.90 15.65 3.67
CA SER A 55 -7.90 16.60 3.97
C SER A 55 -8.94 15.99 4.90
N TYR A 56 -8.84 16.34 6.17
CA TYR A 56 -9.81 15.87 7.14
C TYR A 56 -11.00 16.81 7.11
N SER A 57 -10.68 18.07 7.05
CA SER A 57 -11.62 19.15 7.02
C SER A 57 -10.81 20.42 6.74
N PRO A 58 -11.43 21.54 6.34
CA PRO A 58 -10.69 22.80 6.09
C PRO A 58 -10.07 23.39 7.37
N GLN A 59 -10.49 22.83 8.48
CA GLN A 59 -10.03 23.27 9.78
C GLN A 59 -8.99 22.29 10.37
N GLN A 60 -8.51 21.36 9.55
CA GLN A 60 -7.52 20.42 10.05
C GLN A 60 -6.62 19.94 8.95
N ASN A 61 -5.37 20.16 9.16
CA ASN A 61 -4.33 19.72 8.30
C ASN A 61 -3.04 19.78 9.10
N THR A 62 -2.11 18.95 8.77
CA THR A 62 -0.87 18.86 9.48
C THR A 62 0.13 18.16 8.57
N ILE A 63 1.39 18.35 8.84
CA ILE A 63 2.45 17.77 8.04
C ILE A 63 2.53 16.27 8.30
N GLN A 64 2.59 15.51 7.25
CA GLN A 64 2.65 14.09 7.29
C GLN A 64 3.64 13.67 6.28
N LYS A 65 4.57 12.94 6.71
CA LYS A 65 5.60 12.46 5.89
C LYS A 65 5.57 10.98 5.90
N SER A 66 5.46 10.40 4.74
CA SER A 66 5.48 8.97 4.63
C SER A 66 6.42 8.59 3.53
N SER A 67 7.17 7.55 3.78
CA SER A 67 8.14 7.02 2.85
C SER A 67 8.40 5.55 3.19
N VAL A 68 8.60 4.73 2.18
CA VAL A 68 8.83 3.31 2.37
C VAL A 68 9.84 2.78 1.35
N ASN A 69 10.73 1.92 1.81
CA ASN A 69 11.68 1.25 0.94
C ASN A 69 11.03 0.02 0.34
N GLU A 70 11.06 -0.08 -0.96
CA GLU A 70 10.44 -1.18 -1.71
C GLU A 70 10.99 -2.55 -1.37
N ASN A 71 12.21 -2.62 -0.90
CA ASN A 71 12.77 -3.92 -0.60
C ASN A 71 12.87 -4.14 0.85
N GLU A 72 12.15 -3.30 1.56
CA GLU A 72 11.97 -3.41 2.98
C GLU A 72 10.51 -3.86 3.18
N ILE A 73 9.91 -4.19 2.06
CA ILE A 73 8.60 -4.70 1.99
C ILE A 73 8.74 -6.18 1.97
N LYS A 74 8.45 -6.77 3.05
CA LYS A 74 8.60 -8.17 3.16
C LYS A 74 7.35 -8.83 2.69
N ILE A 75 7.46 -9.47 1.57
CA ILE A 75 6.36 -10.12 0.96
C ILE A 75 6.53 -11.62 1.12
N LEU A 76 5.70 -12.18 1.92
CA LEU A 76 5.73 -13.57 2.15
C LEU A 76 4.72 -14.19 1.23
N ALA A 77 5.23 -14.89 0.25
CA ALA A 77 4.39 -15.55 -0.70
C ALA A 77 3.57 -16.57 -0.01
N TYR A 78 2.29 -16.40 -0.04
CA TYR A 78 1.44 -17.28 0.64
C TYR A 78 0.94 -18.28 -0.34
N GLU A 79 1.16 -19.48 -0.02
CA GLU A 79 0.86 -20.53 -0.89
C GLU A 79 -0.41 -21.21 -0.48
N SER A 80 -1.30 -21.21 -1.41
CA SER A 80 -2.64 -21.71 -1.28
C SER A 80 -3.23 -21.60 -2.65
N LYS A 81 -3.12 -20.37 -3.17
CA LYS A 81 -3.64 -20.00 -4.46
C LYS A 81 -5.09 -20.31 -4.59
N ASP A 82 -5.84 -19.49 -3.89
CA ASP A 82 -7.28 -19.55 -3.71
C ASP A 82 -7.95 -19.04 -4.99
N ASN A 83 -7.52 -19.61 -6.14
CA ASN A 83 -7.89 -19.20 -7.54
C ASN A 83 -7.16 -17.89 -7.90
N SER A 84 -6.70 -17.26 -6.88
CA SER A 84 -6.03 -16.02 -6.94
C SER A 84 -4.73 -16.19 -6.18
N GLN A 85 -3.88 -15.24 -6.22
CA GLN A 85 -2.60 -15.39 -5.61
C GLN A 85 -2.53 -14.56 -4.34
N GLN A 86 -2.43 -15.22 -3.22
CA GLN A 86 -2.36 -14.58 -1.94
C GLN A 86 -0.89 -14.33 -1.59
N TYR A 87 -0.58 -13.11 -1.22
CA TYR A 87 0.74 -12.70 -0.81
C TYR A 87 0.62 -11.91 0.45
N LEU A 88 1.34 -12.30 1.45
CA LEU A 88 1.29 -11.62 2.70
C LEU A 88 2.30 -10.51 2.63
N VAL A 89 1.89 -9.34 2.96
CA VAL A 89 2.75 -8.20 2.81
C VAL A 89 2.96 -7.49 4.13
N THR A 90 4.17 -7.16 4.43
CA THR A 90 4.51 -6.45 5.62
C THR A 90 5.57 -5.38 5.29
N ALA A 91 5.24 -4.12 5.51
CA ALA A 91 6.14 -3.03 5.15
C ALA A 91 6.09 -1.90 6.16
N PRO A 92 7.26 -1.43 6.60
CA PRO A 92 7.37 -0.32 7.52
C PRO A 92 7.17 1.00 6.81
N ILE A 93 6.38 1.83 7.39
CA ILE A 93 6.12 3.10 6.82
C ILE A 93 6.78 4.14 7.69
N HIS A 94 7.79 4.77 7.15
CA HIS A 94 8.53 5.76 7.88
C HIS A 94 7.79 7.06 7.84
N GLN A 95 7.14 7.37 8.92
CA GLN A 95 6.33 8.54 8.98
C GLN A 95 6.84 9.58 9.92
N VAL A 96 6.46 10.79 9.65
CA VAL A 96 6.74 11.90 10.49
C VAL A 96 5.48 12.74 10.48
N PHE A 97 4.96 12.99 11.61
CA PHE A 97 3.73 13.66 11.76
C PHE A 97 3.99 14.92 12.51
N ASN A 98 3.93 16.01 11.79
CA ASN A 98 4.18 17.38 12.29
C ASN A 98 5.53 17.44 13.02
N GLY A 99 6.51 16.69 12.49
CA GLY A 99 7.84 16.67 13.08
C GLY A 99 8.05 15.53 14.05
N THR A 100 7.05 14.74 14.22
CA THR A 100 7.06 13.63 15.15
C THR A 100 7.15 12.36 14.44
N LYS A 101 8.06 11.58 14.86
CA LYS A 101 8.36 10.41 14.24
C LYS A 101 7.40 9.32 14.58
N ASN A 102 7.10 8.55 13.60
CA ASN A 102 6.30 7.41 13.72
C ASN A 102 6.82 6.40 12.72
N ASP A 103 7.21 5.26 13.17
CA ASP A 103 7.76 4.25 12.33
C ASP A 103 7.16 2.94 12.75
N PHE A 104 6.29 2.43 11.91
CA PHE A 104 5.51 1.24 12.23
C PHE A 104 5.47 0.33 11.02
N GLU A 105 5.10 -0.92 11.19
CA GLU A 105 5.12 -1.85 10.09
C GLU A 105 3.76 -2.43 9.84
N ILE A 106 3.21 -2.09 8.69
CA ILE A 106 1.88 -2.50 8.41
C ILE A 106 1.91 -3.83 7.74
N ASN A 107 0.97 -4.62 8.04
CA ASN A 107 0.86 -5.89 7.48
C ASN A 107 -0.50 -6.10 6.92
N GLN A 108 -0.55 -6.43 5.68
CA GLN A 108 -1.79 -6.68 5.00
C GLN A 108 -1.59 -7.84 4.07
N LEU A 109 -2.61 -8.58 3.80
CA LEU A 109 -2.47 -9.59 2.81
C LEU A 109 -2.96 -9.00 1.48
N ILE A 110 -2.23 -9.24 0.45
CA ILE A 110 -2.55 -8.75 -0.86
C ILE A 110 -2.82 -9.91 -1.78
N GLN A 111 -3.86 -9.79 -2.54
CA GLN A 111 -4.19 -10.78 -3.47
C GLN A 111 -3.89 -10.26 -4.88
N ILE A 112 -3.10 -11.01 -5.60
CA ILE A 112 -2.65 -10.66 -6.94
C ILE A 112 -3.45 -11.43 -8.00
N LYS A 113 -3.87 -10.70 -9.00
CA LYS A 113 -4.61 -11.22 -10.13
C LYS A 113 -4.37 -10.27 -11.27
N ASN A 114 -4.11 -10.82 -12.45
CA ASN A 114 -3.97 -10.01 -13.70
C ASN A 114 -2.87 -9.01 -13.61
N GLN A 115 -1.81 -9.41 -12.94
CA GLN A 115 -0.60 -8.56 -12.75
C GLN A 115 -0.94 -7.35 -11.92
N LYS A 116 -1.96 -7.47 -11.13
CA LYS A 116 -2.41 -6.36 -10.35
C LYS A 116 -2.81 -6.86 -8.99
N ILE A 117 -3.04 -5.94 -8.12
CA ILE A 117 -3.62 -6.24 -6.84
C ILE A 117 -5.10 -6.21 -7.05
N THR A 118 -5.75 -7.25 -6.69
CA THR A 118 -7.16 -7.33 -6.88
C THR A 118 -7.88 -7.11 -5.56
N GLN A 119 -7.16 -7.23 -4.45
CA GLN A 119 -7.71 -7.04 -3.14
C GLN A 119 -6.58 -7.01 -2.13
N ARG A 120 -6.69 -6.14 -1.17
CA ARG A 120 -5.75 -6.09 -0.08
C ARG A 120 -6.58 -6.02 1.18
N THR A 121 -6.14 -6.62 2.23
CA THR A 121 -6.86 -6.54 3.47
C THR A 121 -5.88 -6.49 4.61
N THR A 122 -6.08 -5.55 5.52
CA THR A 122 -5.19 -5.37 6.63
C THR A 122 -5.30 -6.55 7.58
N ILE A 123 -4.18 -6.95 8.07
CA ILE A 123 -4.08 -8.04 9.00
C ILE A 123 -3.37 -7.49 10.22
N GLN A 124 -3.29 -8.25 11.28
CA GLN A 124 -2.59 -7.81 12.46
C GLN A 124 -2.08 -9.03 13.20
N LEU A 125 -0.90 -8.94 13.73
CA LEU A 125 -0.34 -10.03 14.51
C LEU A 125 -0.66 -9.83 15.99
N GLY A 126 -0.36 -8.65 16.49
CA GLY A 126 -0.65 -8.35 17.87
C GLY A 126 -0.70 -6.87 18.12
N GLU A 127 0.47 -6.28 18.30
CA GLU A 127 0.57 -4.83 18.48
C GLU A 127 0.39 -4.24 17.08
N GLU A 128 0.98 -4.93 16.15
CA GLU A 128 0.85 -4.76 14.75
C GLU A 128 0.88 -6.18 14.28
N SER A 1 1.24 -17.94 -10.12
CA SER A 1 0.45 -18.78 -10.99
C SER A 1 0.18 -18.07 -12.33
N ASN A 2 -0.67 -17.06 -12.34
CA ASN A 2 -0.95 -16.30 -13.57
C ASN A 2 -0.24 -14.96 -13.50
N THR A 3 0.87 -15.01 -12.79
CA THR A 3 1.79 -13.96 -12.47
C THR A 3 2.86 -14.76 -11.79
N ASN A 4 3.97 -14.21 -11.59
CA ASN A 4 5.00 -14.91 -10.92
C ASN A 4 5.33 -14.15 -9.67
N GLN A 5 6.02 -14.78 -8.74
CA GLN A 5 6.36 -14.21 -7.46
C GLN A 5 7.00 -12.86 -7.60
N SER A 6 8.00 -12.77 -8.43
CA SER A 6 8.72 -11.52 -8.65
C SER A 6 7.79 -10.42 -9.19
N GLU A 7 6.86 -10.78 -10.09
CA GLU A 7 5.92 -9.82 -10.62
C GLU A 7 4.93 -9.44 -9.54
N SER A 8 4.45 -10.41 -8.83
CA SER A 8 3.56 -10.18 -7.74
C SER A 8 4.21 -9.26 -6.72
N GLU A 9 5.49 -9.52 -6.42
CA GLU A 9 6.23 -8.75 -5.46
C GLU A 9 6.36 -7.35 -5.86
N LYS A 10 6.88 -7.15 -7.05
CA LYS A 10 7.19 -5.84 -7.54
C LYS A 10 5.96 -4.97 -7.53
N ILE A 11 4.81 -5.54 -7.86
CA ILE A 11 3.57 -4.78 -7.96
C ILE A 11 3.10 -4.35 -6.58
N ILE A 12 3.28 -5.21 -5.60
CA ILE A 12 2.96 -4.89 -4.23
C ILE A 12 3.92 -3.81 -3.75
N LYS A 13 5.18 -3.99 -4.11
CA LYS A 13 6.23 -3.05 -3.79
C LYS A 13 5.94 -1.71 -4.43
N GLU A 14 5.52 -1.74 -5.68
CA GLU A 14 5.15 -0.57 -6.43
C GLU A 14 3.94 0.10 -5.80
N PHE A 15 2.93 -0.69 -5.43
CA PHE A 15 1.70 -0.16 -4.80
C PHE A 15 2.08 0.60 -3.56
N TYR A 16 2.82 -0.05 -2.68
CA TYR A 16 3.26 0.53 -1.43
C TYR A 16 4.18 1.72 -1.67
N LYS A 17 5.13 1.55 -2.57
CA LYS A 17 6.06 2.59 -2.90
C LYS A 17 5.35 3.81 -3.46
N THR A 18 4.25 3.61 -4.11
CA THR A 18 3.50 4.70 -4.62
C THR A 18 2.68 5.34 -3.49
N VAL A 19 1.81 4.56 -2.86
CA VAL A 19 0.88 5.11 -1.89
C VAL A 19 1.50 5.57 -0.58
N TYR A 20 2.65 5.05 -0.27
CA TYR A 20 3.33 5.40 0.95
C TYR A 20 4.59 6.21 0.71
N ASN A 21 4.72 6.86 -0.42
CA ASN A 21 5.86 7.74 -0.67
C ASN A 21 5.44 9.08 -1.08
N TYR A 22 5.42 9.96 -0.15
CA TYR A 22 5.07 11.32 -0.43
C TYR A 22 5.68 12.26 0.54
N GLU A 23 5.40 13.46 0.31
CA GLU A 23 5.84 14.52 1.09
C GLU A 23 4.87 14.99 2.11
N LYS A 24 3.74 15.39 1.66
CA LYS A 24 2.82 16.04 2.55
C LYS A 24 1.45 15.55 2.21
N SER A 25 1.11 15.69 0.96
CA SER A 25 -0.12 15.22 0.43
C SER A 25 0.08 13.87 -0.24
N GLN A 26 -0.69 12.89 0.20
CA GLN A 26 -0.63 11.54 -0.29
C GLN A 26 -1.23 11.42 -1.70
N LYS A 27 -1.81 12.49 -2.16
CA LYS A 27 -2.52 12.54 -3.43
C LYS A 27 -1.59 12.55 -4.63
N GLU A 28 -0.44 13.15 -4.45
CA GLU A 28 0.39 13.56 -5.59
C GLU A 28 1.27 12.43 -6.12
N ILE A 29 0.99 11.26 -5.66
CA ILE A 29 1.74 10.04 -5.99
C ILE A 29 1.31 9.42 -7.34
N SER A 30 0.51 10.16 -8.12
CA SER A 30 -0.04 9.68 -9.40
C SER A 30 -1.09 8.60 -9.18
N MET A 31 -2.34 9.04 -9.17
CA MET A 31 -3.47 8.14 -8.96
C MET A 31 -3.70 7.21 -10.15
N THR A 32 -3.10 7.50 -11.27
CA THR A 32 -3.25 6.61 -12.40
C THR A 32 -2.33 5.41 -12.22
N THR A 33 -1.18 5.64 -11.60
CA THR A 33 -0.21 4.58 -11.42
C THR A 33 -0.71 3.52 -10.45
N VAL A 34 -1.38 3.94 -9.40
CA VAL A 34 -2.01 3.00 -8.49
C VAL A 34 -3.10 2.16 -9.20
N LYS A 35 -3.76 2.77 -10.16
CA LYS A 35 -4.73 2.11 -10.98
C LYS A 35 -4.09 1.06 -11.92
N GLU A 36 -2.84 1.26 -12.23
CA GLU A 36 -2.13 0.34 -13.08
C GLU A 36 -1.67 -0.85 -12.23
N LEU A 37 -1.28 -0.56 -11.01
CA LEU A 37 -0.78 -1.56 -10.07
C LEU A 37 -1.91 -2.30 -9.35
N ALA A 38 -3.06 -1.71 -9.24
CA ALA A 38 -4.19 -2.34 -8.55
C ALA A 38 -5.45 -2.22 -9.34
N THR A 39 -6.46 -3.00 -9.01
CA THR A 39 -7.73 -2.90 -9.69
C THR A 39 -8.44 -1.65 -9.26
N ASP A 40 -9.42 -1.25 -10.00
CA ASP A 40 -10.25 -0.10 -9.67
C ASP A 40 -10.89 -0.21 -8.32
N ASN A 41 -11.19 -1.42 -7.89
CA ASN A 41 -11.78 -1.65 -6.56
C ASN A 41 -10.82 -1.16 -5.46
N VAL A 42 -9.59 -1.67 -5.49
CA VAL A 42 -8.59 -1.27 -4.50
C VAL A 42 -8.10 0.15 -4.71
N TYR A 43 -8.11 0.55 -5.94
CA TYR A 43 -7.80 1.90 -6.35
C TYR A 43 -8.77 2.90 -5.71
N GLN A 44 -10.06 2.58 -5.75
CA GLN A 44 -11.06 3.49 -5.23
C GLN A 44 -11.02 3.59 -3.72
N GLU A 45 -10.78 2.47 -3.04
CA GLU A 45 -10.64 2.51 -1.58
C GLU A 45 -9.37 3.29 -1.20
N LEU A 46 -8.35 3.17 -2.03
CA LEU A 46 -7.10 3.85 -1.83
C LEU A 46 -7.28 5.36 -2.02
N GLN A 47 -7.89 5.79 -3.10
CA GLN A 47 -8.07 7.22 -3.29
C GLN A 47 -8.96 7.82 -2.22
N ASN A 48 -9.86 7.01 -1.72
CA ASN A 48 -10.76 7.43 -0.66
C ASN A 48 -10.05 7.62 0.65
N GLU A 49 -9.10 6.73 0.97
CA GLU A 49 -8.33 6.90 2.19
C GLU A 49 -7.47 8.17 2.04
N ILE A 50 -6.97 8.38 0.84
CA ILE A 50 -6.17 9.53 0.52
C ILE A 50 -6.98 10.80 0.70
N ASN A 51 -8.16 10.81 0.15
CA ASN A 51 -9.07 11.94 0.22
C ASN A 51 -9.30 12.38 1.66
N VAL A 52 -9.74 11.43 2.48
CA VAL A 52 -10.08 11.72 3.88
C VAL A 52 -8.83 12.05 4.72
N ASN A 53 -7.70 11.52 4.31
CA ASN A 53 -6.47 11.72 5.04
C ASN A 53 -5.87 13.09 4.75
N ASN A 54 -6.09 13.57 3.55
CA ASN A 54 -5.60 14.88 3.15
C ASN A 54 -6.53 15.97 3.61
N SER A 55 -7.80 15.71 3.52
CA SER A 55 -8.78 16.65 3.96
C SER A 55 -9.77 16.00 4.90
N TYR A 56 -9.54 16.19 6.18
CA TYR A 56 -10.44 15.66 7.18
C TYR A 56 -11.61 16.62 7.34
N SER A 57 -11.27 17.83 7.67
CA SER A 57 -12.18 18.91 7.89
C SER A 57 -11.34 20.18 7.84
N PRO A 58 -11.93 21.37 7.64
CA PRO A 58 -11.16 22.64 7.59
C PRO A 58 -10.49 22.98 8.93
N GLN A 59 -10.89 22.26 9.97
CA GLN A 59 -10.37 22.47 11.30
C GLN A 59 -9.11 21.63 11.57
N GLN A 60 -8.81 20.70 10.67
CA GLN A 60 -7.71 19.79 10.91
C GLN A 60 -6.82 19.74 9.70
N ASN A 61 -5.56 19.91 9.94
CA ASN A 61 -4.56 19.89 8.90
C ASN A 61 -3.26 19.54 9.59
N THR A 62 -2.38 18.85 8.93
CA THR A 62 -1.14 18.42 9.52
C THR A 62 -0.21 17.89 8.43
N ILE A 63 1.07 17.89 8.70
CA ILE A 63 2.05 17.39 7.77
C ILE A 63 2.21 15.88 7.98
N GLN A 64 2.36 15.16 6.90
CA GLN A 64 2.54 13.74 6.91
C GLN A 64 3.57 13.39 5.94
N LYS A 65 4.61 12.85 6.39
CA LYS A 65 5.67 12.40 5.58
C LYS A 65 5.69 10.95 5.61
N SER A 66 5.58 10.35 4.48
CA SER A 66 5.59 8.91 4.42
C SER A 66 6.52 8.48 3.33
N SER A 67 7.29 7.46 3.60
CA SER A 67 8.22 6.90 2.67
C SER A 67 8.45 5.43 3.03
N VAL A 68 8.71 4.61 2.04
CA VAL A 68 8.95 3.19 2.23
C VAL A 68 9.95 2.66 1.21
N ASN A 69 10.90 1.86 1.68
CA ASN A 69 11.86 1.20 0.81
C ASN A 69 11.23 -0.05 0.26
N GLU A 70 11.15 -0.11 -1.05
CA GLU A 70 10.55 -1.24 -1.76
C GLU A 70 11.33 -2.55 -1.55
N ASN A 71 12.54 -2.45 -1.08
CA ASN A 71 13.37 -3.61 -0.86
C ASN A 71 13.28 -4.05 0.57
N GLU A 72 12.48 -3.32 1.32
CA GLU A 72 12.28 -3.57 2.72
C GLU A 72 10.84 -4.07 2.92
N ILE A 73 10.27 -4.49 1.83
CA ILE A 73 8.95 -5.00 1.80
C ILE A 73 9.04 -6.49 1.74
N LYS A 74 8.76 -7.10 2.84
CA LYS A 74 8.87 -8.52 2.95
C LYS A 74 7.56 -9.16 2.59
N ILE A 75 7.59 -9.89 1.52
CA ILE A 75 6.42 -10.53 0.97
C ILE A 75 6.53 -12.03 1.15
N LEU A 76 5.51 -12.59 1.73
CA LEU A 76 5.43 -13.99 1.97
C LEU A 76 4.26 -14.53 1.16
N ALA A 77 4.54 -15.40 0.21
CA ALA A 77 3.50 -16.01 -0.61
C ALA A 77 2.54 -16.76 0.30
N TYR A 78 1.29 -16.39 0.27
CA TYR A 78 0.36 -16.94 1.20
C TYR A 78 -0.48 -17.99 0.56
N GLU A 79 -0.56 -19.07 1.24
CA GLU A 79 -1.20 -20.22 0.76
C GLU A 79 -2.60 -20.33 1.26
N SER A 80 -3.46 -20.52 0.32
CA SER A 80 -4.90 -20.60 0.47
C SER A 80 -5.38 -20.60 -0.97
N LYS A 81 -4.86 -19.59 -1.69
CA LYS A 81 -5.10 -19.38 -3.10
C LYS A 81 -6.56 -19.35 -3.44
N ASP A 82 -7.23 -18.44 -2.77
CA ASP A 82 -8.66 -18.17 -2.92
C ASP A 82 -8.93 -17.54 -4.28
N ASN A 83 -8.78 -18.37 -5.33
CA ASN A 83 -8.98 -18.02 -6.75
C ASN A 83 -7.90 -17.08 -7.29
N SER A 84 -7.18 -16.46 -6.40
CA SER A 84 -6.16 -15.53 -6.72
C SER A 84 -4.90 -15.91 -5.97
N GLN A 85 -3.91 -15.08 -6.06
CA GLN A 85 -2.64 -15.36 -5.49
C GLN A 85 -2.49 -14.44 -4.29
N GLN A 86 -2.46 -15.03 -3.13
CA GLN A 86 -2.45 -14.29 -1.90
C GLN A 86 -1.02 -14.11 -1.48
N TYR A 87 -0.67 -12.93 -1.10
CA TYR A 87 0.66 -12.61 -0.68
C TYR A 87 0.57 -11.78 0.59
N LEU A 88 1.23 -12.23 1.61
CA LEU A 88 1.27 -11.55 2.86
C LEU A 88 2.35 -10.52 2.76
N VAL A 89 2.06 -9.34 3.13
CA VAL A 89 2.98 -8.26 2.98
C VAL A 89 3.28 -7.62 4.33
N THR A 90 4.53 -7.45 4.61
CA THR A 90 4.97 -6.78 5.79
C THR A 90 6.01 -5.70 5.38
N ALA A 91 5.67 -4.44 5.59
CA ALA A 91 6.52 -3.34 5.17
C ALA A 91 6.49 -2.19 6.16
N PRO A 92 7.66 -1.66 6.53
CA PRO A 92 7.77 -0.53 7.40
C PRO A 92 7.52 0.78 6.67
N ILE A 93 6.73 1.60 7.28
CA ILE A 93 6.41 2.87 6.71
C ILE A 93 7.07 3.92 7.57
N HIS A 94 7.94 4.67 6.97
CA HIS A 94 8.66 5.70 7.67
C HIS A 94 7.87 6.97 7.62
N GLN A 95 7.22 7.28 8.70
CA GLN A 95 6.38 8.43 8.74
C GLN A 95 6.86 9.49 9.68
N VAL A 96 6.45 10.70 9.39
CA VAL A 96 6.69 11.83 10.22
C VAL A 96 5.41 12.62 10.19
N PHE A 97 4.83 12.80 11.33
CA PHE A 97 3.57 13.40 11.47
C PHE A 97 3.77 14.69 12.15
N ASN A 98 3.65 15.74 11.38
CA ASN A 98 3.84 17.13 11.81
C ASN A 98 5.19 17.30 12.54
N GLY A 99 6.20 16.59 12.05
CA GLY A 99 7.53 16.68 12.64
C GLY A 99 7.82 15.56 13.61
N THR A 100 6.85 14.77 13.86
CA THR A 100 6.93 13.70 14.81
C THR A 100 7.10 12.41 14.14
N LYS A 101 8.10 11.73 14.54
CA LYS A 101 8.47 10.56 13.96
C LYS A 101 7.58 9.42 14.39
N ASN A 102 7.24 8.64 13.44
CA ASN A 102 6.47 7.46 13.66
C ASN A 102 6.85 6.46 12.59
N ASP A 103 7.57 5.46 12.98
CA ASP A 103 8.05 4.46 12.08
C ASP A 103 7.52 3.13 12.54
N PHE A 104 6.76 2.49 11.71
CA PHE A 104 6.07 1.27 12.10
C PHE A 104 6.00 0.34 10.92
N GLU A 105 5.71 -0.92 11.16
CA GLU A 105 5.61 -1.88 10.11
C GLU A 105 4.18 -2.33 9.99
N ILE A 106 3.67 -2.36 8.78
CA ILE A 106 2.30 -2.74 8.55
C ILE A 106 2.25 -4.16 8.06
N ASN A 107 1.18 -4.82 8.37
CA ASN A 107 1.01 -6.19 8.00
C ASN A 107 -0.31 -6.32 7.31
N GLN A 108 -0.29 -6.59 6.04
CA GLN A 108 -1.51 -6.71 5.27
C GLN A 108 -1.38 -7.85 4.31
N LEU A 109 -2.47 -8.42 3.91
CA LEU A 109 -2.41 -9.40 2.88
C LEU A 109 -2.87 -8.75 1.59
N ILE A 110 -2.20 -9.04 0.53
CA ILE A 110 -2.53 -8.53 -0.77
C ILE A 110 -2.72 -9.69 -1.73
N GLN A 111 -3.74 -9.61 -2.52
CA GLN A 111 -3.94 -10.59 -3.54
C GLN A 111 -3.62 -10.05 -4.91
N ILE A 112 -2.85 -10.82 -5.61
CA ILE A 112 -2.38 -10.49 -6.92
C ILE A 112 -3.16 -11.25 -7.97
N LYS A 113 -3.64 -10.53 -8.93
CA LYS A 113 -4.35 -11.08 -10.03
C LYS A 113 -4.22 -10.14 -11.19
N ASN A 114 -3.87 -10.68 -12.35
CA ASN A 114 -3.78 -9.91 -13.62
C ASN A 114 -2.78 -8.80 -13.57
N GLN A 115 -1.68 -9.08 -12.88
CA GLN A 115 -0.52 -8.18 -12.81
C GLN A 115 -0.86 -6.95 -12.03
N LYS A 116 -1.74 -7.11 -11.11
CA LYS A 116 -2.14 -6.05 -10.27
C LYS A 116 -2.73 -6.59 -8.98
N ILE A 117 -2.88 -5.74 -8.00
CA ILE A 117 -3.54 -6.08 -6.77
C ILE A 117 -5.00 -6.09 -7.02
N THR A 118 -5.62 -7.14 -6.65
CA THR A 118 -7.03 -7.24 -6.83
C THR A 118 -7.73 -6.90 -5.51
N GLN A 119 -7.04 -7.12 -4.39
CA GLN A 119 -7.58 -6.77 -3.10
C GLN A 119 -6.46 -6.73 -2.08
N ARG A 120 -6.54 -5.80 -1.16
CA ARG A 120 -5.56 -5.66 -0.10
C ARG A 120 -6.34 -5.57 1.20
N THR A 121 -5.88 -6.17 2.24
CA THR A 121 -6.57 -6.04 3.50
C THR A 121 -5.58 -6.13 4.64
N THR A 122 -5.65 -5.18 5.55
CA THR A 122 -4.80 -5.18 6.71
C THR A 122 -5.14 -6.35 7.61
N ILE A 123 -4.13 -6.95 8.13
CA ILE A 123 -4.29 -8.10 8.98
C ILE A 123 -3.70 -7.83 10.34
N GLN A 124 -3.95 -8.73 11.25
CA GLN A 124 -3.40 -8.69 12.57
C GLN A 124 -2.47 -9.89 12.64
N LEU A 125 -1.56 -9.93 13.57
CA LEU A 125 -0.62 -11.04 13.64
C LEU A 125 -1.10 -12.06 14.65
N GLY A 126 -1.61 -11.56 15.75
CA GLY A 126 -2.17 -12.40 16.77
C GLY A 126 -2.37 -11.65 18.06
N GLU A 127 -2.70 -10.38 17.93
CA GLU A 127 -2.96 -9.53 19.06
C GLU A 127 -4.41 -9.69 19.48
N GLU A 128 -5.24 -9.87 18.48
CA GLU A 128 -6.66 -10.05 18.61
C GLU A 128 -7.03 -10.86 17.40
N SER A 1 -2.46 -17.52 -11.54
CA SER A 1 -2.83 -16.45 -12.45
C SER A 1 -1.72 -16.32 -13.45
N ASN A 2 -1.93 -15.54 -14.51
CA ASN A 2 -0.85 -15.26 -15.46
C ASN A 2 -0.02 -14.16 -14.86
N THR A 3 0.88 -14.57 -14.00
CA THR A 3 1.74 -13.72 -13.23
C THR A 3 2.75 -14.67 -12.65
N ASN A 4 3.72 -14.17 -11.99
CA ASN A 4 4.67 -14.97 -11.32
C ASN A 4 4.99 -14.28 -10.03
N GLN A 5 5.65 -14.97 -9.12
CA GLN A 5 6.00 -14.47 -7.81
C GLN A 5 6.71 -13.12 -7.87
N SER A 6 7.74 -13.02 -8.69
CA SER A 6 8.50 -11.79 -8.83
C SER A 6 7.64 -10.66 -9.38
N GLU A 7 6.80 -10.99 -10.38
CA GLU A 7 5.87 -10.04 -10.94
C GLU A 7 4.91 -9.56 -9.89
N SER A 8 4.41 -10.48 -9.13
CA SER A 8 3.48 -10.20 -8.09
C SER A 8 4.14 -9.28 -7.06
N GLU A 9 5.37 -9.61 -6.69
CA GLU A 9 6.11 -8.84 -5.73
C GLU A 9 6.31 -7.44 -6.17
N LYS A 10 6.71 -7.28 -7.40
CA LYS A 10 7.03 -5.99 -7.93
C LYS A 10 5.79 -5.10 -7.97
N ILE A 11 4.64 -5.69 -8.23
CA ILE A 11 3.39 -4.95 -8.29
C ILE A 11 3.05 -4.46 -6.87
N ILE A 12 3.26 -5.34 -5.90
CA ILE A 12 3.03 -5.03 -4.50
C ILE A 12 4.00 -3.97 -4.02
N LYS A 13 5.27 -4.16 -4.35
CA LYS A 13 6.31 -3.23 -3.97
C LYS A 13 6.00 -1.86 -4.48
N GLU A 14 5.62 -1.76 -5.74
CA GLU A 14 5.30 -0.50 -6.32
C GLU A 14 4.03 0.08 -5.72
N PHE A 15 3.04 -0.77 -5.41
CA PHE A 15 1.78 -0.30 -4.80
C PHE A 15 2.09 0.43 -3.52
N TYR A 16 2.83 -0.25 -2.66
CA TYR A 16 3.22 0.29 -1.38
C TYR A 16 4.12 1.48 -1.53
N LYS A 17 5.13 1.36 -2.39
CA LYS A 17 6.08 2.39 -2.60
C LYS A 17 5.41 3.64 -3.11
N THR A 18 4.42 3.47 -3.92
CA THR A 18 3.72 4.60 -4.44
C THR A 18 2.83 5.21 -3.35
N VAL A 19 1.92 4.41 -2.79
CA VAL A 19 0.93 4.95 -1.86
C VAL A 19 1.52 5.42 -0.53
N TYR A 20 2.66 4.92 -0.20
CA TYR A 20 3.34 5.32 1.01
C TYR A 20 4.59 6.15 0.77
N ASN A 21 4.70 6.81 -0.38
CA ASN A 21 5.83 7.72 -0.62
C ASN A 21 5.38 9.02 -1.14
N TYR A 22 5.35 9.97 -0.27
CA TYR A 22 5.00 11.31 -0.62
C TYR A 22 5.64 12.23 0.34
N GLU A 23 5.55 13.49 0.08
CA GLU A 23 6.06 14.39 1.00
C GLU A 23 5.04 14.94 1.95
N LYS A 24 3.98 15.54 1.48
CA LYS A 24 3.07 16.15 2.43
C LYS A 24 1.63 15.69 2.20
N SER A 25 1.33 15.33 0.97
CA SER A 25 0.02 14.92 0.59
C SER A 25 0.07 13.63 -0.20
N GLN A 26 -0.66 12.63 0.24
CA GLN A 26 -0.67 11.34 -0.39
C GLN A 26 -1.23 11.38 -1.86
N LYS A 27 -1.77 12.51 -2.29
CA LYS A 27 -2.29 12.65 -3.66
C LYS A 27 -1.14 12.88 -4.66
N GLU A 28 0.03 13.23 -4.15
CA GLU A 28 1.26 13.51 -4.95
C GLU A 28 1.69 12.30 -5.78
N ILE A 29 1.37 11.13 -5.28
CA ILE A 29 1.88 9.86 -5.77
C ILE A 29 1.35 9.44 -7.15
N SER A 30 0.50 10.26 -7.76
CA SER A 30 -0.09 9.96 -9.06
C SER A 30 -1.04 8.76 -9.00
N MET A 31 -2.31 9.07 -8.76
CA MET A 31 -3.38 8.08 -8.63
C MET A 31 -3.53 7.19 -9.87
N THR A 32 -3.07 7.64 -11.00
CA THR A 32 -3.15 6.85 -12.20
C THR A 32 -2.24 5.61 -12.09
N THR A 33 -1.08 5.78 -11.46
CA THR A 33 -0.11 4.71 -11.39
C THR A 33 -0.57 3.61 -10.42
N VAL A 34 -1.19 3.99 -9.33
CA VAL A 34 -1.74 3.01 -8.42
C VAL A 34 -2.87 2.21 -9.09
N LYS A 35 -3.61 2.86 -9.98
CA LYS A 35 -4.63 2.23 -10.77
C LYS A 35 -4.05 1.21 -11.78
N GLU A 36 -2.79 1.37 -12.11
CA GLU A 36 -2.15 0.47 -13.03
C GLU A 36 -1.68 -0.76 -12.27
N LEU A 37 -1.37 -0.56 -11.02
CA LEU A 37 -0.89 -1.62 -10.15
C LEU A 37 -2.04 -2.37 -9.50
N ALA A 38 -3.11 -1.70 -9.23
CA ALA A 38 -4.24 -2.29 -8.54
C ALA A 38 -5.49 -2.11 -9.35
N THR A 39 -6.48 -2.94 -9.09
CA THR A 39 -7.74 -2.82 -9.77
C THR A 39 -8.50 -1.62 -9.24
N ASP A 40 -9.46 -1.16 -10.00
CA ASP A 40 -10.30 -0.04 -9.62
C ASP A 40 -10.98 -0.21 -8.28
N ASN A 41 -11.27 -1.44 -7.91
CA ASN A 41 -11.88 -1.73 -6.60
C ASN A 41 -10.94 -1.27 -5.48
N VAL A 42 -9.71 -1.75 -5.51
CA VAL A 42 -8.72 -1.37 -4.50
C VAL A 42 -8.24 0.05 -4.69
N TYR A 43 -8.21 0.49 -5.91
CA TYR A 43 -7.86 1.83 -6.24
C TYR A 43 -8.82 2.83 -5.57
N GLN A 44 -10.12 2.57 -5.67
CA GLN A 44 -11.11 3.50 -5.15
C GLN A 44 -11.08 3.57 -3.62
N GLU A 45 -10.79 2.46 -2.97
CA GLU A 45 -10.67 2.47 -1.51
C GLU A 45 -9.41 3.24 -1.12
N LEU A 46 -8.36 3.03 -1.89
CA LEU A 46 -7.07 3.65 -1.68
C LEU A 46 -7.17 5.15 -1.87
N GLN A 47 -7.75 5.59 -2.96
CA GLN A 47 -7.84 7.02 -3.23
C GLN A 47 -8.72 7.74 -2.21
N ASN A 48 -9.68 7.02 -1.66
CA ASN A 48 -10.55 7.56 -0.65
C ASN A 48 -9.83 7.66 0.68
N GLU A 49 -8.98 6.69 0.94
CA GLU A 49 -8.09 6.67 2.05
C GLU A 49 -7.14 7.88 1.95
N ILE A 50 -6.58 8.03 0.78
CA ILE A 50 -5.73 9.16 0.44
C ILE A 50 -6.49 10.47 0.60
N ASN A 51 -7.75 10.45 0.26
CA ASN A 51 -8.57 11.62 0.30
C ASN A 51 -8.74 12.09 1.74
N VAL A 52 -9.08 11.17 2.63
CA VAL A 52 -9.28 11.51 4.05
C VAL A 52 -7.95 11.84 4.71
N ASN A 53 -6.88 11.24 4.20
CA ASN A 53 -5.51 11.50 4.66
C ASN A 53 -5.14 12.96 4.43
N ASN A 54 -5.54 13.49 3.28
CA ASN A 54 -5.24 14.86 2.93
C ASN A 54 -6.26 15.81 3.55
N SER A 55 -7.51 15.48 3.40
CA SER A 55 -8.58 16.32 3.82
C SER A 55 -9.42 15.62 4.89
N TYR A 56 -9.23 16.02 6.12
CA TYR A 56 -10.01 15.48 7.23
C TYR A 56 -11.25 16.32 7.33
N SER A 57 -11.03 17.57 7.14
CA SER A 57 -12.02 18.58 7.10
C SER A 57 -11.45 19.65 6.19
N PRO A 58 -12.28 20.51 5.56
CA PRO A 58 -11.76 21.56 4.64
C PRO A 58 -10.91 22.60 5.37
N GLN A 59 -10.99 22.59 6.67
CA GLN A 59 -10.28 23.51 7.51
C GLN A 59 -9.17 22.80 8.30
N GLN A 60 -8.79 21.59 7.88
CA GLN A 60 -7.77 20.86 8.60
C GLN A 60 -6.89 20.09 7.66
N ASN A 61 -5.62 20.27 7.82
CA ASN A 61 -4.61 19.61 7.07
C ASN A 61 -3.36 19.69 7.91
N THR A 62 -2.44 18.79 7.73
CA THR A 62 -1.26 18.77 8.50
C THR A 62 -0.20 18.01 7.72
N ILE A 63 1.04 18.24 8.06
CA ILE A 63 2.14 17.63 7.39
C ILE A 63 2.26 16.18 7.79
N GLN A 64 2.34 15.33 6.81
CA GLN A 64 2.49 13.94 6.97
C GLN A 64 3.48 13.47 5.99
N LYS A 65 4.45 12.84 6.49
CA LYS A 65 5.44 12.28 5.66
C LYS A 65 5.33 10.82 5.71
N SER A 66 5.34 10.22 4.59
CA SER A 66 5.37 8.81 4.51
C SER A 66 6.34 8.42 3.45
N SER A 67 7.17 7.50 3.76
CA SER A 67 8.12 6.97 2.83
C SER A 67 8.42 5.53 3.24
N VAL A 68 8.69 4.68 2.27
CA VAL A 68 8.95 3.28 2.51
C VAL A 68 10.03 2.77 1.55
N ASN A 69 10.95 2.00 2.09
CA ASN A 69 11.99 1.36 1.29
C ASN A 69 11.44 0.11 0.62
N GLU A 70 11.55 0.07 -0.68
CA GLU A 70 11.07 -1.05 -1.51
C GLU A 70 11.82 -2.35 -1.21
N ASN A 71 13.01 -2.24 -0.69
CA ASN A 71 13.83 -3.40 -0.41
C ASN A 71 13.69 -3.80 1.03
N GLU A 72 12.71 -3.20 1.67
CA GLU A 72 12.42 -3.43 3.06
C GLU A 72 10.96 -3.93 3.15
N ILE A 73 10.45 -4.34 2.02
CA ILE A 73 9.12 -4.84 1.92
C ILE A 73 9.21 -6.34 1.88
N LYS A 74 8.83 -6.95 2.95
CA LYS A 74 8.91 -8.36 3.06
C LYS A 74 7.60 -8.97 2.62
N ILE A 75 7.67 -9.78 1.60
CA ILE A 75 6.52 -10.39 1.00
C ILE A 75 6.59 -11.90 1.20
N LEU A 76 5.53 -12.46 1.69
CA LEU A 76 5.43 -13.88 1.91
C LEU A 76 4.27 -14.42 1.11
N ALA A 77 4.56 -15.40 0.26
CA ALA A 77 3.54 -16.00 -0.58
C ALA A 77 2.57 -16.82 0.25
N TYR A 78 1.31 -16.53 0.11
CA TYR A 78 0.27 -17.18 0.85
C TYR A 78 -0.68 -17.90 -0.10
N GLU A 79 -1.31 -18.90 0.41
CA GLU A 79 -2.10 -19.83 -0.34
C GLU A 79 -3.55 -19.44 -0.60
N SER A 80 -4.03 -19.85 -1.76
CA SER A 80 -5.40 -19.68 -2.17
C SER A 80 -5.69 -20.71 -3.25
N LYS A 81 -6.95 -20.90 -3.60
CA LYS A 81 -7.32 -21.91 -4.59
C LYS A 81 -8.22 -21.39 -5.70
N ASP A 82 -8.31 -20.10 -5.79
CA ASP A 82 -9.10 -19.43 -6.86
C ASP A 82 -8.16 -19.09 -8.02
N ASN A 83 -6.97 -19.69 -7.96
CA ASN A 83 -5.88 -19.54 -8.93
C ASN A 83 -5.20 -18.17 -8.77
N SER A 84 -5.46 -17.51 -7.67
CA SER A 84 -4.79 -16.27 -7.39
C SER A 84 -3.57 -16.59 -6.61
N GLN A 85 -2.84 -15.59 -6.29
CA GLN A 85 -1.70 -15.73 -5.49
C GLN A 85 -1.78 -14.61 -4.51
N GLN A 86 -1.97 -14.94 -3.27
CA GLN A 86 -2.04 -13.92 -2.28
C GLN A 86 -0.71 -13.79 -1.62
N TYR A 87 -0.39 -12.62 -1.27
CA TYR A 87 0.87 -12.31 -0.75
C TYR A 87 0.71 -11.51 0.50
N LEU A 88 1.34 -11.96 1.52
CA LEU A 88 1.33 -11.32 2.79
C LEU A 88 2.43 -10.30 2.73
N VAL A 89 2.14 -9.11 3.10
CA VAL A 89 3.09 -8.06 2.96
C VAL A 89 3.36 -7.42 4.31
N THR A 90 4.60 -7.20 4.59
CA THR A 90 5.03 -6.55 5.79
C THR A 90 6.07 -5.48 5.44
N ALA A 91 5.73 -4.22 5.67
CA ALA A 91 6.59 -3.11 5.30
C ALA A 91 6.54 -1.99 6.33
N PRO A 92 7.69 -1.45 6.73
CA PRO A 92 7.77 -0.33 7.64
C PRO A 92 7.48 0.99 6.94
N ILE A 93 6.66 1.78 7.53
CA ILE A 93 6.30 3.04 6.96
C ILE A 93 6.90 4.14 7.81
N HIS A 94 7.85 4.82 7.26
CA HIS A 94 8.55 5.87 7.95
C HIS A 94 7.72 7.13 7.81
N GLN A 95 7.12 7.57 8.90
CA GLN A 95 6.22 8.70 8.86
C GLN A 95 6.59 9.82 9.78
N VAL A 96 6.00 10.96 9.52
CA VAL A 96 6.11 12.07 10.39
C VAL A 96 4.76 12.71 10.42
N PHE A 97 4.36 13.15 11.56
CA PHE A 97 3.10 13.78 11.70
C PHE A 97 3.32 15.11 12.33
N ASN A 98 3.18 16.14 11.51
CA ASN A 98 3.37 17.54 11.90
C ASN A 98 4.80 17.73 12.47
N GLY A 99 5.74 16.98 11.90
CA GLY A 99 7.13 17.06 12.33
C GLY A 99 7.52 15.95 13.29
N THR A 100 6.53 15.29 13.81
CA THR A 100 6.72 14.22 14.76
C THR A 100 7.02 12.91 14.03
N LYS A 101 8.21 12.40 14.20
CA LYS A 101 8.63 11.18 13.52
C LYS A 101 8.00 9.95 14.15
N ASN A 102 7.45 9.11 13.32
CA ASN A 102 6.78 7.91 13.69
C ASN A 102 7.24 6.80 12.75
N ASP A 103 7.50 5.64 13.29
CA ASP A 103 7.93 4.52 12.46
C ASP A 103 7.20 3.31 12.93
N PHE A 104 6.70 2.53 12.00
CA PHE A 104 5.94 1.36 12.34
C PHE A 104 5.87 0.44 11.15
N GLU A 105 5.68 -0.83 11.39
CA GLU A 105 5.59 -1.77 10.31
C GLU A 105 4.16 -2.22 10.16
N ILE A 106 3.68 -2.20 8.93
CA ILE A 106 2.32 -2.57 8.64
C ILE A 106 2.29 -3.97 8.09
N ASN A 107 1.19 -4.63 8.29
CA ASN A 107 1.03 -5.98 7.88
C ASN A 107 -0.30 -6.08 7.17
N GLN A 108 -0.27 -6.24 5.88
CA GLN A 108 -1.48 -6.34 5.11
C GLN A 108 -1.32 -7.45 4.10
N LEU A 109 -2.38 -8.11 3.76
CA LEU A 109 -2.30 -9.11 2.75
C LEU A 109 -2.83 -8.54 1.44
N ILE A 110 -2.23 -8.92 0.38
CA ILE A 110 -2.61 -8.48 -0.95
C ILE A 110 -2.84 -9.69 -1.82
N GLN A 111 -3.91 -9.69 -2.55
CA GLN A 111 -4.13 -10.73 -3.49
C GLN A 111 -3.79 -10.23 -4.87
N ILE A 112 -2.96 -10.98 -5.56
CA ILE A 112 -2.54 -10.64 -6.88
C ILE A 112 -3.35 -11.45 -7.90
N LYS A 113 -3.94 -10.75 -8.82
CA LYS A 113 -4.75 -11.30 -9.87
C LYS A 113 -4.72 -10.30 -11.01
N ASN A 114 -4.57 -10.80 -12.22
CA ASN A 114 -4.50 -9.96 -13.46
C ASN A 114 -3.33 -9.01 -13.44
N GLN A 115 -2.18 -9.43 -12.87
CA GLN A 115 -0.97 -8.59 -12.85
C GLN A 115 -1.23 -7.35 -12.05
N LYS A 116 -2.15 -7.43 -11.14
CA LYS A 116 -2.54 -6.32 -10.36
C LYS A 116 -2.93 -6.79 -8.99
N ILE A 117 -3.12 -5.86 -8.11
CA ILE A 117 -3.69 -6.13 -6.83
C ILE A 117 -5.16 -6.11 -7.03
N THR A 118 -5.80 -7.14 -6.64
CA THR A 118 -7.21 -7.21 -6.82
C THR A 118 -7.93 -6.94 -5.51
N GLN A 119 -7.20 -7.04 -4.40
CA GLN A 119 -7.71 -6.75 -3.08
C GLN A 119 -6.58 -6.71 -2.10
N ARG A 120 -6.61 -5.74 -1.22
CA ARG A 120 -5.63 -5.61 -0.17
C ARG A 120 -6.42 -5.55 1.14
N THR A 121 -5.94 -6.13 2.19
CA THR A 121 -6.63 -5.98 3.44
C THR A 121 -5.62 -5.97 4.57
N THR A 122 -5.79 -5.09 5.52
CA THR A 122 -4.89 -5.03 6.65
C THR A 122 -5.16 -6.21 7.55
N ILE A 123 -4.12 -6.78 8.06
CA ILE A 123 -4.25 -7.94 8.91
C ILE A 123 -3.66 -7.67 10.27
N GLN A 124 -3.89 -8.58 11.17
CA GLN A 124 -3.36 -8.53 12.50
C GLN A 124 -2.35 -9.66 12.57
N LEU A 125 -1.38 -9.60 13.45
CA LEU A 125 -0.38 -10.63 13.51
C LEU A 125 -0.84 -11.70 14.48
N GLY A 126 -1.19 -11.26 15.67
CA GLY A 126 -1.71 -12.16 16.68
C GLY A 126 -1.92 -11.44 17.98
N GLU A 127 -2.26 -10.18 17.88
CA GLU A 127 -2.48 -9.32 19.00
C GLU A 127 -3.93 -9.40 19.45
N GLU A 128 -4.80 -9.40 18.47
CA GLU A 128 -6.23 -9.41 18.65
C GLU A 128 -6.79 -10.37 17.62
N SER A 1 2.62 -11.63 -18.25
CA SER A 1 2.06 -12.92 -17.89
C SER A 1 0.74 -12.66 -17.20
N ASN A 2 0.14 -13.64 -16.54
CA ASN A 2 -1.00 -13.30 -15.69
C ASN A 2 -0.44 -12.83 -14.39
N THR A 3 0.59 -13.57 -13.92
CA THR A 3 1.45 -13.21 -12.80
C THR A 3 2.44 -14.31 -12.52
N ASN A 4 3.23 -14.08 -11.52
CA ASN A 4 4.27 -14.95 -11.04
C ASN A 4 4.64 -14.41 -9.68
N GLN A 5 5.28 -15.20 -8.83
CA GLN A 5 5.62 -14.77 -7.48
C GLN A 5 6.41 -13.45 -7.44
N SER A 6 7.50 -13.39 -8.18
CA SER A 6 8.33 -12.20 -8.21
C SER A 6 7.61 -11.03 -8.93
N GLU A 7 6.78 -11.37 -9.91
CA GLU A 7 5.94 -10.38 -10.58
C GLU A 7 4.98 -9.78 -9.59
N SER A 8 4.39 -10.62 -8.82
CA SER A 8 3.47 -10.22 -7.79
C SER A 8 4.15 -9.28 -6.82
N GLU A 9 5.40 -9.61 -6.46
CA GLU A 9 6.17 -8.82 -5.55
C GLU A 9 6.32 -7.44 -6.06
N LYS A 10 6.80 -7.35 -7.26
CA LYS A 10 7.12 -6.09 -7.87
C LYS A 10 5.88 -5.19 -7.99
N ILE A 11 4.74 -5.78 -8.21
CA ILE A 11 3.49 -5.02 -8.31
C ILE A 11 3.12 -4.47 -6.91
N ILE A 12 3.25 -5.32 -5.90
CA ILE A 12 3.00 -4.96 -4.53
C ILE A 12 3.98 -3.87 -4.10
N LYS A 13 5.23 -4.08 -4.45
CA LYS A 13 6.29 -3.15 -4.14
C LYS A 13 6.03 -1.79 -4.72
N GLU A 14 5.59 -1.75 -5.97
CA GLU A 14 5.26 -0.48 -6.58
C GLU A 14 4.05 0.13 -5.90
N PHE A 15 3.04 -0.70 -5.57
CA PHE A 15 1.79 -0.24 -4.91
C PHE A 15 2.14 0.53 -3.63
N TYR A 16 2.92 -0.10 -2.79
CA TYR A 16 3.32 0.49 -1.53
C TYR A 16 4.27 1.65 -1.71
N LYS A 17 5.25 1.49 -2.60
CA LYS A 17 6.22 2.50 -2.85
C LYS A 17 5.56 3.74 -3.43
N THR A 18 4.47 3.56 -4.11
CA THR A 18 3.74 4.66 -4.62
C THR A 18 2.90 5.28 -3.49
N VAL A 19 1.97 4.51 -2.91
CA VAL A 19 1.01 5.07 -1.97
C VAL A 19 1.58 5.53 -0.64
N TYR A 20 2.71 4.99 -0.30
CA TYR A 20 3.36 5.37 0.92
C TYR A 20 4.63 6.19 0.68
N ASN A 21 4.70 6.89 -0.44
CA ASN A 21 5.83 7.80 -0.71
C ASN A 21 5.36 9.12 -1.18
N TYR A 22 5.33 10.03 -0.29
CA TYR A 22 4.95 11.40 -0.59
C TYR A 22 5.58 12.28 0.41
N GLU A 23 5.44 13.54 0.24
CA GLU A 23 5.92 14.40 1.22
C GLU A 23 4.88 14.84 2.22
N LYS A 24 3.81 15.43 1.80
CA LYS A 24 2.89 15.96 2.79
C LYS A 24 1.48 15.43 2.55
N SER A 25 1.11 15.28 1.31
CA SER A 25 -0.20 14.83 0.95
C SER A 25 -0.10 13.55 0.14
N GLN A 26 -0.82 12.53 0.55
CA GLN A 26 -0.79 11.25 -0.09
C GLN A 26 -1.42 11.31 -1.52
N LYS A 27 -2.02 12.44 -1.86
CA LYS A 27 -2.59 12.68 -3.18
C LYS A 27 -1.48 12.94 -4.26
N GLU A 28 -0.26 13.24 -3.79
CA GLU A 28 0.91 13.58 -4.66
C GLU A 28 1.33 12.41 -5.58
N ILE A 29 1.13 11.22 -5.07
CA ILE A 29 1.70 9.95 -5.60
C ILE A 29 1.25 9.51 -7.02
N SER A 30 0.44 10.29 -7.73
CA SER A 30 -0.09 9.89 -9.05
C SER A 30 -1.04 8.68 -8.93
N MET A 31 -2.32 8.99 -8.83
CA MET A 31 -3.34 7.97 -8.68
C MET A 31 -3.45 7.08 -9.93
N THR A 32 -3.08 7.61 -11.07
CA THR A 32 -3.19 6.84 -12.29
C THR A 32 -2.21 5.66 -12.26
N THR A 33 -1.05 5.86 -11.66
CA THR A 33 -0.02 4.85 -11.61
C THR A 33 -0.45 3.70 -10.69
N VAL A 34 -1.06 4.02 -9.58
CA VAL A 34 -1.54 3.00 -8.68
C VAL A 34 -2.68 2.17 -9.32
N LYS A 35 -3.47 2.82 -10.16
CA LYS A 35 -4.50 2.17 -10.92
C LYS A 35 -3.92 1.14 -11.93
N GLU A 36 -2.68 1.29 -12.27
CA GLU A 36 -2.03 0.39 -13.18
C GLU A 36 -1.56 -0.85 -12.40
N LEU A 37 -1.27 -0.62 -11.13
CA LEU A 37 -0.77 -1.64 -10.21
C LEU A 37 -1.92 -2.40 -9.57
N ALA A 38 -3.01 -1.74 -9.35
CA ALA A 38 -4.13 -2.32 -8.65
C ALA A 38 -5.40 -2.15 -9.44
N THR A 39 -6.38 -2.98 -9.18
CA THR A 39 -7.66 -2.86 -9.84
C THR A 39 -8.40 -1.66 -9.31
N ASP A 40 -9.37 -1.19 -10.07
CA ASP A 40 -10.19 -0.06 -9.69
C ASP A 40 -10.86 -0.21 -8.35
N ASN A 41 -11.20 -1.45 -7.98
CA ASN A 41 -11.81 -1.73 -6.68
C ASN A 41 -10.88 -1.27 -5.54
N VAL A 42 -9.66 -1.76 -5.55
CA VAL A 42 -8.67 -1.39 -4.53
C VAL A 42 -8.18 0.03 -4.70
N TYR A 43 -8.14 0.46 -5.93
CA TYR A 43 -7.78 1.81 -6.26
C TYR A 43 -8.77 2.81 -5.65
N GLN A 44 -10.06 2.53 -5.79
CA GLN A 44 -11.10 3.45 -5.33
C GLN A 44 -11.14 3.54 -3.81
N GLU A 45 -10.92 2.43 -3.12
CA GLU A 45 -10.87 2.46 -1.67
C GLU A 45 -9.62 3.23 -1.21
N LEU A 46 -8.53 3.03 -1.94
CA LEU A 46 -7.25 3.64 -1.65
C LEU A 46 -7.34 5.14 -1.77
N GLN A 47 -7.89 5.62 -2.88
CA GLN A 47 -8.01 7.05 -3.09
C GLN A 47 -8.93 7.70 -2.09
N ASN A 48 -9.90 6.96 -1.63
CA ASN A 48 -10.82 7.45 -0.63
C ASN A 48 -10.14 7.51 0.72
N GLU A 49 -9.30 6.52 0.99
CA GLU A 49 -8.44 6.47 2.14
C GLU A 49 -7.50 7.67 2.11
N ILE A 50 -6.87 7.85 0.97
CA ILE A 50 -6.00 8.97 0.72
C ILE A 50 -6.76 10.27 0.92
N ASN A 51 -7.96 10.31 0.42
CA ASN A 51 -8.77 11.49 0.48
C ASN A 51 -9.02 11.91 1.90
N VAL A 52 -9.52 10.99 2.71
CA VAL A 52 -9.84 11.27 4.11
C VAL A 52 -8.57 11.54 4.92
N ASN A 53 -7.47 10.93 4.52
CA ASN A 53 -6.23 11.06 5.26
C ASN A 53 -5.56 12.41 4.99
N ASN A 54 -5.80 12.97 3.82
CA ASN A 54 -5.25 14.28 3.47
C ASN A 54 -6.14 15.36 4.04
N SER A 55 -7.40 15.15 3.87
CA SER A 55 -8.38 16.06 4.30
C SER A 55 -9.41 15.34 5.13
N TYR A 56 -9.27 15.46 6.43
CA TYR A 56 -10.18 14.80 7.35
C TYR A 56 -11.43 15.63 7.45
N SER A 57 -11.21 16.90 7.42
CA SER A 57 -12.21 17.90 7.47
C SER A 57 -11.62 19.09 6.75
N PRO A 58 -12.43 20.05 6.27
CA PRO A 58 -11.89 21.23 5.55
C PRO A 58 -11.01 22.10 6.44
N GLN A 59 -11.13 21.90 7.73
CA GLN A 59 -10.38 22.64 8.72
C GLN A 59 -9.30 21.76 9.36
N GLN A 60 -9.10 20.56 8.84
CA GLN A 60 -8.16 19.64 9.45
C GLN A 60 -7.19 19.11 8.44
N ASN A 61 -5.97 19.39 8.70
CA ASN A 61 -4.87 18.93 7.90
C ASN A 61 -3.66 18.96 8.80
N THR A 62 -2.69 18.17 8.50
CA THR A 62 -1.51 18.05 9.28
C THR A 62 -0.44 17.42 8.42
N ILE A 63 0.80 17.68 8.77
CA ILE A 63 1.93 17.17 8.03
C ILE A 63 2.05 15.67 8.27
N GLN A 64 2.21 14.94 7.21
CA GLN A 64 2.33 13.53 7.24
C GLN A 64 3.35 13.16 6.26
N LYS A 65 4.37 12.57 6.73
CA LYS A 65 5.42 12.12 5.88
C LYS A 65 5.42 10.67 5.85
N SER A 66 5.30 10.11 4.70
CA SER A 66 5.37 8.70 4.54
C SER A 66 6.32 8.38 3.45
N SER A 67 7.19 7.46 3.71
CA SER A 67 8.15 6.99 2.76
C SER A 67 8.48 5.53 3.12
N VAL A 68 8.71 4.71 2.11
CA VAL A 68 8.96 3.28 2.31
C VAL A 68 10.01 2.77 1.34
N ASN A 69 10.87 1.89 1.82
CA ASN A 69 11.86 1.26 0.99
C ASN A 69 11.32 -0.03 0.39
N GLU A 70 11.32 -0.09 -0.94
CA GLU A 70 10.84 -1.26 -1.68
C GLU A 70 11.69 -2.51 -1.37
N ASN A 71 12.95 -2.30 -1.04
CA ASN A 71 13.86 -3.41 -0.76
C ASN A 71 13.63 -3.96 0.62
N GLU A 72 12.77 -3.29 1.35
CA GLU A 72 12.47 -3.62 2.70
C GLU A 72 11.06 -4.20 2.83
N ILE A 73 10.39 -4.30 1.70
CA ILE A 73 9.07 -4.84 1.65
C ILE A 73 9.17 -6.35 1.66
N LYS A 74 8.79 -6.92 2.74
CA LYS A 74 8.88 -8.34 2.94
C LYS A 74 7.57 -8.97 2.58
N ILE A 75 7.58 -9.70 1.50
CA ILE A 75 6.41 -10.34 0.99
C ILE A 75 6.47 -11.83 1.23
N LEU A 76 5.48 -12.31 1.91
CA LEU A 76 5.38 -13.70 2.23
C LEU A 76 4.14 -14.25 1.53
N ALA A 77 4.32 -15.25 0.71
CA ALA A 77 3.22 -15.85 0.00
C ALA A 77 2.26 -16.50 0.98
N TYR A 78 1.01 -16.22 0.84
CA TYR A 78 0.01 -16.66 1.77
C TYR A 78 -0.93 -17.60 1.04
N GLU A 79 -1.48 -18.50 1.79
CA GLU A 79 -2.34 -19.53 1.30
C GLU A 79 -3.66 -18.99 0.74
N SER A 80 -3.89 -19.29 -0.50
CA SER A 80 -5.10 -18.88 -1.21
C SER A 80 -5.71 -20.11 -1.88
N LYS A 81 -4.83 -21.01 -2.29
CA LYS A 81 -5.13 -22.29 -2.93
C LYS A 81 -5.72 -22.18 -4.33
N ASP A 82 -6.95 -21.72 -4.44
CA ASP A 82 -7.64 -21.80 -5.73
C ASP A 82 -7.32 -20.67 -6.66
N ASN A 83 -6.41 -20.96 -7.59
CA ASN A 83 -6.04 -20.12 -8.77
C ASN A 83 -5.65 -18.68 -8.45
N SER A 84 -5.49 -18.35 -7.20
CA SER A 84 -5.22 -17.02 -6.83
C SER A 84 -3.96 -16.94 -6.00
N GLN A 85 -3.38 -15.79 -5.96
CA GLN A 85 -2.16 -15.55 -5.27
C GLN A 85 -2.40 -14.53 -4.17
N GLN A 86 -2.27 -14.96 -2.96
CA GLN A 86 -2.47 -14.15 -1.82
C GLN A 86 -1.10 -13.93 -1.20
N TYR A 87 -0.79 -12.72 -0.89
CA TYR A 87 0.50 -12.36 -0.39
C TYR A 87 0.37 -11.51 0.85
N LEU A 88 1.19 -11.80 1.79
CA LEU A 88 1.24 -11.07 3.00
C LEU A 88 2.34 -10.08 2.83
N VAL A 89 2.08 -8.87 3.11
CA VAL A 89 3.03 -7.84 2.87
C VAL A 89 3.37 -7.12 4.15
N THR A 90 4.59 -7.23 4.53
CA THR A 90 5.09 -6.57 5.69
C THR A 90 6.10 -5.50 5.25
N ALA A 91 5.78 -4.24 5.48
CA ALA A 91 6.63 -3.16 5.02
C ALA A 91 6.72 -2.03 6.02
N PRO A 92 7.94 -1.54 6.28
CA PRO A 92 8.15 -0.42 7.19
C PRO A 92 7.77 0.90 6.54
N ILE A 93 7.05 1.70 7.26
CA ILE A 93 6.66 2.98 6.75
C ILE A 93 7.28 4.03 7.63
N HIS A 94 8.13 4.84 7.05
CA HIS A 94 8.78 5.90 7.77
C HIS A 94 7.88 7.09 7.78
N GLN A 95 7.22 7.30 8.89
CA GLN A 95 6.28 8.37 8.97
C GLN A 95 6.66 9.43 9.93
N VAL A 96 6.06 10.57 9.74
CA VAL A 96 6.10 11.64 10.66
C VAL A 96 4.72 12.22 10.68
N PHE A 97 4.25 12.55 11.82
CA PHE A 97 2.98 13.10 11.98
C PHE A 97 3.14 14.43 12.65
N ASN A 98 2.95 15.47 11.87
CA ASN A 98 3.09 16.87 12.28
C ASN A 98 4.51 17.10 12.82
N GLY A 99 5.46 16.43 12.18
CA GLY A 99 6.87 16.55 12.55
C GLY A 99 7.33 15.43 13.45
N THR A 100 6.39 14.81 14.09
CA THR A 100 6.64 13.78 15.05
C THR A 100 6.83 12.47 14.39
N LYS A 101 7.91 11.88 14.71
CA LYS A 101 8.34 10.72 14.13
C LYS A 101 7.55 9.53 14.58
N ASN A 102 7.27 8.67 13.64
CA ASN A 102 6.62 7.44 13.89
C ASN A 102 7.03 6.47 12.79
N ASP A 103 7.85 5.55 13.14
CA ASP A 103 8.38 4.59 12.21
C ASP A 103 7.93 3.23 12.64
N PHE A 104 7.23 2.55 11.79
CA PHE A 104 6.61 1.29 12.14
C PHE A 104 6.53 0.41 10.93
N GLU A 105 6.16 -0.82 11.12
CA GLU A 105 6.04 -1.75 10.03
C GLU A 105 4.62 -2.25 9.95
N ILE A 106 4.07 -2.18 8.77
CA ILE A 106 2.69 -2.55 8.55
C ILE A 106 2.60 -3.94 8.01
N ASN A 107 1.45 -4.53 8.17
CA ASN A 107 1.16 -5.84 7.70
C ASN A 107 -0.16 -5.81 7.02
N GLN A 108 -0.16 -6.03 5.77
CA GLN A 108 -1.38 -6.05 5.00
C GLN A 108 -1.35 -7.23 4.09
N LEU A 109 -2.47 -7.81 3.86
CA LEU A 109 -2.56 -8.89 2.94
C LEU A 109 -3.07 -8.38 1.60
N ILE A 110 -2.43 -8.80 0.55
CA ILE A 110 -2.77 -8.40 -0.81
C ILE A 110 -2.99 -9.63 -1.67
N GLN A 111 -4.02 -9.61 -2.47
CA GLN A 111 -4.22 -10.65 -3.42
C GLN A 111 -3.83 -10.13 -4.78
N ILE A 112 -3.01 -10.87 -5.45
CA ILE A 112 -2.51 -10.52 -6.75
C ILE A 112 -3.22 -11.36 -7.80
N LYS A 113 -3.68 -10.69 -8.81
CA LYS A 113 -4.38 -11.29 -9.90
C LYS A 113 -4.29 -10.34 -11.06
N ASN A 114 -4.04 -10.87 -12.24
CA ASN A 114 -3.97 -10.06 -13.49
C ASN A 114 -2.88 -9.01 -13.47
N GLN A 115 -1.73 -9.33 -12.86
CA GLN A 115 -0.59 -8.40 -12.80
C GLN A 115 -0.94 -7.19 -12.02
N LYS A 116 -1.90 -7.35 -11.14
CA LYS A 116 -2.38 -6.26 -10.38
C LYS A 116 -2.77 -6.74 -9.01
N ILE A 117 -2.97 -5.80 -8.14
CA ILE A 117 -3.56 -6.08 -6.86
C ILE A 117 -5.04 -6.07 -7.08
N THR A 118 -5.68 -7.09 -6.69
CA THR A 118 -7.07 -7.18 -6.91
C THR A 118 -7.84 -6.98 -5.59
N GLN A 119 -7.11 -7.08 -4.48
CA GLN A 119 -7.69 -6.91 -3.16
C GLN A 119 -6.57 -6.71 -2.15
N ARG A 120 -6.70 -5.72 -1.29
CA ARG A 120 -5.76 -5.51 -0.24
C ARG A 120 -6.53 -5.40 1.05
N THR A 121 -5.98 -5.86 2.12
CA THR A 121 -6.61 -5.73 3.40
C THR A 121 -5.56 -5.62 4.46
N THR A 122 -5.55 -4.52 5.15
CA THR A 122 -4.65 -4.29 6.23
C THR A 122 -5.03 -5.24 7.37
N ILE A 123 -4.06 -5.89 7.94
CA ILE A 123 -4.29 -6.86 8.97
C ILE A 123 -3.48 -6.49 10.20
N GLN A 124 -3.80 -7.08 11.30
CA GLN A 124 -3.07 -6.86 12.50
C GLN A 124 -2.55 -8.19 12.97
N LEU A 125 -1.41 -8.16 13.61
CA LEU A 125 -0.90 -9.35 14.19
C LEU A 125 -1.51 -9.50 15.54
N GLY A 126 -2.64 -10.04 15.51
CA GLY A 126 -3.42 -10.24 16.67
C GLY A 126 -4.60 -11.12 16.36
N GLU A 127 -5.15 -10.95 15.18
CA GLU A 127 -6.22 -11.81 14.69
C GLU A 127 -5.63 -13.17 14.35
N GLU A 128 -4.44 -13.12 13.80
CA GLU A 128 -3.69 -14.26 13.40
C GLU A 128 -2.25 -13.80 13.57
N SER A 1 4.25 -10.27 -17.05
CA SER A 1 3.87 -11.17 -18.12
C SER A 1 2.42 -11.59 -17.91
N ASN A 2 2.17 -12.41 -16.91
CA ASN A 2 0.82 -12.80 -16.52
C ASN A 2 0.82 -12.64 -15.04
N THR A 3 1.71 -13.42 -14.42
CA THR A 3 2.14 -13.30 -13.05
C THR A 3 3.13 -14.34 -12.67
N ASN A 4 3.94 -13.97 -11.74
CA ASN A 4 4.91 -14.82 -11.13
C ASN A 4 5.20 -14.21 -9.80
N GLN A 5 5.83 -14.94 -8.91
CA GLN A 5 6.13 -14.49 -7.57
C GLN A 5 6.83 -13.13 -7.55
N SER A 6 7.85 -13.00 -8.37
CA SER A 6 8.64 -11.78 -8.44
C SER A 6 7.83 -10.62 -9.01
N GLU A 7 7.10 -10.88 -10.11
CA GLU A 7 6.26 -9.86 -10.71
C GLU A 7 5.24 -9.39 -9.70
N SER A 8 4.65 -10.33 -9.01
CA SER A 8 3.66 -10.08 -8.00
C SER A 8 4.25 -9.22 -6.90
N GLU A 9 5.46 -9.60 -6.44
CA GLU A 9 6.14 -8.85 -5.42
C GLU A 9 6.34 -7.45 -5.83
N LYS A 10 6.87 -7.28 -7.01
CA LYS A 10 7.22 -6.00 -7.48
C LYS A 10 6.00 -5.12 -7.62
N ILE A 11 4.86 -5.70 -8.00
CA ILE A 11 3.61 -4.92 -8.17
C ILE A 11 3.17 -4.41 -6.81
N ILE A 12 3.29 -5.27 -5.81
CA ILE A 12 2.99 -4.91 -4.44
C ILE A 12 3.98 -3.84 -3.98
N LYS A 13 5.23 -4.06 -4.32
CA LYS A 13 6.29 -3.14 -3.99
C LYS A 13 6.11 -1.80 -4.66
N GLU A 14 5.64 -1.80 -5.92
CA GLU A 14 5.38 -0.56 -6.62
C GLU A 14 4.21 0.12 -5.92
N PHE A 15 3.17 -0.66 -5.61
CA PHE A 15 1.94 -0.18 -4.96
C PHE A 15 2.25 0.54 -3.68
N TYR A 16 2.96 -0.14 -2.79
CA TYR A 16 3.31 0.42 -1.49
C TYR A 16 4.23 1.59 -1.63
N LYS A 17 5.21 1.47 -2.51
CA LYS A 17 6.17 2.51 -2.75
C LYS A 17 5.49 3.74 -3.33
N THR A 18 4.44 3.53 -4.05
CA THR A 18 3.73 4.64 -4.62
C THR A 18 2.87 5.27 -3.52
N VAL A 19 1.96 4.49 -2.96
CA VAL A 19 0.96 5.02 -2.04
C VAL A 19 1.51 5.53 -0.71
N TYR A 20 2.65 5.04 -0.33
CA TYR A 20 3.26 5.46 0.91
C TYR A 20 4.59 6.19 0.70
N ASN A 21 4.75 6.87 -0.42
CA ASN A 21 5.93 7.73 -0.64
C ASN A 21 5.53 9.07 -1.15
N TYR A 22 5.49 10.00 -0.29
CA TYR A 22 5.12 11.36 -0.64
C TYR A 22 5.70 12.31 0.34
N GLU A 23 5.65 13.57 0.03
CA GLU A 23 6.18 14.52 0.93
C GLU A 23 5.14 15.12 1.86
N LYS A 24 4.00 15.54 1.35
CA LYS A 24 3.05 16.19 2.24
C LYS A 24 1.65 15.58 2.11
N SER A 25 1.31 15.16 0.92
CA SER A 25 -0.02 14.61 0.66
C SER A 25 0.02 13.41 -0.31
N GLN A 26 -0.72 12.35 0.04
CA GLN A 26 -0.80 11.13 -0.80
C GLN A 26 -1.29 11.36 -2.25
N LYS A 27 -1.73 12.53 -2.59
CA LYS A 27 -2.20 12.80 -3.95
C LYS A 27 -1.07 13.11 -4.92
N GLU A 28 0.14 13.29 -4.38
CA GLU A 28 1.36 13.59 -5.19
C GLU A 28 1.79 12.38 -6.02
N ILE A 29 1.44 11.21 -5.52
CA ILE A 29 1.97 9.93 -6.01
C ILE A 29 1.38 9.47 -7.35
N SER A 30 0.55 10.30 -7.98
CA SER A 30 -0.11 9.95 -9.24
C SER A 30 -1.09 8.78 -9.05
N MET A 31 -2.33 9.13 -8.78
CA MET A 31 -3.41 8.16 -8.53
C MET A 31 -3.71 7.25 -9.73
N THR A 32 -3.17 7.56 -10.87
CA THR A 32 -3.35 6.72 -12.03
C THR A 32 -2.45 5.48 -11.91
N THR A 33 -1.28 5.65 -11.32
CA THR A 33 -0.31 4.58 -11.24
C THR A 33 -0.79 3.48 -10.31
N VAL A 34 -1.41 3.86 -9.22
CA VAL A 34 -2.00 2.89 -8.32
C VAL A 34 -3.13 2.10 -9.01
N LYS A 35 -3.84 2.75 -9.92
CA LYS A 35 -4.85 2.14 -10.71
C LYS A 35 -4.27 1.12 -11.72
N GLU A 36 -3.03 1.28 -12.05
CA GLU A 36 -2.37 0.39 -12.97
C GLU A 36 -1.87 -0.83 -12.18
N LEU A 37 -1.43 -0.57 -10.97
CA LEU A 37 -0.89 -1.59 -10.05
C LEU A 37 -2.00 -2.35 -9.34
N ALA A 38 -3.16 -1.75 -9.19
CA ALA A 38 -4.27 -2.38 -8.50
C ALA A 38 -5.57 -2.21 -9.26
N THR A 39 -6.59 -2.97 -8.91
CA THR A 39 -7.89 -2.84 -9.54
C THR A 39 -8.58 -1.62 -9.00
N ASP A 40 -9.58 -1.17 -9.70
CA ASP A 40 -10.40 -0.03 -9.27
C ASP A 40 -11.02 -0.21 -7.92
N ASN A 41 -11.32 -1.44 -7.55
CA ASN A 41 -11.89 -1.74 -6.23
C ASN A 41 -10.90 -1.31 -5.13
N VAL A 42 -9.69 -1.82 -5.23
CA VAL A 42 -8.65 -1.54 -4.25
C VAL A 42 -8.10 -0.11 -4.41
N TYR A 43 -8.12 0.35 -5.62
CA TYR A 43 -7.75 1.72 -5.94
C TYR A 43 -8.70 2.73 -5.28
N GLN A 44 -10.00 2.46 -5.31
CA GLN A 44 -10.98 3.40 -4.77
C GLN A 44 -10.91 3.46 -3.24
N GLU A 45 -10.63 2.35 -2.60
CA GLU A 45 -10.49 2.35 -1.15
C GLU A 45 -9.22 3.11 -0.76
N LEU A 46 -8.20 2.94 -1.59
CA LEU A 46 -6.91 3.56 -1.42
C LEU A 46 -7.03 5.07 -1.56
N GLN A 47 -7.67 5.53 -2.61
CA GLN A 47 -7.80 6.97 -2.80
C GLN A 47 -8.61 7.60 -1.68
N ASN A 48 -9.46 6.81 -1.06
CA ASN A 48 -10.25 7.26 0.04
C ASN A 48 -9.46 7.40 1.32
N GLU A 49 -8.52 6.48 1.56
CA GLU A 49 -7.66 6.61 2.73
C GLU A 49 -6.74 7.82 2.50
N ILE A 50 -6.38 8.01 1.24
CA ILE A 50 -5.63 9.18 0.78
C ILE A 50 -6.40 10.46 1.07
N ASN A 51 -7.68 10.45 0.73
CA ASN A 51 -8.56 11.60 0.90
C ASN A 51 -8.55 12.12 2.33
N VAL A 52 -8.82 11.24 3.29
CA VAL A 52 -8.90 11.63 4.70
C VAL A 52 -7.52 12.02 5.25
N ASN A 53 -6.50 11.46 4.65
CA ASN A 53 -5.12 11.75 5.01
C ASN A 53 -4.76 13.16 4.60
N ASN A 54 -5.20 13.55 3.41
CA ASN A 54 -4.88 14.85 2.87
C ASN A 54 -5.69 15.95 3.52
N SER A 55 -6.95 15.69 3.70
CA SER A 55 -7.83 16.66 4.28
C SER A 55 -8.75 16.02 5.28
N TYR A 56 -8.63 16.42 6.53
CA TYR A 56 -9.48 15.90 7.57
C TYR A 56 -10.74 16.74 7.62
N SER A 57 -10.54 18.03 7.54
CA SER A 57 -11.58 19.01 7.57
C SER A 57 -10.96 20.32 7.13
N PRO A 58 -11.76 21.35 6.77
CA PRO A 58 -11.20 22.67 6.33
C PRO A 58 -10.55 23.43 7.47
N GLN A 59 -10.65 22.89 8.65
CA GLN A 59 -10.09 23.49 9.83
C GLN A 59 -8.93 22.66 10.40
N GLN A 60 -8.49 21.65 9.65
CA GLN A 60 -7.40 20.82 10.13
C GLN A 60 -6.64 20.20 8.99
N ASN A 61 -5.38 20.48 8.98
CA ASN A 61 -4.47 19.96 8.02
C ASN A 61 -3.11 20.03 8.66
N THR A 62 -2.24 19.14 8.30
CA THR A 62 -0.95 19.07 8.91
C THR A 62 0.00 18.34 7.96
N ILE A 63 1.28 18.48 8.22
CA ILE A 63 2.30 17.90 7.38
C ILE A 63 2.44 16.43 7.69
N GLN A 64 2.33 15.64 6.68
CA GLN A 64 2.45 14.22 6.78
C GLN A 64 3.37 13.74 5.71
N LYS A 65 4.44 13.14 6.08
CA LYS A 65 5.33 12.60 5.10
C LYS A 65 5.40 11.14 5.33
N SER A 66 5.35 10.40 4.28
CA SER A 66 5.43 8.97 4.38
C SER A 66 6.37 8.47 3.35
N SER A 67 7.09 7.46 3.69
CA SER A 67 8.07 6.87 2.83
C SER A 67 8.26 5.40 3.21
N VAL A 68 8.54 4.58 2.24
CA VAL A 68 8.74 3.16 2.45
C VAL A 68 9.78 2.63 1.47
N ASN A 69 10.70 1.85 1.99
CA ASN A 69 11.73 1.22 1.19
C ASN A 69 11.18 -0.04 0.57
N GLU A 70 11.12 -0.05 -0.75
CA GLU A 70 10.63 -1.20 -1.50
C GLU A 70 11.48 -2.45 -1.27
N ASN A 71 12.74 -2.25 -0.90
CA ASN A 71 13.64 -3.37 -0.63
C ASN A 71 13.39 -3.95 0.75
N GLU A 72 12.57 -3.27 1.53
CA GLU A 72 12.28 -3.69 2.90
C GLU A 72 10.83 -4.17 2.96
N ILE A 73 10.23 -4.32 1.81
CA ILE A 73 8.90 -4.85 1.74
C ILE A 73 8.98 -6.34 1.72
N LYS A 74 8.68 -6.90 2.83
CA LYS A 74 8.79 -8.30 3.05
C LYS A 74 7.47 -8.98 2.70
N ILE A 75 7.50 -9.71 1.63
CA ILE A 75 6.35 -10.39 1.12
C ILE A 75 6.47 -11.89 1.35
N LEU A 76 5.42 -12.47 1.82
CA LEU A 76 5.37 -13.86 2.06
C LEU A 76 4.25 -14.45 1.21
N ALA A 77 4.61 -15.28 0.25
CA ALA A 77 3.64 -15.92 -0.62
C ALA A 77 2.74 -16.80 0.21
N TYR A 78 1.46 -16.61 0.10
CA TYR A 78 0.53 -17.31 0.93
C TYR A 78 -0.33 -18.23 0.10
N GLU A 79 -0.55 -19.37 0.64
CA GLU A 79 -1.29 -20.42 0.04
C GLU A 79 -2.73 -20.07 -0.20
N SER A 80 -3.16 -20.38 -1.39
CA SER A 80 -4.49 -20.15 -1.86
C SER A 80 -4.97 -21.38 -2.61
N LYS A 81 -4.24 -21.70 -3.69
CA LYS A 81 -4.46 -22.84 -4.56
C LYS A 81 -5.78 -22.75 -5.32
N ASP A 82 -6.36 -21.60 -5.31
CA ASP A 82 -7.65 -21.31 -5.97
C ASP A 82 -7.40 -20.71 -7.35
N ASN A 83 -6.13 -20.77 -7.77
CA ASN A 83 -5.61 -20.17 -9.01
C ASN A 83 -5.46 -18.65 -8.90
N SER A 84 -5.54 -18.16 -7.69
CA SER A 84 -5.22 -16.79 -7.44
C SER A 84 -3.96 -16.77 -6.61
N GLN A 85 -3.35 -15.64 -6.51
CA GLN A 85 -2.09 -15.55 -5.82
C GLN A 85 -2.22 -14.54 -4.72
N GLN A 86 -2.13 -14.99 -3.50
CA GLN A 86 -2.23 -14.08 -2.40
C GLN A 86 -0.92 -13.99 -1.67
N TYR A 87 -0.55 -12.81 -1.37
CA TYR A 87 0.72 -12.51 -0.80
C TYR A 87 0.56 -11.71 0.45
N LEU A 88 1.21 -12.13 1.48
CA LEU A 88 1.16 -11.45 2.73
C LEU A 88 2.24 -10.41 2.68
N VAL A 89 1.92 -9.21 3.04
CA VAL A 89 2.84 -8.14 2.90
C VAL A 89 3.10 -7.47 4.24
N THR A 90 4.33 -7.34 4.58
CA THR A 90 4.75 -6.66 5.77
C THR A 90 5.78 -5.58 5.36
N ALA A 91 5.44 -4.33 5.59
CA ALA A 91 6.32 -3.25 5.17
C ALA A 91 6.32 -2.10 6.18
N PRO A 92 7.52 -1.60 6.50
CA PRO A 92 7.68 -0.47 7.41
C PRO A 92 7.37 0.85 6.71
N ILE A 93 6.61 1.68 7.36
CA ILE A 93 6.25 2.95 6.82
C ILE A 93 6.83 4.01 7.73
N HIS A 94 7.67 4.84 7.18
CA HIS A 94 8.28 5.89 7.95
C HIS A 94 7.49 7.15 7.74
N GLN A 95 6.76 7.54 8.76
CA GLN A 95 5.92 8.69 8.68
C GLN A 95 6.40 9.79 9.56
N VAL A 96 6.14 11.00 9.15
CA VAL A 96 6.50 12.15 9.91
C VAL A 96 5.30 13.05 9.93
N PHE A 97 4.87 13.36 11.09
CA PHE A 97 3.68 14.06 11.31
C PHE A 97 4.03 15.36 11.95
N ASN A 98 3.93 16.41 11.17
CA ASN A 98 4.24 17.79 11.56
C ASN A 98 5.66 17.88 12.16
N GLY A 99 6.57 17.08 11.61
CA GLY A 99 7.96 17.11 12.07
C GLY A 99 8.28 16.02 13.07
N THR A 100 7.30 15.26 13.41
CA THR A 100 7.42 14.22 14.41
C THR A 100 7.33 12.86 13.76
N LYS A 101 8.19 12.00 14.13
CA LYS A 101 8.26 10.73 13.51
C LYS A 101 7.37 9.71 14.09
N ASN A 102 6.81 8.95 13.23
CA ASN A 102 6.04 7.81 13.54
C ASN A 102 6.48 6.72 12.59
N ASP A 103 7.22 5.81 13.11
CA ASP A 103 7.82 4.76 12.33
C ASP A 103 7.20 3.46 12.75
N PHE A 104 6.53 2.80 11.85
CA PHE A 104 5.79 1.59 12.18
C PHE A 104 5.81 0.65 10.99
N GLU A 105 5.28 -0.52 11.17
CA GLU A 105 5.22 -1.48 10.12
C GLU A 105 3.80 -1.96 9.98
N ILE A 106 3.35 -2.13 8.75
CA ILE A 106 1.99 -2.54 8.52
C ILE A 106 1.92 -3.98 8.07
N ASN A 107 0.81 -4.58 8.29
CA ASN A 107 0.60 -5.95 7.90
C ASN A 107 -0.65 -6.00 7.05
N GLN A 108 -0.51 -6.34 5.80
CA GLN A 108 -1.68 -6.48 4.96
C GLN A 108 -1.53 -7.66 4.04
N LEU A 109 -2.63 -8.25 3.69
CA LEU A 109 -2.63 -9.34 2.75
C LEU A 109 -3.09 -8.76 1.41
N ILE A 110 -2.42 -9.10 0.36
CA ILE A 110 -2.75 -8.62 -0.97
C ILE A 110 -2.88 -9.78 -1.93
N GLN A 111 -3.96 -9.82 -2.65
CA GLN A 111 -4.12 -10.79 -3.70
C GLN A 111 -3.72 -10.17 -5.03
N ILE A 112 -2.87 -10.86 -5.73
CA ILE A 112 -2.38 -10.46 -7.03
C ILE A 112 -3.08 -11.29 -8.10
N LYS A 113 -3.59 -10.62 -9.07
CA LYS A 113 -4.24 -11.22 -10.17
C LYS A 113 -4.10 -10.29 -11.35
N ASN A 114 -3.69 -10.83 -12.48
CA ASN A 114 -3.64 -10.09 -13.76
C ASN A 114 -2.70 -8.90 -13.67
N GLN A 115 -1.53 -9.14 -13.08
CA GLN A 115 -0.46 -8.15 -12.95
C GLN A 115 -0.86 -7.00 -12.06
N LYS A 116 -1.85 -7.20 -11.25
CA LYS A 116 -2.24 -6.15 -10.36
C LYS A 116 -2.82 -6.69 -9.07
N ILE A 117 -2.92 -5.83 -8.09
CA ILE A 117 -3.56 -6.15 -6.85
C ILE A 117 -5.04 -6.11 -7.09
N THR A 118 -5.70 -7.13 -6.73
CA THR A 118 -7.11 -7.21 -6.93
C THR A 118 -7.82 -7.11 -5.58
N GLN A 119 -7.08 -7.32 -4.51
CA GLN A 119 -7.64 -7.29 -3.18
C GLN A 119 -6.55 -6.97 -2.18
N ARG A 120 -6.85 -6.07 -1.26
CA ARG A 120 -5.97 -5.76 -0.20
C ARG A 120 -6.78 -5.79 1.08
N THR A 121 -6.27 -6.39 2.08
CA THR A 121 -6.90 -6.39 3.35
C THR A 121 -5.88 -6.32 4.45
N THR A 122 -5.96 -5.26 5.22
CA THR A 122 -5.10 -5.07 6.35
C THR A 122 -5.41 -6.14 7.40
N ILE A 123 -4.36 -6.70 7.93
CA ILE A 123 -4.47 -7.74 8.91
C ILE A 123 -3.58 -7.41 10.10
N GLN A 124 -3.70 -8.19 11.13
CA GLN A 124 -2.90 -8.04 12.31
C GLN A 124 -2.24 -9.39 12.51
N LEU A 125 -1.01 -9.42 12.99
CA LEU A 125 -0.29 -10.68 13.10
C LEU A 125 -0.71 -11.43 14.34
N GLY A 126 -0.83 -10.73 15.41
CA GLY A 126 -1.33 -11.28 16.64
C GLY A 126 -2.25 -10.31 17.25
N GLU A 127 -1.78 -9.65 18.28
CA GLU A 127 -2.47 -8.56 18.89
C GLU A 127 -1.51 -7.38 18.71
N GLU A 128 -0.73 -7.55 17.67
CA GLU A 128 0.36 -6.75 17.28
C GLU A 128 0.50 -7.02 15.80
N SER A 1 4.91 -10.64 -17.11
CA SER A 1 3.84 -10.39 -18.03
C SER A 1 2.69 -11.40 -17.83
N ASN A 2 2.63 -11.97 -16.64
CA ASN A 2 1.62 -12.96 -16.29
C ASN A 2 1.47 -12.98 -14.78
N THR A 3 2.38 -13.68 -14.11
CA THR A 3 2.53 -13.74 -12.68
C THR A 3 3.65 -14.64 -12.28
N ASN A 4 4.11 -14.41 -11.07
CA ASN A 4 5.21 -15.09 -10.43
C ASN A 4 5.39 -14.39 -9.13
N GLN A 5 6.05 -15.01 -8.19
CA GLN A 5 6.29 -14.42 -6.89
C GLN A 5 6.90 -13.04 -7.00
N SER A 6 7.98 -12.96 -7.72
CA SER A 6 8.68 -11.71 -7.93
C SER A 6 7.90 -10.72 -8.83
N GLU A 7 7.07 -11.25 -9.71
CA GLU A 7 6.16 -10.42 -10.50
C GLU A 7 5.15 -9.80 -9.58
N SER A 8 4.59 -10.60 -8.73
CA SER A 8 3.69 -10.16 -7.73
C SER A 8 4.36 -9.15 -6.78
N GLU A 9 5.64 -9.43 -6.44
CA GLU A 9 6.41 -8.58 -5.55
C GLU A 9 6.46 -7.19 -6.08
N LYS A 10 6.91 -7.08 -7.31
CA LYS A 10 7.16 -5.80 -7.93
C LYS A 10 5.89 -4.93 -7.94
N ILE A 11 4.75 -5.57 -8.10
CA ILE A 11 3.46 -4.88 -8.15
C ILE A 11 3.14 -4.34 -6.77
N ILE A 12 3.31 -5.20 -5.77
CA ILE A 12 3.08 -4.84 -4.38
C ILE A 12 4.05 -3.74 -3.99
N LYS A 13 5.29 -3.92 -4.39
CA LYS A 13 6.34 -2.96 -4.13
C LYS A 13 6.00 -1.62 -4.70
N GLU A 14 5.56 -1.57 -5.95
CA GLU A 14 5.20 -0.32 -6.56
C GLU A 14 3.97 0.26 -5.86
N PHE A 15 2.99 -0.60 -5.53
CA PHE A 15 1.75 -0.16 -4.86
C PHE A 15 2.10 0.56 -3.57
N TYR A 16 2.88 -0.12 -2.75
CA TYR A 16 3.29 0.43 -1.47
C TYR A 16 4.21 1.60 -1.62
N LYS A 17 5.19 1.49 -2.50
CA LYS A 17 6.12 2.55 -2.73
C LYS A 17 5.44 3.78 -3.31
N THR A 18 4.39 3.60 -4.01
CA THR A 18 3.66 4.73 -4.52
C THR A 18 2.79 5.33 -3.41
N VAL A 19 1.91 4.51 -2.85
CA VAL A 19 0.93 5.02 -1.90
C VAL A 19 1.51 5.50 -0.57
N TYR A 20 2.65 4.99 -0.23
CA TYR A 20 3.29 5.37 1.00
C TYR A 20 4.58 6.16 0.78
N ASN A 21 4.74 6.78 -0.37
CA ASN A 21 5.91 7.64 -0.58
C ASN A 21 5.53 8.96 -1.09
N TYR A 22 5.49 9.88 -0.22
CA TYR A 22 5.19 11.23 -0.57
C TYR A 22 5.78 12.16 0.41
N GLU A 23 5.57 13.38 0.16
CA GLU A 23 6.04 14.38 0.98
C GLU A 23 5.06 14.91 1.96
N LYS A 24 3.98 15.42 1.50
CA LYS A 24 3.13 16.14 2.40
C LYS A 24 1.68 15.70 2.29
N SER A 25 1.29 15.30 1.10
CA SER A 25 -0.06 14.86 0.86
C SER A 25 -0.07 13.70 -0.17
N GLN A 26 -0.71 12.57 0.20
CA GLN A 26 -0.79 11.37 -0.69
C GLN A 26 -1.26 11.66 -2.15
N LYS A 27 -1.97 12.75 -2.38
CA LYS A 27 -2.44 13.09 -3.74
C LYS A 27 -1.30 13.48 -4.72
N GLU A 28 -0.07 13.50 -4.22
CA GLU A 28 1.16 13.77 -5.01
C GLU A 28 1.53 12.55 -5.90
N ILE A 29 1.24 11.37 -5.39
CA ILE A 29 1.78 10.08 -5.90
C ILE A 29 1.20 9.57 -7.26
N SER A 30 0.29 10.32 -7.89
CA SER A 30 -0.34 9.87 -9.15
C SER A 30 -1.31 8.69 -8.95
N MET A 31 -2.58 9.01 -8.87
CA MET A 31 -3.63 8.01 -8.72
C MET A 31 -3.76 7.11 -9.94
N THR A 32 -3.36 7.59 -11.10
CA THR A 32 -3.49 6.79 -12.29
C THR A 32 -2.50 5.62 -12.24
N THR A 33 -1.33 5.85 -11.67
CA THR A 33 -0.30 4.84 -11.60
C THR A 33 -0.70 3.72 -10.63
N VAL A 34 -1.28 4.08 -9.52
CA VAL A 34 -1.75 3.09 -8.57
C VAL A 34 -2.88 2.23 -9.18
N LYS A 35 -3.69 2.83 -10.04
CA LYS A 35 -4.73 2.14 -10.75
C LYS A 35 -4.19 1.07 -11.73
N GLU A 36 -2.94 1.17 -12.07
CA GLU A 36 -2.33 0.22 -12.96
C GLU A 36 -1.77 -0.94 -12.12
N LEU A 37 -1.43 -0.62 -10.89
CA LEU A 37 -0.86 -1.55 -9.93
C LEU A 37 -1.95 -2.25 -9.13
N ALA A 38 -3.13 -1.70 -9.16
CA ALA A 38 -4.25 -2.29 -8.45
C ALA A 38 -5.54 -2.04 -9.18
N THR A 39 -6.50 -2.92 -8.98
CA THR A 39 -7.77 -2.80 -9.64
C THR A 39 -8.57 -1.67 -9.03
N ASP A 40 -9.54 -1.19 -9.77
CA ASP A 40 -10.41 -0.10 -9.33
C ASP A 40 -11.04 -0.29 -7.97
N ASN A 41 -11.29 -1.53 -7.58
CA ASN A 41 -11.85 -1.81 -6.24
C ASN A 41 -10.85 -1.35 -5.15
N VAL A 42 -9.64 -1.86 -5.24
CA VAL A 42 -8.59 -1.53 -4.26
C VAL A 42 -8.07 -0.12 -4.46
N TYR A 43 -8.10 0.33 -5.68
CA TYR A 43 -7.74 1.67 -6.04
C TYR A 43 -8.67 2.70 -5.37
N GLN A 44 -9.97 2.44 -5.41
CA GLN A 44 -10.93 3.41 -4.89
C GLN A 44 -10.88 3.52 -3.37
N GLU A 45 -10.62 2.41 -2.70
CA GLU A 45 -10.49 2.43 -1.25
C GLU A 45 -9.22 3.20 -0.87
N LEU A 46 -8.20 3.04 -1.69
CA LEU A 46 -6.93 3.67 -1.53
C LEU A 46 -7.04 5.18 -1.74
N GLN A 47 -7.65 5.59 -2.82
CA GLN A 47 -7.75 7.03 -3.08
C GLN A 47 -8.59 7.73 -2.03
N ASN A 48 -9.46 6.98 -1.40
CA ASN A 48 -10.30 7.49 -0.34
C ASN A 48 -9.52 7.74 0.93
N GLU A 49 -8.60 6.82 1.28
CA GLU A 49 -7.77 7.01 2.46
C GLU A 49 -6.85 8.21 2.21
N ILE A 50 -6.43 8.32 0.96
CA ILE A 50 -5.61 9.39 0.48
C ILE A 50 -6.32 10.74 0.62
N ASN A 51 -7.56 10.79 0.23
CA ASN A 51 -8.29 12.04 0.23
C ASN A 51 -8.44 12.59 1.64
N VAL A 52 -8.83 11.73 2.56
CA VAL A 52 -9.04 12.14 3.97
C VAL A 52 -7.71 12.51 4.64
N ASN A 53 -6.65 11.87 4.19
CA ASN A 53 -5.29 12.15 4.66
C ASN A 53 -4.88 13.57 4.30
N ASN A 54 -5.19 13.94 3.08
CA ASN A 54 -4.80 15.22 2.53
C ASN A 54 -5.73 16.32 2.95
N SER A 55 -6.98 16.04 2.85
CA SER A 55 -7.97 17.02 3.08
C SER A 55 -8.95 16.55 4.13
N TYR A 56 -8.75 17.01 5.35
CA TYR A 56 -9.66 16.69 6.43
C TYR A 56 -10.85 17.63 6.31
N SER A 57 -10.50 18.85 6.03
CA SER A 57 -11.41 19.94 5.86
C SER A 57 -10.60 21.04 5.19
N PRO A 58 -11.22 22.06 4.58
CA PRO A 58 -10.47 23.14 3.89
C PRO A 58 -9.62 23.98 4.85
N GLN A 59 -9.87 23.82 6.12
CA GLN A 59 -9.17 24.58 7.13
C GLN A 59 -8.12 23.73 7.86
N GLN A 60 -7.98 22.47 7.49
CA GLN A 60 -7.05 21.61 8.21
C GLN A 60 -6.23 20.79 7.26
N ASN A 61 -4.95 20.88 7.47
CA ASN A 61 -3.97 20.12 6.76
C ASN A 61 -2.72 20.22 7.59
N THR A 62 -1.80 19.34 7.42
CA THR A 62 -0.61 19.29 8.19
C THR A 62 0.41 18.47 7.43
N ILE A 63 1.65 18.61 7.81
CA ILE A 63 2.73 17.92 7.15
C ILE A 63 2.68 16.46 7.52
N GLN A 64 2.60 15.64 6.53
CA GLN A 64 2.50 14.22 6.69
C GLN A 64 3.47 13.61 5.74
N LYS A 65 4.46 13.02 6.27
CA LYS A 65 5.50 12.43 5.49
C LYS A 65 5.41 10.98 5.60
N SER A 66 5.42 10.33 4.49
CA SER A 66 5.44 8.89 4.48
C SER A 66 6.40 8.42 3.44
N SER A 67 7.13 7.41 3.76
CA SER A 67 8.10 6.83 2.87
C SER A 67 8.32 5.37 3.24
N VAL A 68 8.55 4.55 2.25
CA VAL A 68 8.78 3.13 2.44
C VAL A 68 9.81 2.61 1.43
N ASN A 69 10.74 1.79 1.91
CA ASN A 69 11.72 1.15 1.05
C ASN A 69 11.10 -0.10 0.44
N GLU A 70 11.04 -0.12 -0.87
CA GLU A 70 10.49 -1.24 -1.66
C GLU A 70 11.18 -2.57 -1.35
N ASN A 71 12.43 -2.53 -0.98
CA ASN A 71 13.14 -3.76 -0.71
C ASN A 71 13.19 -4.07 0.76
N GLU A 72 12.34 -3.41 1.51
CA GLU A 72 12.15 -3.69 2.91
C GLU A 72 10.70 -4.14 3.08
N ILE A 73 10.11 -4.49 1.96
CA ILE A 73 8.78 -4.98 1.90
C ILE A 73 8.88 -6.48 1.86
N LYS A 74 8.57 -7.09 2.95
CA LYS A 74 8.68 -8.50 3.07
C LYS A 74 7.40 -9.15 2.62
N ILE A 75 7.49 -9.87 1.54
CA ILE A 75 6.36 -10.48 0.92
C ILE A 75 6.44 -12.00 1.05
N LEU A 76 5.44 -12.57 1.66
CA LEU A 76 5.37 -13.98 1.87
C LEU A 76 4.34 -14.53 0.90
N ALA A 77 4.77 -15.38 0.00
CA ALA A 77 3.85 -16.00 -0.96
C ALA A 77 2.87 -16.89 -0.22
N TYR A 78 1.60 -16.67 -0.44
CA TYR A 78 0.62 -17.37 0.32
C TYR A 78 -0.25 -18.20 -0.61
N GLU A 79 -0.67 -19.29 -0.08
CA GLU A 79 -1.41 -20.27 -0.80
C GLU A 79 -2.85 -19.87 -1.06
N SER A 80 -3.30 -20.28 -2.21
CA SER A 80 -4.63 -20.05 -2.72
C SER A 80 -4.75 -20.92 -3.95
N LYS A 81 -4.05 -20.52 -5.01
CA LYS A 81 -3.91 -21.24 -6.26
C LYS A 81 -5.16 -21.31 -7.11
N ASP A 82 -6.28 -21.64 -6.51
CA ASP A 82 -7.55 -21.71 -7.22
C ASP A 82 -8.01 -20.33 -7.62
N ASN A 83 -7.76 -20.00 -8.89
CA ASN A 83 -8.23 -18.77 -9.53
C ASN A 83 -7.50 -17.52 -9.03
N SER A 84 -6.84 -17.59 -7.89
CA SER A 84 -6.24 -16.43 -7.33
C SER A 84 -4.88 -16.74 -6.68
N GLN A 85 -4.14 -15.68 -6.40
CA GLN A 85 -2.82 -15.76 -5.82
C GLN A 85 -2.75 -14.73 -4.72
N GLN A 86 -2.39 -15.11 -3.53
CA GLN A 86 -2.28 -14.16 -2.45
C GLN A 86 -0.89 -14.12 -1.89
N TYR A 87 -0.55 -13.00 -1.34
CA TYR A 87 0.77 -12.72 -0.88
C TYR A 87 0.64 -11.89 0.36
N LEU A 88 1.41 -12.21 1.34
CA LEU A 88 1.37 -11.49 2.57
C LEU A 88 2.39 -10.38 2.47
N VAL A 89 2.01 -9.20 2.89
CA VAL A 89 2.88 -8.08 2.76
C VAL A 89 3.13 -7.45 4.13
N THR A 90 4.37 -7.34 4.48
CA THR A 90 4.78 -6.68 5.69
C THR A 90 5.79 -5.59 5.32
N ALA A 91 5.44 -4.35 5.57
CA ALA A 91 6.31 -3.25 5.18
C ALA A 91 6.29 -2.13 6.20
N PRO A 92 7.46 -1.60 6.55
CA PRO A 92 7.60 -0.49 7.46
C PRO A 92 7.29 0.84 6.76
N ILE A 93 6.50 1.64 7.41
CA ILE A 93 6.16 2.91 6.85
C ILE A 93 6.77 3.99 7.73
N HIS A 94 7.68 4.73 7.16
CA HIS A 94 8.35 5.78 7.87
C HIS A 94 7.55 7.05 7.76
N GLN A 95 6.89 7.42 8.82
CA GLN A 95 6.06 8.57 8.81
C GLN A 95 6.55 9.66 9.73
N VAL A 96 6.20 10.88 9.39
CA VAL A 96 6.48 12.03 10.17
C VAL A 96 5.25 12.91 10.08
N PHE A 97 4.73 13.30 11.18
CA PHE A 97 3.54 14.06 11.23
C PHE A 97 3.85 15.37 11.89
N ASN A 98 3.90 16.40 11.07
CA ASN A 98 4.22 17.78 11.47
C ASN A 98 5.53 17.83 12.28
N GLY A 99 6.48 16.97 11.89
CA GLY A 99 7.77 16.93 12.55
C GLY A 99 7.87 15.82 13.57
N THR A 100 6.80 15.14 13.76
CA THR A 100 6.71 14.09 14.75
C THR A 100 6.83 12.77 14.11
N LYS A 101 7.72 12.03 14.62
CA LYS A 101 8.06 10.83 14.09
C LYS A 101 7.13 9.74 14.51
N ASN A 102 6.81 8.90 13.57
CA ASN A 102 6.03 7.74 13.78
C ASN A 102 6.43 6.71 12.75
N ASP A 103 7.12 5.72 13.18
CA ASP A 103 7.64 4.70 12.30
C ASP A 103 7.09 3.38 12.76
N PHE A 104 6.43 2.68 11.87
CA PHE A 104 5.74 1.47 12.21
C PHE A 104 5.74 0.54 11.02
N GLU A 105 5.26 -0.65 11.21
CA GLU A 105 5.21 -1.61 10.13
C GLU A 105 3.78 -2.12 10.02
N ILE A 106 3.31 -2.27 8.80
CA ILE A 106 1.95 -2.71 8.59
C ILE A 106 1.92 -4.13 8.11
N ASN A 107 0.83 -4.80 8.36
CA ASN A 107 0.65 -6.16 7.94
C ASN A 107 -0.61 -6.22 7.13
N GLN A 108 -0.51 -6.54 5.88
CA GLN A 108 -1.69 -6.70 5.08
C GLN A 108 -1.49 -7.85 4.15
N LEU A 109 -2.54 -8.52 3.82
CA LEU A 109 -2.41 -9.54 2.85
C LEU A 109 -2.93 -8.96 1.55
N ILE A 110 -2.30 -9.29 0.50
CA ILE A 110 -2.63 -8.78 -0.80
C ILE A 110 -2.91 -9.93 -1.74
N GLN A 111 -3.90 -9.78 -2.56
CA GLN A 111 -4.18 -10.76 -3.55
C GLN A 111 -3.76 -10.20 -4.89
N ILE A 112 -2.93 -10.91 -5.57
CA ILE A 112 -2.44 -10.52 -6.86
C ILE A 112 -3.18 -11.27 -7.93
N LYS A 113 -3.67 -10.54 -8.86
CA LYS A 113 -4.34 -11.07 -9.95
C LYS A 113 -4.33 -10.07 -11.04
N ASN A 114 -4.18 -10.55 -12.25
CA ASN A 114 -4.21 -9.71 -13.46
C ASN A 114 -3.08 -8.70 -13.40
N GLN A 115 -1.94 -9.15 -12.84
CA GLN A 115 -0.71 -8.38 -12.73
C GLN A 115 -0.88 -7.17 -11.88
N LYS A 116 -1.81 -7.24 -10.97
CA LYS A 116 -2.00 -6.19 -10.04
C LYS A 116 -2.70 -6.64 -8.79
N ILE A 117 -2.84 -5.76 -7.85
CA ILE A 117 -3.55 -6.07 -6.65
C ILE A 117 -5.02 -6.03 -6.95
N THR A 118 -5.68 -7.07 -6.61
CA THR A 118 -7.08 -7.16 -6.84
C THR A 118 -7.83 -7.04 -5.52
N GLN A 119 -7.11 -7.24 -4.42
CA GLN A 119 -7.67 -7.13 -3.10
C GLN A 119 -6.54 -6.99 -2.10
N ARG A 120 -6.72 -6.18 -1.11
CA ARG A 120 -5.78 -6.06 -0.04
C ARG A 120 -6.59 -6.02 1.23
N THR A 121 -6.13 -6.61 2.27
CA THR A 121 -6.85 -6.49 3.52
C THR A 121 -5.86 -6.39 4.68
N THR A 122 -6.04 -5.38 5.49
CA THR A 122 -5.23 -5.18 6.66
C THR A 122 -5.46 -6.32 7.65
N ILE A 123 -4.38 -6.88 8.11
CA ILE A 123 -4.40 -7.99 9.03
C ILE A 123 -3.34 -7.74 10.08
N GLN A 124 -3.29 -8.53 11.08
CA GLN A 124 -2.24 -8.39 12.05
C GLN A 124 -1.57 -9.73 12.19
N LEU A 125 -0.36 -9.73 12.69
CA LEU A 125 0.35 -10.98 12.94
C LEU A 125 -0.03 -11.52 14.32
N GLY A 126 -0.87 -10.78 15.00
CA GLY A 126 -1.37 -11.15 16.29
C GLY A 126 -2.72 -10.51 16.51
N GLU A 127 -2.72 -9.41 17.26
CA GLU A 127 -3.87 -8.56 17.55
C GLU A 127 -4.69 -9.17 18.65
N GLU A 128 -4.18 -8.96 19.82
CA GLU A 128 -4.69 -9.47 21.04
C GLU A 128 -5.13 -8.32 21.95
N SER A 1 4.70 -9.55 -17.16
CA SER A 1 4.53 -10.57 -18.14
C SER A 1 3.27 -11.39 -17.84
N ASN A 2 3.35 -12.28 -16.87
CA ASN A 2 2.20 -13.13 -16.56
C ASN A 2 1.93 -13.00 -15.09
N THR A 3 2.84 -13.57 -14.34
CA THR A 3 2.96 -13.51 -12.91
C THR A 3 4.03 -14.43 -12.48
N ASN A 4 4.54 -14.15 -11.34
CA ASN A 4 5.61 -14.85 -10.73
C ASN A 4 5.76 -14.24 -9.40
N GLN A 5 6.48 -14.88 -8.52
CA GLN A 5 6.74 -14.38 -7.19
C GLN A 5 7.24 -12.95 -7.23
N SER A 6 8.29 -12.72 -8.00
CA SER A 6 8.89 -11.41 -8.10
C SER A 6 8.05 -10.43 -8.94
N GLU A 7 7.28 -10.94 -9.91
CA GLU A 7 6.36 -10.07 -10.64
C GLU A 7 5.30 -9.57 -9.67
N SER A 8 4.78 -10.48 -8.90
CA SER A 8 3.81 -10.15 -7.90
C SER A 8 4.40 -9.19 -6.87
N GLU A 9 5.64 -9.46 -6.46
CA GLU A 9 6.34 -8.63 -5.49
C GLU A 9 6.41 -7.25 -5.95
N LYS A 10 6.91 -7.09 -7.15
CA LYS A 10 7.18 -5.80 -7.69
C LYS A 10 5.91 -4.96 -7.75
N ILE A 11 4.78 -5.57 -8.04
CA ILE A 11 3.52 -4.84 -8.16
C ILE A 11 3.11 -4.34 -6.78
N ILE A 12 3.33 -5.19 -5.79
CA ILE A 12 3.06 -4.85 -4.41
C ILE A 12 4.01 -3.75 -3.97
N LYS A 13 5.26 -3.93 -4.35
CA LYS A 13 6.31 -2.97 -4.06
C LYS A 13 6.00 -1.65 -4.70
N GLU A 14 5.66 -1.67 -5.98
CA GLU A 14 5.23 -0.52 -6.71
C GLU A 14 4.07 0.16 -6.00
N PHE A 15 3.06 -0.63 -5.60
CA PHE A 15 1.86 -0.14 -4.93
C PHE A 15 2.23 0.62 -3.68
N TYR A 16 2.97 -0.03 -2.79
CA TYR A 16 3.35 0.56 -1.53
C TYR A 16 4.28 1.73 -1.74
N LYS A 17 5.22 1.56 -2.64
CA LYS A 17 6.19 2.57 -2.95
C LYS A 17 5.57 3.81 -3.62
N THR A 18 4.37 3.70 -4.08
CA THR A 18 3.75 4.83 -4.67
C THR A 18 2.86 5.43 -3.65
N VAL A 19 2.03 4.61 -3.15
CA VAL A 19 1.06 4.95 -2.20
C VAL A 19 1.64 5.60 -0.92
N TYR A 20 2.76 5.11 -0.48
CA TYR A 20 3.33 5.60 0.72
C TYR A 20 4.65 6.31 0.47
N ASN A 21 4.77 7.04 -0.64
CA ASN A 21 5.98 7.81 -0.88
C ASN A 21 5.70 9.18 -1.40
N TYR A 22 5.53 10.09 -0.50
CA TYR A 22 5.41 11.47 -0.86
C TYR A 22 5.82 12.33 0.29
N GLU A 23 6.27 13.49 -0.02
CA GLU A 23 6.76 14.40 0.95
C GLU A 23 5.71 15.03 1.86
N LYS A 24 4.60 15.53 1.34
CA LYS A 24 3.67 16.20 2.26
C LYS A 24 2.27 15.60 2.21
N SER A 25 1.88 15.15 1.05
CA SER A 25 0.54 14.63 0.87
C SER A 25 0.54 13.38 -0.01
N GLN A 26 -0.09 12.32 0.48
CA GLN A 26 -0.18 11.03 -0.26
C GLN A 26 -0.97 11.09 -1.55
N LYS A 27 -1.60 12.19 -1.80
CA LYS A 27 -2.44 12.32 -2.97
C LYS A 27 -1.61 12.58 -4.22
N GLU A 28 -0.46 13.19 -4.03
CA GLU A 28 0.31 13.75 -5.13
C GLU A 28 1.20 12.71 -5.80
N ILE A 29 1.03 11.48 -5.40
CA ILE A 29 1.80 10.33 -5.88
C ILE A 29 1.30 9.83 -7.24
N SER A 30 0.36 10.55 -7.84
CA SER A 30 -0.27 10.16 -9.10
C SER A 30 -1.15 8.92 -8.93
N MET A 31 -2.42 9.16 -8.64
CA MET A 31 -3.40 8.10 -8.38
C MET A 31 -3.69 7.23 -9.59
N THR A 32 -3.21 7.62 -10.75
CA THR A 32 -3.38 6.80 -11.92
C THR A 32 -2.45 5.58 -11.82
N THR A 33 -1.28 5.78 -11.23
CA THR A 33 -0.28 4.74 -11.14
C THR A 33 -0.74 3.60 -10.22
N VAL A 34 -1.38 3.95 -9.12
CA VAL A 34 -1.92 2.95 -8.22
C VAL A 34 -3.04 2.15 -8.93
N LYS A 35 -3.77 2.80 -9.80
CA LYS A 35 -4.79 2.19 -10.60
C LYS A 35 -4.20 1.19 -11.64
N GLU A 36 -2.95 1.36 -11.96
CA GLU A 36 -2.29 0.49 -12.90
C GLU A 36 -1.78 -0.74 -12.16
N LEU A 37 -1.41 -0.54 -10.92
CA LEU A 37 -0.89 -1.58 -10.05
C LEU A 37 -1.99 -2.37 -9.38
N ALA A 38 -3.09 -1.73 -9.14
CA ALA A 38 -4.20 -2.35 -8.45
C ALA A 38 -5.49 -2.12 -9.20
N THR A 39 -6.45 -2.97 -8.97
CA THR A 39 -7.75 -2.84 -9.58
C THR A 39 -8.53 -1.67 -8.96
N ASP A 40 -9.52 -1.18 -9.68
CA ASP A 40 -10.33 -0.05 -9.26
C ASP A 40 -10.96 -0.18 -7.88
N ASN A 41 -11.30 -1.40 -7.47
CA ASN A 41 -11.86 -1.60 -6.11
C ASN A 41 -10.82 -1.23 -5.05
N VAL A 42 -9.62 -1.78 -5.17
CA VAL A 42 -8.57 -1.52 -4.20
C VAL A 42 -7.99 -0.12 -4.37
N TYR A 43 -8.00 0.35 -5.58
CA TYR A 43 -7.60 1.69 -5.92
C TYR A 43 -8.50 2.74 -5.22
N GLN A 44 -9.81 2.52 -5.26
CA GLN A 44 -10.74 3.49 -4.71
C GLN A 44 -10.71 3.52 -3.19
N GLU A 45 -10.50 2.36 -2.56
CA GLU A 45 -10.40 2.33 -1.09
C GLU A 45 -9.14 3.06 -0.66
N LEU A 46 -8.11 2.92 -1.49
CA LEU A 46 -6.83 3.51 -1.25
C LEU A 46 -6.90 5.02 -1.32
N GLN A 47 -7.49 5.54 -2.37
CA GLN A 47 -7.57 6.98 -2.51
C GLN A 47 -8.45 7.59 -1.42
N ASN A 48 -9.33 6.79 -0.91
CA ASN A 48 -10.20 7.20 0.17
C ASN A 48 -9.47 7.25 1.50
N GLU A 49 -8.59 6.26 1.76
CA GLU A 49 -7.79 6.28 2.99
C GLU A 49 -6.83 7.47 2.92
N ILE A 50 -6.37 7.75 1.71
CA ILE A 50 -5.54 8.90 1.44
C ILE A 50 -6.32 10.18 1.69
N ASN A 51 -7.52 10.25 1.15
CA ASN A 51 -8.39 11.43 1.26
C ASN A 51 -8.57 11.83 2.73
N VAL A 52 -9.03 10.89 3.53
CA VAL A 52 -9.32 11.14 4.94
C VAL A 52 -8.05 11.42 5.75
N ASN A 53 -6.93 10.91 5.29
CA ASN A 53 -5.68 11.10 5.99
C ASN A 53 -5.11 12.49 5.70
N ASN A 54 -5.38 12.99 4.53
CA ASN A 54 -4.92 14.30 4.15
C ASN A 54 -5.84 15.37 4.66
N SER A 55 -7.12 15.12 4.56
CA SER A 55 -8.08 16.06 5.03
C SER A 55 -8.97 15.41 6.06
N TYR A 56 -8.64 15.65 7.31
CA TYR A 56 -9.42 15.12 8.41
C TYR A 56 -10.65 15.98 8.60
N SER A 57 -10.44 17.24 8.38
CA SER A 57 -11.45 18.24 8.48
C SER A 57 -11.04 19.34 7.52
N PRO A 58 -11.97 20.20 7.05
CA PRO A 58 -11.63 21.30 6.11
C PRO A 58 -10.71 22.33 6.76
N GLN A 59 -10.60 22.26 8.06
CA GLN A 59 -9.78 23.15 8.83
C GLN A 59 -8.58 22.41 9.43
N GLN A 60 -8.28 21.22 8.93
CA GLN A 60 -7.16 20.46 9.45
C GLN A 60 -6.40 19.84 8.33
N ASN A 61 -5.15 20.12 8.31
CA ASN A 61 -4.22 19.59 7.37
C ASN A 61 -2.88 19.74 8.05
N THR A 62 -1.94 18.93 7.73
CA THR A 62 -0.68 18.92 8.40
C THR A 62 0.33 18.18 7.55
N ILE A 63 1.59 18.39 7.85
CA ILE A 63 2.66 17.81 7.07
C ILE A 63 2.85 16.36 7.42
N GLN A 64 2.67 15.55 6.44
CA GLN A 64 2.83 14.15 6.56
C GLN A 64 3.80 13.67 5.55
N LYS A 65 4.89 13.15 6.00
CA LYS A 65 5.87 12.66 5.06
C LYS A 65 5.86 11.19 5.19
N SER A 66 5.61 10.52 4.11
CA SER A 66 5.53 9.09 4.11
C SER A 66 6.46 8.55 3.07
N SER A 67 7.16 7.52 3.43
CA SER A 67 8.11 6.88 2.55
C SER A 67 8.30 5.43 2.99
N VAL A 68 8.59 4.56 2.04
CA VAL A 68 8.80 3.14 2.30
C VAL A 68 9.81 2.56 1.33
N ASN A 69 10.75 1.79 1.85
CA ASN A 69 11.71 1.06 1.02
C ASN A 69 11.03 -0.15 0.44
N GLU A 70 10.99 -0.22 -0.89
CA GLU A 70 10.37 -1.34 -1.59
C GLU A 70 10.94 -2.71 -1.23
N ASN A 71 12.16 -2.76 -0.77
CA ASN A 71 12.73 -4.06 -0.46
C ASN A 71 12.81 -4.30 0.99
N GLU A 72 12.09 -3.47 1.70
CA GLU A 72 11.87 -3.62 3.10
C GLU A 72 10.41 -4.06 3.23
N ILE A 73 9.79 -4.21 2.09
CA ILE A 73 8.47 -4.72 1.98
C ILE A 73 8.60 -6.21 2.01
N LYS A 74 8.31 -6.74 3.13
CA LYS A 74 8.45 -8.13 3.37
C LYS A 74 7.20 -8.85 2.92
N ILE A 75 7.36 -9.58 1.86
CA ILE A 75 6.30 -10.27 1.22
C ILE A 75 6.44 -11.77 1.44
N LEU A 76 5.41 -12.35 1.94
CA LEU A 76 5.38 -13.75 2.20
C LEU A 76 4.30 -14.36 1.32
N ALA A 77 4.71 -15.19 0.40
CA ALA A 77 3.77 -15.85 -0.48
C ALA A 77 2.86 -16.75 0.33
N TYR A 78 1.60 -16.50 0.26
CA TYR A 78 0.65 -17.23 1.03
C TYR A 78 -0.10 -18.17 0.11
N GLU A 79 -0.57 -19.27 0.65
CA GLU A 79 -1.23 -20.25 -0.17
C GLU A 79 -2.59 -19.83 -0.66
N SER A 80 -2.85 -20.24 -1.85
CA SER A 80 -4.10 -20.18 -2.49
C SER A 80 -4.06 -21.38 -3.40
N LYS A 81 -5.12 -22.11 -3.47
CA LYS A 81 -5.04 -23.42 -4.12
C LYS A 81 -5.37 -23.37 -5.60
N ASP A 82 -6.21 -22.45 -6.01
CA ASP A 82 -6.58 -22.34 -7.41
C ASP A 82 -6.88 -20.91 -7.77
N ASN A 83 -6.64 -20.58 -9.05
CA ASN A 83 -6.94 -19.28 -9.68
C ASN A 83 -6.15 -18.10 -9.12
N SER A 84 -5.58 -18.24 -7.96
CA SER A 84 -5.05 -17.10 -7.31
C SER A 84 -3.74 -17.32 -6.61
N GLN A 85 -3.10 -16.20 -6.32
CA GLN A 85 -1.87 -16.12 -5.59
C GLN A 85 -2.05 -14.98 -4.63
N GLN A 86 -2.04 -15.25 -3.36
CA GLN A 86 -2.14 -14.19 -2.41
C GLN A 86 -0.82 -14.04 -1.70
N TYR A 87 -0.46 -12.85 -1.45
CA TYR A 87 0.81 -12.53 -0.90
C TYR A 87 0.62 -11.70 0.35
N LEU A 88 1.16 -12.17 1.44
CA LEU A 88 1.08 -11.48 2.69
C LEU A 88 2.12 -10.40 2.65
N VAL A 89 1.75 -9.21 2.99
CA VAL A 89 2.64 -8.11 2.89
C VAL A 89 2.80 -7.44 4.24
N THR A 90 4.02 -7.23 4.62
CA THR A 90 4.34 -6.52 5.81
C THR A 90 5.40 -5.46 5.47
N ALA A 91 5.06 -4.20 5.61
CA ALA A 91 5.96 -3.13 5.22
C ALA A 91 5.91 -1.97 6.19
N PRO A 92 7.08 -1.47 6.60
CA PRO A 92 7.19 -0.33 7.46
C PRO A 92 7.01 0.96 6.70
N ILE A 93 6.21 1.82 7.25
CA ILE A 93 5.97 3.07 6.62
C ILE A 93 6.62 4.13 7.47
N HIS A 94 7.58 4.80 6.91
CA HIS A 94 8.31 5.82 7.60
C HIS A 94 7.58 7.12 7.45
N GLN A 95 6.90 7.51 8.48
CA GLN A 95 6.13 8.70 8.45
C GLN A 95 6.58 9.70 9.43
N VAL A 96 6.13 10.90 9.22
CA VAL A 96 6.30 11.94 10.15
C VAL A 96 4.98 12.69 10.15
N PHE A 97 4.57 13.09 11.29
CA PHE A 97 3.36 13.77 11.44
C PHE A 97 3.68 15.11 12.03
N ASN A 98 3.57 16.11 11.19
CA ASN A 98 3.89 17.51 11.51
C ASN A 98 5.39 17.59 11.91
N GLY A 99 6.18 16.77 11.24
CA GLY A 99 7.61 16.71 11.48
C GLY A 99 8.00 15.60 12.42
N THR A 100 7.07 15.20 13.22
CA THR A 100 7.24 14.22 14.28
C THR A 100 7.18 12.83 13.77
N LYS A 101 8.16 12.10 14.14
CA LYS A 101 8.37 10.82 13.68
C LYS A 101 7.32 9.84 14.14
N ASN A 102 6.93 8.99 13.24
CA ASN A 102 6.03 7.91 13.48
C ASN A 102 6.33 6.83 12.46
N ASP A 103 6.93 5.77 12.92
CA ASP A 103 7.34 4.69 12.06
C ASP A 103 6.66 3.44 12.54
N PHE A 104 5.98 2.77 11.65
CA PHE A 104 5.20 1.61 12.01
C PHE A 104 5.18 0.65 10.85
N GLU A 105 4.86 -0.59 11.11
CA GLU A 105 4.84 -1.58 10.06
C GLU A 105 3.40 -2.03 9.87
N ILE A 106 2.96 -2.05 8.63
CA ILE A 106 1.60 -2.44 8.35
C ILE A 106 1.56 -3.86 7.86
N ASN A 107 0.48 -4.53 8.12
CA ASN A 107 0.35 -5.91 7.77
C ASN A 107 -0.93 -6.09 6.98
N GLN A 108 -0.81 -6.39 5.72
CA GLN A 108 -1.99 -6.60 4.91
C GLN A 108 -1.77 -7.78 4.00
N LEU A 109 -2.83 -8.41 3.60
CA LEU A 109 -2.74 -9.47 2.66
C LEU A 109 -3.10 -8.85 1.31
N ILE A 110 -2.36 -9.16 0.31
CA ILE A 110 -2.65 -8.68 -1.02
C ILE A 110 -2.78 -9.83 -1.98
N GLN A 111 -3.88 -9.92 -2.66
CA GLN A 111 -4.01 -10.93 -3.67
C GLN A 111 -3.68 -10.35 -5.03
N ILE A 112 -2.87 -11.07 -5.76
CA ILE A 112 -2.41 -10.67 -7.06
C ILE A 112 -3.21 -11.38 -8.14
N LYS A 113 -3.72 -10.63 -9.06
CA LYS A 113 -4.49 -11.14 -10.16
C LYS A 113 -4.37 -10.13 -11.27
N ASN A 114 -4.17 -10.60 -12.47
CA ASN A 114 -4.05 -9.72 -13.67
C ASN A 114 -2.90 -8.76 -13.57
N GLN A 115 -1.78 -9.19 -12.96
CA GLN A 115 -0.57 -8.34 -12.82
C GLN A 115 -0.89 -7.14 -11.96
N LYS A 116 -1.86 -7.29 -11.12
CA LYS A 116 -2.31 -6.22 -10.30
C LYS A 116 -2.71 -6.75 -8.96
N ILE A 117 -2.96 -5.86 -8.07
CA ILE A 117 -3.56 -6.19 -6.81
C ILE A 117 -5.03 -6.18 -7.06
N THR A 118 -5.67 -7.23 -6.75
CA THR A 118 -7.08 -7.34 -7.00
C THR A 118 -7.86 -7.15 -5.70
N GLN A 119 -7.16 -7.32 -4.58
CA GLN A 119 -7.77 -7.19 -3.28
C GLN A 119 -6.68 -7.07 -2.22
N ARG A 120 -6.81 -6.09 -1.37
CA ARG A 120 -5.93 -5.92 -0.26
C ARG A 120 -6.76 -6.00 0.99
N THR A 121 -6.25 -6.59 2.01
CA THR A 121 -7.00 -6.65 3.23
C THR A 121 -6.08 -6.47 4.41
N THR A 122 -6.35 -5.45 5.20
CA THR A 122 -5.55 -5.17 6.38
C THR A 122 -5.77 -6.28 7.40
N ILE A 123 -4.70 -6.79 7.93
CA ILE A 123 -4.77 -7.92 8.84
C ILE A 123 -3.92 -7.71 10.08
N GLN A 124 -4.05 -8.62 10.99
CA GLN A 124 -3.28 -8.67 12.20
C GLN A 124 -2.86 -10.12 12.30
N LEU A 125 -1.67 -10.39 12.73
CA LEU A 125 -1.20 -11.75 12.84
C LEU A 125 -1.32 -12.23 14.28
N GLY A 126 -1.27 -11.30 15.20
CA GLY A 126 -1.38 -11.61 16.60
C GLY A 126 -0.12 -11.21 17.31
N GLU A 127 0.49 -10.16 16.82
CA GLU A 127 1.70 -9.61 17.35
C GLU A 127 1.40 -8.51 18.36
N GLU A 128 0.42 -7.70 18.04
CA GLU A 128 0.01 -6.60 18.85
C GLU A 128 -1.48 -6.44 18.62
N SER A 1 4.92 -9.53 -16.96
CA SER A 1 5.10 -10.37 -18.13
C SER A 1 4.39 -11.69 -17.92
N ASN A 2 4.41 -12.17 -16.70
CA ASN A 2 3.74 -13.40 -16.31
C ASN A 2 3.57 -13.34 -14.83
N THR A 3 3.00 -14.31 -14.23
CA THR A 3 2.92 -14.27 -12.83
C THR A 3 3.84 -15.18 -12.16
N ASN A 4 4.42 -14.65 -11.18
CA ASN A 4 5.39 -15.29 -10.43
C ASN A 4 5.49 -14.53 -9.16
N GLN A 5 6.05 -15.13 -8.16
CA GLN A 5 6.26 -14.52 -6.86
C GLN A 5 6.92 -13.14 -6.97
N SER A 6 8.04 -13.07 -7.64
CA SER A 6 8.77 -11.82 -7.80
C SER A 6 8.04 -10.82 -8.73
N GLU A 7 7.26 -11.35 -9.67
CA GLU A 7 6.43 -10.52 -10.54
C GLU A 7 5.32 -9.92 -9.72
N SER A 8 4.82 -10.67 -8.80
CA SER A 8 3.82 -10.22 -7.89
C SER A 8 4.42 -9.21 -6.92
N GLU A 9 5.66 -9.49 -6.46
CA GLU A 9 6.37 -8.64 -5.52
C GLU A 9 6.46 -7.26 -6.03
N LYS A 10 6.95 -7.13 -7.23
CA LYS A 10 7.23 -5.85 -7.84
C LYS A 10 5.96 -4.99 -7.91
N ILE A 11 4.83 -5.63 -8.13
CA ILE A 11 3.55 -4.93 -8.23
C ILE A 11 3.14 -4.42 -6.85
N ILE A 12 3.30 -5.29 -5.86
CA ILE A 12 3.00 -4.97 -4.48
C ILE A 12 3.94 -3.88 -4.00
N LYS A 13 5.20 -4.05 -4.33
CA LYS A 13 6.24 -3.11 -3.99
C LYS A 13 5.89 -1.75 -4.50
N GLU A 14 5.60 -1.65 -5.78
CA GLU A 14 5.26 -0.39 -6.37
C GLU A 14 3.96 0.17 -5.77
N PHE A 15 3.00 -0.71 -5.44
CA PHE A 15 1.73 -0.27 -4.83
C PHE A 15 2.01 0.53 -3.57
N TYR A 16 2.78 -0.08 -2.68
CA TYR A 16 3.13 0.55 -1.42
C TYR A 16 4.10 1.69 -1.62
N LYS A 17 5.08 1.47 -2.47
CA LYS A 17 6.10 2.45 -2.79
C LYS A 17 5.49 3.68 -3.44
N THR A 18 4.39 3.53 -4.09
CA THR A 18 3.72 4.65 -4.65
C THR A 18 2.92 5.33 -3.55
N VAL A 19 1.95 4.61 -2.97
CA VAL A 19 1.02 5.22 -2.04
C VAL A 19 1.63 5.70 -0.75
N TYR A 20 2.62 5.03 -0.28
CA TYR A 20 3.27 5.42 0.95
C TYR A 20 4.56 6.19 0.70
N ASN A 21 4.67 6.85 -0.44
CA ASN A 21 5.81 7.72 -0.70
C ASN A 21 5.39 9.04 -1.18
N TYR A 22 5.31 9.95 -0.28
CA TYR A 22 4.95 11.31 -0.61
C TYR A 22 5.49 12.24 0.41
N GLU A 23 5.20 13.46 0.19
CA GLU A 23 5.61 14.48 1.03
C GLU A 23 4.60 14.92 2.03
N LYS A 24 3.47 15.35 1.59
CA LYS A 24 2.58 16.00 2.51
C LYS A 24 1.16 15.44 2.39
N SER A 25 0.73 15.26 1.17
CA SER A 25 -0.57 14.72 0.89
C SER A 25 -0.45 13.49 -0.01
N GLN A 26 -1.15 12.43 0.33
CA GLN A 26 -1.06 11.15 -0.38
C GLN A 26 -1.52 11.24 -1.88
N LYS A 27 -2.07 12.38 -2.30
CA LYS A 27 -2.50 12.57 -3.69
C LYS A 27 -1.30 12.83 -4.64
N GLU A 28 -0.17 13.22 -4.07
CA GLU A 28 1.07 13.58 -4.82
C GLU A 28 1.63 12.39 -5.62
N ILE A 29 1.30 11.21 -5.18
CA ILE A 29 1.86 9.95 -5.67
C ILE A 29 1.40 9.58 -7.09
N SER A 30 0.50 10.37 -7.69
CA SER A 30 -0.08 10.07 -9.00
C SER A 30 -0.96 8.81 -8.93
N MET A 31 -2.23 9.04 -8.63
CA MET A 31 -3.21 7.98 -8.44
C MET A 31 -3.39 7.10 -9.68
N THR A 32 -3.07 7.62 -10.84
CA THR A 32 -3.22 6.85 -12.05
C THR A 32 -2.26 5.65 -12.05
N THR A 33 -1.08 5.82 -11.46
CA THR A 33 -0.08 4.77 -11.45
C THR A 33 -0.49 3.62 -10.53
N VAL A 34 -1.06 3.95 -9.40
CA VAL A 34 -1.53 2.93 -8.50
C VAL A 34 -2.71 2.13 -9.12
N LYS A 35 -3.51 2.80 -9.93
CA LYS A 35 -4.56 2.18 -10.67
C LYS A 35 -4.04 1.14 -11.69
N GLU A 36 -2.80 1.27 -12.07
CA GLU A 36 -2.20 0.35 -13.00
C GLU A 36 -1.71 -0.88 -12.22
N LEU A 37 -1.32 -0.63 -10.98
CA LEU A 37 -0.79 -1.65 -10.07
C LEU A 37 -1.92 -2.38 -9.34
N ALA A 38 -3.08 -1.78 -9.25
CA ALA A 38 -4.20 -2.37 -8.53
C ALA A 38 -5.47 -2.22 -9.32
N THR A 39 -6.51 -2.92 -8.94
CA THR A 39 -7.79 -2.77 -9.59
C THR A 39 -8.48 -1.53 -9.06
N ASP A 40 -9.48 -1.10 -9.77
CA ASP A 40 -10.29 0.05 -9.36
C ASP A 40 -10.93 -0.14 -8.01
N ASN A 41 -11.26 -1.38 -7.67
CA ASN A 41 -11.84 -1.69 -6.37
C ASN A 41 -10.89 -1.28 -5.23
N VAL A 42 -9.66 -1.76 -5.30
CA VAL A 42 -8.65 -1.43 -4.30
C VAL A 42 -8.12 -0.01 -4.45
N TYR A 43 -8.12 0.46 -5.66
CA TYR A 43 -7.76 1.83 -5.96
C TYR A 43 -8.74 2.83 -5.32
N GLN A 44 -10.03 2.52 -5.39
CA GLN A 44 -11.03 3.46 -4.91
C GLN A 44 -11.05 3.55 -3.39
N GLU A 45 -10.76 2.45 -2.71
CA GLU A 45 -10.69 2.46 -1.25
C GLU A 45 -9.45 3.26 -0.84
N LEU A 46 -8.42 3.14 -1.64
CA LEU A 46 -7.15 3.77 -1.44
C LEU A 46 -7.27 5.27 -1.59
N GLN A 47 -7.88 5.71 -2.66
CA GLN A 47 -8.03 7.14 -2.90
C GLN A 47 -8.88 7.79 -1.82
N ASN A 48 -9.71 6.99 -1.20
CA ASN A 48 -10.52 7.43 -0.10
C ASN A 48 -9.68 7.63 1.16
N GLU A 49 -8.76 6.71 1.42
CA GLU A 49 -7.84 6.86 2.56
C GLU A 49 -6.89 8.02 2.29
N ILE A 50 -6.53 8.18 1.03
CA ILE A 50 -5.76 9.31 0.55
C ILE A 50 -6.49 10.62 0.85
N ASN A 51 -7.79 10.60 0.70
CA ASN A 51 -8.57 11.80 0.85
C ASN A 51 -8.60 12.27 2.29
N VAL A 52 -8.86 11.34 3.22
CA VAL A 52 -8.91 11.68 4.65
C VAL A 52 -7.51 12.05 5.18
N ASN A 53 -6.49 11.52 4.53
CA ASN A 53 -5.10 11.89 4.83
C ASN A 53 -4.86 13.36 4.51
N ASN A 54 -5.48 13.83 3.46
CA ASN A 54 -5.32 15.20 3.02
C ASN A 54 -6.02 16.16 3.95
N SER A 55 -7.20 15.81 4.36
CA SER A 55 -7.98 16.63 5.23
C SER A 55 -8.87 15.75 6.08
N TYR A 56 -8.71 15.86 7.37
CA TYR A 56 -9.54 15.10 8.31
C TYR A 56 -10.84 15.85 8.45
N SER A 57 -10.71 17.13 8.35
CA SER A 57 -11.78 18.06 8.37
C SER A 57 -11.37 19.16 7.40
N PRO A 58 -12.31 19.95 6.85
CA PRO A 58 -11.96 21.02 5.87
C PRO A 58 -11.15 22.14 6.51
N GLN A 59 -11.05 22.08 7.81
CA GLN A 59 -10.33 23.06 8.57
C GLN A 59 -9.17 22.40 9.34
N GLN A 60 -8.75 21.20 8.90
CA GLN A 60 -7.65 20.53 9.56
C GLN A 60 -6.86 19.69 8.59
N ASN A 61 -5.61 19.97 8.57
CA ASN A 61 -4.66 19.27 7.78
C ASN A 61 -3.34 19.45 8.49
N THR A 62 -2.36 18.71 8.11
CA THR A 62 -1.08 18.76 8.75
C THR A 62 -0.08 18.01 7.90
N ILE A 63 1.18 18.25 8.15
CA ILE A 63 2.25 17.65 7.40
C ILE A 63 2.37 16.19 7.78
N GLN A 64 2.34 15.35 6.80
CA GLN A 64 2.40 13.94 6.95
C GLN A 64 3.34 13.42 5.92
N LYS A 65 4.42 12.94 6.35
CA LYS A 65 5.45 12.47 5.48
C LYS A 65 5.50 11.00 5.58
N SER A 66 5.36 10.37 4.46
CA SER A 66 5.39 8.94 4.43
C SER A 66 6.33 8.49 3.35
N SER A 67 7.16 7.54 3.67
CA SER A 67 8.08 6.97 2.72
C SER A 67 8.34 5.50 3.10
N VAL A 68 8.59 4.67 2.11
CA VAL A 68 8.83 3.24 2.32
C VAL A 68 9.82 2.70 1.30
N ASN A 69 10.74 1.86 1.78
CA ASN A 69 11.70 1.18 0.91
C ASN A 69 11.08 -0.08 0.33
N GLU A 70 11.03 -0.13 -0.98
CA GLU A 70 10.50 -1.27 -1.76
C GLU A 70 11.19 -2.60 -1.40
N ASN A 71 12.45 -2.55 -1.06
CA ASN A 71 13.16 -3.77 -0.75
C ASN A 71 13.20 -4.05 0.72
N GLU A 72 12.35 -3.36 1.45
CA GLU A 72 12.17 -3.62 2.86
C GLU A 72 10.72 -4.05 3.06
N ILE A 73 10.11 -4.42 1.96
CA ILE A 73 8.77 -4.89 1.95
C ILE A 73 8.85 -6.39 1.96
N LYS A 74 8.51 -6.95 3.06
CA LYS A 74 8.59 -8.36 3.21
C LYS A 74 7.30 -9.00 2.78
N ILE A 75 7.39 -9.69 1.68
CA ILE A 75 6.26 -10.34 1.07
C ILE A 75 6.35 -11.84 1.27
N LEU A 76 5.34 -12.38 1.90
CA LEU A 76 5.28 -13.77 2.17
C LEU A 76 4.28 -14.40 1.21
N ALA A 77 4.76 -15.23 0.34
CA ALA A 77 3.90 -15.92 -0.60
C ALA A 77 3.06 -16.92 0.16
N TYR A 78 1.77 -16.78 0.08
CA TYR A 78 0.90 -17.63 0.80
C TYR A 78 0.35 -18.67 -0.16
N GLU A 79 0.13 -19.86 0.35
CA GLU A 79 -0.37 -20.96 -0.44
C GLU A 79 -1.69 -20.60 -1.10
N SER A 80 -1.70 -20.69 -2.39
CA SER A 80 -2.83 -20.33 -3.18
C SER A 80 -3.13 -21.48 -4.14
N LYS A 81 -4.38 -21.68 -4.47
CA LYS A 81 -4.74 -22.78 -5.32
C LYS A 81 -5.11 -22.35 -6.74
N ASP A 82 -6.32 -21.84 -6.88
CA ASP A 82 -6.91 -21.63 -8.19
C ASP A 82 -6.65 -20.27 -8.77
N ASN A 83 -5.49 -20.18 -9.45
CA ASN A 83 -5.01 -19.02 -10.27
C ASN A 83 -5.12 -17.63 -9.60
N SER A 84 -5.33 -17.59 -8.33
CA SER A 84 -5.40 -16.38 -7.60
C SER A 84 -4.34 -16.47 -6.55
N GLN A 85 -3.52 -15.49 -6.46
CA GLN A 85 -2.32 -15.57 -5.67
C GLN A 85 -2.42 -14.67 -4.44
N GLN A 86 -2.34 -15.25 -3.29
CA GLN A 86 -2.41 -14.56 -2.04
C GLN A 86 -0.97 -14.32 -1.52
N TYR A 87 -0.66 -13.09 -1.24
CA TYR A 87 0.65 -12.69 -0.79
C TYR A 87 0.50 -11.84 0.45
N LEU A 88 1.26 -12.11 1.43
CA LEU A 88 1.24 -11.35 2.64
C LEU A 88 2.26 -10.25 2.52
N VAL A 89 1.91 -9.07 2.93
CA VAL A 89 2.79 -7.94 2.80
C VAL A 89 3.02 -7.30 4.15
N THR A 90 4.25 -7.15 4.52
CA THR A 90 4.61 -6.47 5.71
C THR A 90 5.71 -5.45 5.38
N ALA A 91 5.42 -4.18 5.59
CA ALA A 91 6.35 -3.13 5.21
C ALA A 91 6.38 -1.99 6.21
N PRO A 92 7.57 -1.49 6.54
CA PRO A 92 7.75 -0.36 7.44
C PRO A 92 7.41 0.96 6.75
N ILE A 93 6.67 1.78 7.41
CA ILE A 93 6.31 3.04 6.85
C ILE A 93 6.95 4.11 7.69
N HIS A 94 7.89 4.78 7.11
CA HIS A 94 8.65 5.80 7.80
C HIS A 94 7.86 7.09 7.69
N GLN A 95 7.29 7.53 8.80
CA GLN A 95 6.45 8.69 8.79
C GLN A 95 6.95 9.82 9.66
N VAL A 96 6.52 11.00 9.33
CA VAL A 96 6.80 12.18 10.10
C VAL A 96 5.51 12.97 10.12
N PHE A 97 5.04 13.26 11.28
CA PHE A 97 3.79 13.91 11.43
C PHE A 97 4.06 15.25 12.03
N ASN A 98 3.94 16.26 11.20
CA ASN A 98 4.19 17.67 11.55
C ASN A 98 5.56 17.83 12.28
N GLY A 99 6.53 17.03 11.84
CA GLY A 99 7.86 17.10 12.42
C GLY A 99 8.16 15.97 13.37
N THR A 100 7.15 15.22 13.69
CA THR A 100 7.24 14.15 14.65
C THR A 100 7.54 12.85 13.92
N LYS A 101 8.67 12.27 14.19
CA LYS A 101 9.06 11.04 13.52
C LYS A 101 8.36 9.86 14.13
N ASN A 102 7.73 9.09 13.30
CA ASN A 102 6.97 7.95 13.70
C ASN A 102 7.21 6.82 12.72
N ASP A 103 7.75 5.75 13.19
CA ASP A 103 8.05 4.61 12.33
C ASP A 103 7.27 3.44 12.84
N PHE A 104 6.80 2.61 11.94
CA PHE A 104 6.02 1.46 12.30
C PHE A 104 5.92 0.55 11.08
N GLU A 105 5.58 -0.68 11.29
CA GLU A 105 5.45 -1.58 10.20
C GLU A 105 3.99 -1.97 10.03
N ILE A 106 3.55 -2.16 8.80
CA ILE A 106 2.17 -2.49 8.54
C ILE A 106 2.09 -3.89 7.98
N ASN A 107 0.97 -4.52 8.20
CA ASN A 107 0.77 -5.87 7.76
C ASN A 107 -0.55 -5.95 7.02
N GLN A 108 -0.49 -6.17 5.74
CA GLN A 108 -1.69 -6.28 4.94
C GLN A 108 -1.55 -7.45 3.99
N LEU A 109 -2.61 -8.19 3.78
CA LEU A 109 -2.59 -9.26 2.81
C LEU A 109 -3.07 -8.74 1.46
N ILE A 110 -2.41 -9.17 0.42
CA ILE A 110 -2.72 -8.75 -0.95
C ILE A 110 -2.96 -9.96 -1.85
N GLN A 111 -3.92 -9.86 -2.71
CA GLN A 111 -4.14 -10.88 -3.69
C GLN A 111 -3.77 -10.31 -5.06
N ILE A 112 -2.95 -11.05 -5.76
CA ILE A 112 -2.47 -10.67 -7.07
C ILE A 112 -3.25 -11.40 -8.15
N LYS A 113 -3.71 -10.64 -9.11
CA LYS A 113 -4.46 -11.15 -10.22
C LYS A 113 -4.27 -10.18 -11.36
N ASN A 114 -3.97 -10.70 -12.55
CA ASN A 114 -3.85 -9.89 -13.79
C ASN A 114 -2.79 -8.83 -13.68
N GLN A 115 -1.72 -9.20 -13.00
CA GLN A 115 -0.51 -8.37 -12.83
C GLN A 115 -0.81 -7.14 -11.99
N LYS A 116 -1.77 -7.26 -11.16
CA LYS A 116 -2.14 -6.19 -10.32
C LYS A 116 -2.75 -6.72 -9.04
N ILE A 117 -2.87 -5.85 -8.06
CA ILE A 117 -3.53 -6.19 -6.84
C ILE A 117 -5.01 -6.12 -7.09
N THR A 118 -5.66 -7.17 -6.82
CA THR A 118 -7.07 -7.22 -7.05
C THR A 118 -7.82 -7.02 -5.74
N GLN A 119 -7.14 -7.25 -4.64
CA GLN A 119 -7.71 -7.14 -3.33
C GLN A 119 -6.61 -7.01 -2.30
N ARG A 120 -6.73 -6.04 -1.43
CA ARG A 120 -5.82 -5.88 -0.35
C ARG A 120 -6.63 -5.79 0.93
N THR A 121 -6.14 -6.28 1.99
CA THR A 121 -6.84 -6.17 3.25
C THR A 121 -5.84 -6.08 4.37
N THR A 122 -5.96 -5.05 5.18
CA THR A 122 -5.09 -4.89 6.29
C THR A 122 -5.41 -5.95 7.33
N ILE A 123 -4.39 -6.54 7.86
CA ILE A 123 -4.55 -7.58 8.84
C ILE A 123 -3.84 -7.14 10.10
N GLN A 124 -4.01 -7.86 11.17
CA GLN A 124 -3.36 -7.53 12.40
C GLN A 124 -2.97 -8.86 13.03
N LEU A 125 -1.85 -8.90 13.71
CA LEU A 125 -1.36 -10.15 14.28
C LEU A 125 -1.80 -10.36 15.72
N GLY A 126 -1.99 -9.30 16.45
CA GLY A 126 -2.37 -9.43 17.85
C GLY A 126 -1.25 -8.95 18.73
N GLU A 127 -0.04 -9.35 18.36
CA GLU A 127 1.16 -8.84 18.97
C GLU A 127 1.37 -7.46 18.34
N GLU A 128 1.13 -7.46 17.05
CA GLU A 128 0.99 -6.29 16.26
C GLU A 128 -0.24 -6.58 15.43
N SER A 1 6.10 -12.01 -17.35
CA SER A 1 4.91 -11.21 -17.53
C SER A 1 3.73 -12.13 -17.77
N ASN A 2 3.27 -12.70 -16.68
CA ASN A 2 2.14 -13.64 -16.69
C ASN A 2 1.78 -13.96 -15.26
N THR A 3 2.31 -13.16 -14.38
CA THR A 3 2.29 -13.35 -12.98
C THR A 3 3.08 -14.49 -12.49
N ASN A 4 3.91 -14.14 -11.59
CA ASN A 4 4.77 -15.00 -10.95
C ASN A 4 4.99 -14.39 -9.62
N GLN A 5 5.55 -15.13 -8.72
CA GLN A 5 5.81 -14.71 -7.36
C GLN A 5 6.54 -13.37 -7.31
N SER A 6 7.62 -13.24 -8.04
CA SER A 6 8.39 -12.02 -8.01
C SER A 6 7.71 -10.86 -8.77
N GLU A 7 6.90 -11.17 -9.80
CA GLU A 7 6.16 -10.12 -10.49
C GLU A 7 5.14 -9.56 -9.53
N SER A 8 4.51 -10.46 -8.83
CA SER A 8 3.51 -10.15 -7.85
C SER A 8 4.06 -9.21 -6.78
N GLU A 9 5.23 -9.57 -6.21
CA GLU A 9 5.91 -8.72 -5.21
C GLU A 9 6.03 -7.35 -5.71
N LYS A 10 6.57 -7.29 -6.85
CA LYS A 10 6.98 -6.13 -7.57
C LYS A 10 5.79 -5.19 -7.79
N ILE A 11 4.62 -5.76 -8.00
CA ILE A 11 3.41 -4.98 -8.20
C ILE A 11 2.99 -4.37 -6.84
N ILE A 12 3.12 -5.19 -5.81
CA ILE A 12 2.84 -4.80 -4.45
C ILE A 12 3.83 -3.74 -4.01
N LYS A 13 5.08 -3.97 -4.36
CA LYS A 13 6.17 -3.10 -4.05
C LYS A 13 5.98 -1.75 -4.65
N GLU A 14 5.58 -1.70 -5.92
CA GLU A 14 5.30 -0.44 -6.55
C GLU A 14 4.09 0.22 -5.88
N PHE A 15 3.06 -0.58 -5.55
CA PHE A 15 1.83 -0.08 -4.92
C PHE A 15 2.18 0.65 -3.63
N TYR A 16 2.90 -0.03 -2.77
CA TYR A 16 3.29 0.53 -1.48
C TYR A 16 4.26 1.68 -1.64
N LYS A 17 5.22 1.53 -2.55
CA LYS A 17 6.19 2.53 -2.81
C LYS A 17 5.56 3.78 -3.37
N THR A 18 4.46 3.64 -4.04
CA THR A 18 3.76 4.78 -4.55
C THR A 18 2.93 5.41 -3.41
N VAL A 19 2.00 4.63 -2.86
CA VAL A 19 1.03 5.17 -1.91
C VAL A 19 1.61 5.62 -0.59
N TYR A 20 2.75 5.11 -0.26
CA TYR A 20 3.40 5.48 0.98
C TYR A 20 4.71 6.21 0.78
N ASN A 21 4.89 6.84 -0.38
CA ASN A 21 6.07 7.70 -0.60
C ASN A 21 5.68 9.03 -1.08
N TYR A 22 5.67 9.95 -0.19
CA TYR A 22 5.32 11.30 -0.54
C TYR A 22 5.91 12.29 0.41
N GLU A 23 5.58 13.49 0.16
CA GLU A 23 6.00 14.58 0.89
C GLU A 23 5.04 15.02 1.93
N LYS A 24 3.88 15.37 1.51
CA LYS A 24 2.99 16.01 2.43
C LYS A 24 1.60 15.43 2.30
N SER A 25 1.27 14.94 1.13
CA SER A 25 -0.04 14.39 0.89
C SER A 25 0.02 13.19 -0.06
N GLN A 26 -0.86 12.23 0.15
CA GLN A 26 -0.93 11.03 -0.68
C GLN A 26 -1.51 11.37 -2.06
N LYS A 27 -1.98 12.58 -2.21
CA LYS A 27 -2.51 13.04 -3.49
C LYS A 27 -1.37 13.44 -4.46
N GLU A 28 -0.13 13.49 -3.96
CA GLU A 28 1.05 13.88 -4.75
C GLU A 28 1.61 12.68 -5.56
N ILE A 29 1.26 11.48 -5.13
CA ILE A 29 1.90 10.23 -5.65
C ILE A 29 1.39 9.78 -7.03
N SER A 30 0.43 10.50 -7.60
CA SER A 30 -0.19 10.14 -8.89
C SER A 30 -1.08 8.88 -8.79
N MET A 31 -2.39 9.11 -8.72
CA MET A 31 -3.38 8.04 -8.61
C MET A 31 -3.48 7.17 -9.84
N THR A 32 -2.85 7.58 -10.92
CA THR A 32 -2.83 6.75 -12.10
C THR A 32 -1.93 5.57 -11.84
N THR A 33 -0.82 5.81 -11.14
CA THR A 33 0.18 4.79 -10.88
C THR A 33 -0.44 3.61 -10.11
N VAL A 34 -1.19 3.93 -9.07
CA VAL A 34 -1.87 2.94 -8.26
C VAL A 34 -2.93 2.17 -9.08
N LYS A 35 -3.51 2.83 -10.03
CA LYS A 35 -4.52 2.31 -10.83
C LYS A 35 -3.95 1.27 -11.83
N GLU A 36 -2.70 1.40 -12.13
CA GLU A 36 -2.02 0.48 -13.03
C GLU A 36 -1.63 -0.76 -12.25
N LEU A 37 -1.26 -0.55 -11.03
CA LEU A 37 -0.80 -1.58 -10.11
C LEU A 37 -1.97 -2.33 -9.48
N ALA A 38 -3.08 -1.68 -9.31
CA ALA A 38 -4.21 -2.29 -8.62
C ALA A 38 -5.50 -2.14 -9.40
N THR A 39 -6.47 -2.99 -9.11
CA THR A 39 -7.76 -2.92 -9.76
C THR A 39 -8.57 -1.76 -9.19
N ASP A 40 -9.72 -1.50 -9.79
CA ASP A 40 -10.61 -0.41 -9.39
C ASP A 40 -10.97 -0.50 -7.92
N ASN A 41 -11.30 -1.71 -7.48
CA ASN A 41 -11.74 -1.95 -6.10
C ASN A 41 -10.71 -1.44 -5.09
N VAL A 42 -9.49 -1.88 -5.26
CA VAL A 42 -8.40 -1.49 -4.41
C VAL A 42 -7.96 -0.05 -4.66
N TYR A 43 -8.09 0.39 -5.88
CA TYR A 43 -7.83 1.77 -6.24
C TYR A 43 -8.77 2.72 -5.48
N GLN A 44 -10.07 2.40 -5.50
CA GLN A 44 -11.05 3.26 -4.86
C GLN A 44 -10.90 3.30 -3.34
N GLU A 45 -10.63 2.15 -2.72
CA GLU A 45 -10.43 2.12 -1.25
C GLU A 45 -9.17 2.90 -0.89
N LEU A 46 -8.18 2.84 -1.75
CA LEU A 46 -6.94 3.52 -1.55
C LEU A 46 -7.14 5.01 -1.65
N GLN A 47 -7.79 5.46 -2.69
CA GLN A 47 -8.01 6.88 -2.82
C GLN A 47 -8.93 7.40 -1.72
N ASN A 48 -9.74 6.51 -1.19
CA ASN A 48 -10.60 6.80 -0.08
C ASN A 48 -9.80 7.09 1.17
N GLU A 49 -8.83 6.21 1.52
CA GLU A 49 -7.99 6.44 2.70
C GLU A 49 -7.24 7.75 2.52
N ILE A 50 -6.77 7.96 1.30
CA ILE A 50 -6.04 9.13 0.94
C ILE A 50 -6.86 10.37 1.16
N ASN A 51 -8.06 10.40 0.65
CA ASN A 51 -8.86 11.58 0.74
C ASN A 51 -9.16 12.00 2.14
N VAL A 52 -9.50 11.04 2.98
CA VAL A 52 -9.82 11.36 4.36
C VAL A 52 -8.55 11.73 5.15
N ASN A 53 -7.43 11.15 4.76
CA ASN A 53 -6.17 11.38 5.43
C ASN A 53 -5.55 12.71 5.03
N ASN A 54 -5.77 13.07 3.79
CA ASN A 54 -5.22 14.30 3.26
C ASN A 54 -6.10 15.46 3.60
N SER A 55 -7.36 15.23 3.57
CA SER A 55 -8.31 16.25 3.80
C SER A 55 -9.27 15.82 4.89
N TYR A 56 -8.98 16.22 6.09
CA TYR A 56 -9.81 15.87 7.23
C TYR A 56 -11.00 16.82 7.27
N SER A 57 -10.69 18.07 7.07
CA SER A 57 -11.65 19.13 7.08
C SER A 57 -10.93 20.36 6.54
N PRO A 58 -11.63 21.45 6.16
CA PRO A 58 -10.96 22.67 5.65
C PRO A 58 -10.15 23.40 6.74
N GLN A 59 -10.34 22.99 7.96
CA GLN A 59 -9.65 23.60 9.08
C GLN A 59 -8.49 22.74 9.60
N GLN A 60 -8.50 21.45 9.27
CA GLN A 60 -7.45 20.58 9.74
C GLN A 60 -6.59 20.11 8.60
N ASN A 61 -5.35 20.37 8.73
CA ASN A 61 -4.38 19.97 7.77
C ASN A 61 -3.08 19.84 8.56
N THR A 62 -2.17 19.06 8.08
CA THR A 62 -0.96 18.79 8.79
C THR A 62 0.04 18.12 7.85
N ILE A 63 1.31 18.29 8.13
CA ILE A 63 2.35 17.71 7.32
C ILE A 63 2.46 16.23 7.62
N GLN A 64 2.57 15.44 6.59
CA GLN A 64 2.68 14.04 6.67
C GLN A 64 3.70 13.59 5.69
N LYS A 65 4.76 13.07 6.17
CA LYS A 65 5.80 12.59 5.31
C LYS A 65 5.79 11.13 5.39
N SER A 66 5.77 10.48 4.27
CA SER A 66 5.75 9.06 4.27
C SER A 66 6.72 8.56 3.26
N SER A 67 7.36 7.48 3.57
CA SER A 67 8.33 6.85 2.72
C SER A 67 8.47 5.39 3.12
N VAL A 68 8.76 4.54 2.17
CA VAL A 68 8.91 3.12 2.43
C VAL A 68 9.97 2.53 1.49
N ASN A 69 10.87 1.76 2.06
CA ASN A 69 11.89 1.07 1.29
C ASN A 69 11.29 -0.15 0.64
N GLU A 70 11.27 -0.16 -0.67
CA GLU A 70 10.75 -1.26 -1.46
C GLU A 70 11.52 -2.57 -1.24
N ASN A 71 12.72 -2.48 -0.70
CA ASN A 71 13.54 -3.67 -0.45
C ASN A 71 13.23 -4.20 0.91
N GLU A 72 12.48 -3.42 1.66
CA GLU A 72 12.16 -3.74 3.02
C GLU A 72 10.70 -4.22 3.08
N ILE A 73 10.09 -4.25 1.91
CA ILE A 73 8.76 -4.73 1.79
C ILE A 73 8.83 -6.22 1.77
N LYS A 74 8.51 -6.78 2.88
CA LYS A 74 8.60 -8.19 3.08
C LYS A 74 7.32 -8.85 2.66
N ILE A 75 7.41 -9.57 1.59
CA ILE A 75 6.29 -10.24 1.01
C ILE A 75 6.47 -11.73 1.12
N LEU A 76 5.49 -12.37 1.66
CA LEU A 76 5.52 -13.78 1.85
C LEU A 76 4.39 -14.37 1.03
N ALA A 77 4.75 -15.15 0.02
CA ALA A 77 3.77 -15.83 -0.81
C ALA A 77 2.98 -16.78 0.06
N TYR A 78 1.70 -16.57 0.16
CA TYR A 78 0.90 -17.34 1.06
C TYR A 78 0.02 -18.21 0.26
N GLU A 79 0.27 -19.46 0.37
CA GLU A 79 -0.37 -20.40 -0.45
C GLU A 79 -1.74 -20.76 0.02
N SER A 80 -2.63 -20.49 -0.86
CA SER A 80 -4.02 -20.77 -0.82
C SER A 80 -4.42 -20.56 -2.26
N LYS A 81 -5.36 -21.29 -2.76
CA LYS A 81 -5.67 -21.15 -4.16
C LYS A 81 -7.09 -20.76 -4.33
N ASP A 82 -7.29 -19.48 -4.24
CA ASP A 82 -8.59 -18.81 -4.39
C ASP A 82 -8.82 -18.53 -5.86
N ASN A 83 -8.14 -19.33 -6.70
CA ASN A 83 -8.04 -19.14 -8.15
C ASN A 83 -7.15 -17.93 -8.45
N SER A 84 -6.63 -17.36 -7.40
CA SER A 84 -5.78 -16.22 -7.45
C SER A 84 -4.58 -16.44 -6.52
N GLN A 85 -3.81 -15.41 -6.24
CA GLN A 85 -2.58 -15.56 -5.50
C GLN A 85 -2.55 -14.63 -4.28
N GLN A 86 -2.46 -15.20 -3.10
CA GLN A 86 -2.38 -14.47 -1.86
C GLN A 86 -0.90 -14.22 -1.49
N TYR A 87 -0.60 -12.98 -1.20
CA TYR A 87 0.73 -12.58 -0.80
C TYR A 87 0.62 -11.77 0.47
N LEU A 88 1.29 -12.19 1.50
CA LEU A 88 1.27 -11.49 2.74
C LEU A 88 2.29 -10.39 2.63
N VAL A 89 1.92 -9.21 2.98
CA VAL A 89 2.79 -8.10 2.82
C VAL A 89 3.01 -7.40 4.15
N THR A 90 4.24 -7.15 4.47
CA THR A 90 4.60 -6.45 5.66
C THR A 90 5.67 -5.40 5.30
N ALA A 91 5.35 -4.14 5.52
CA ALA A 91 6.25 -3.07 5.13
C ALA A 91 6.24 -1.94 6.16
N PRO A 92 7.43 -1.47 6.56
CA PRO A 92 7.56 -0.35 7.45
C PRO A 92 7.36 0.96 6.72
N ILE A 93 6.58 1.80 7.30
CA ILE A 93 6.31 3.06 6.71
C ILE A 93 6.95 4.11 7.58
N HIS A 94 7.87 4.81 6.99
CA HIS A 94 8.61 5.84 7.67
C HIS A 94 7.89 7.15 7.53
N GLN A 95 7.17 7.51 8.55
CA GLN A 95 6.38 8.69 8.49
C GLN A 95 6.80 9.75 9.46
N VAL A 96 6.31 10.93 9.22
CA VAL A 96 6.43 12.00 10.13
C VAL A 96 5.10 12.70 10.11
N PHE A 97 4.63 13.05 11.24
CA PHE A 97 3.39 13.67 11.39
C PHE A 97 3.63 15.00 12.01
N ASN A 98 3.50 16.02 11.20
CA ASN A 98 3.73 17.42 11.55
C ASN A 98 5.16 17.59 12.08
N GLY A 99 6.08 16.82 11.48
CA GLY A 99 7.49 16.87 11.85
C GLY A 99 7.87 15.75 12.78
N THR A 100 6.90 15.24 13.45
CA THR A 100 7.08 14.22 14.46
C THR A 100 7.14 12.88 13.86
N LYS A 101 8.14 12.19 14.23
CA LYS A 101 8.44 10.96 13.70
C LYS A 101 7.48 9.90 14.15
N ASN A 102 7.10 9.07 13.21
CA ASN A 102 6.25 7.96 13.45
C ASN A 102 6.62 6.88 12.43
N ASP A 103 7.26 5.86 12.89
CA ASP A 103 7.74 4.80 12.04
C ASP A 103 7.13 3.51 12.52
N PHE A 104 6.42 2.84 11.66
CA PHE A 104 5.67 1.66 12.05
C PHE A 104 5.61 0.69 10.88
N GLU A 105 5.30 -0.55 11.15
CA GLU A 105 5.21 -1.53 10.09
C GLU A 105 3.79 -1.97 9.92
N ILE A 106 3.33 -1.98 8.70
CA ILE A 106 1.99 -2.40 8.43
C ILE A 106 2.03 -3.77 7.81
N ASN A 107 1.00 -4.50 8.02
CA ASN A 107 0.87 -5.78 7.47
C ASN A 107 -0.51 -5.94 6.90
N GLN A 108 -0.56 -6.23 5.64
CA GLN A 108 -1.81 -6.44 4.95
C GLN A 108 -1.60 -7.56 3.96
N LEU A 109 -2.59 -8.36 3.74
CA LEU A 109 -2.44 -9.39 2.76
C LEU A 109 -2.95 -8.84 1.43
N ILE A 110 -2.25 -9.13 0.39
CA ILE A 110 -2.60 -8.67 -0.93
C ILE A 110 -2.80 -9.85 -1.85
N GLN A 111 -3.87 -9.83 -2.57
CA GLN A 111 -4.10 -10.82 -3.55
C GLN A 111 -3.79 -10.25 -4.93
N ILE A 112 -2.94 -10.96 -5.65
CA ILE A 112 -2.48 -10.56 -6.97
C ILE A 112 -3.20 -11.34 -8.05
N LYS A 113 -3.69 -10.60 -9.02
CA LYS A 113 -4.36 -11.14 -10.15
C LYS A 113 -4.29 -10.12 -11.26
N ASN A 114 -4.06 -10.58 -12.48
CA ASN A 114 -4.01 -9.74 -13.70
C ASN A 114 -2.94 -8.72 -13.63
N GLN A 115 -1.82 -9.11 -13.01
CA GLN A 115 -0.62 -8.27 -12.89
C GLN A 115 -0.94 -7.07 -12.05
N LYS A 116 -1.92 -7.21 -11.20
CA LYS A 116 -2.37 -6.13 -10.41
C LYS A 116 -2.76 -6.67 -9.05
N ILE A 117 -3.00 -5.77 -8.16
CA ILE A 117 -3.58 -6.12 -6.89
C ILE A 117 -5.05 -6.14 -7.13
N THR A 118 -5.68 -7.18 -6.75
CA THR A 118 -7.08 -7.29 -6.98
C THR A 118 -7.84 -7.11 -5.67
N GLN A 119 -7.14 -7.23 -4.55
CA GLN A 119 -7.74 -7.12 -3.23
C GLN A 119 -6.65 -7.04 -2.18
N ARG A 120 -6.77 -6.13 -1.25
CA ARG A 120 -5.87 -6.06 -0.14
C ARG A 120 -6.70 -5.93 1.12
N THR A 121 -6.23 -6.46 2.20
CA THR A 121 -6.93 -6.32 3.45
C THR A 121 -5.93 -6.24 4.59
N THR A 122 -6.13 -5.30 5.49
CA THR A 122 -5.23 -5.13 6.60
C THR A 122 -5.36 -6.31 7.55
N ILE A 123 -4.26 -6.73 8.06
CA ILE A 123 -4.17 -7.83 8.96
C ILE A 123 -3.43 -7.38 10.20
N GLN A 124 -3.39 -8.23 11.19
CA GLN A 124 -2.65 -7.97 12.39
C GLN A 124 -2.15 -9.32 12.82
N LEU A 125 -0.95 -9.41 13.28
CA LEU A 125 -0.42 -10.68 13.75
C LEU A 125 -0.71 -10.84 15.23
N GLY A 126 -0.34 -9.84 15.98
CA GLY A 126 -0.51 -9.84 17.40
C GLY A 126 0.82 -9.82 18.09
N GLU A 127 1.80 -9.38 17.36
CA GLU A 127 3.18 -9.28 17.82
C GLU A 127 3.63 -7.82 17.67
N GLU A 128 2.68 -6.99 17.27
CA GLU A 128 2.90 -5.59 17.04
C GLU A 128 2.31 -4.81 18.21
N SER A 1 4.25 -10.18 -17.33
CA SER A 1 4.24 -11.13 -18.43
C SER A 1 3.37 -12.34 -18.08
N ASN A 2 3.36 -12.69 -16.82
CA ASN A 2 2.61 -13.80 -16.28
C ASN A 2 2.67 -13.61 -14.80
N THR A 3 2.11 -14.47 -14.04
CA THR A 3 2.26 -14.33 -12.66
C THR A 3 3.27 -15.23 -12.14
N ASN A 4 3.92 -14.72 -11.18
CA ASN A 4 4.99 -15.34 -10.57
C ASN A 4 5.22 -14.59 -9.32
N GLN A 5 5.93 -15.16 -8.41
CA GLN A 5 6.24 -14.56 -7.14
C GLN A 5 6.81 -13.14 -7.30
N SER A 6 7.84 -13.02 -8.09
CA SER A 6 8.49 -11.73 -8.28
C SER A 6 7.66 -10.76 -9.16
N GLU A 7 6.84 -11.31 -10.06
CA GLU A 7 5.94 -10.52 -10.85
C GLU A 7 4.92 -9.88 -9.95
N SER A 8 4.38 -10.67 -9.08
CA SER A 8 3.45 -10.23 -8.10
C SER A 8 4.11 -9.25 -7.12
N GLU A 9 5.35 -9.57 -6.72
CA GLU A 9 6.12 -8.76 -5.78
C GLU A 9 6.25 -7.35 -6.25
N LYS A 10 6.61 -7.20 -7.50
CA LYS A 10 6.90 -5.90 -8.07
C LYS A 10 5.65 -5.00 -8.01
N ILE A 11 4.49 -5.61 -8.19
CA ILE A 11 3.22 -4.89 -8.20
C ILE A 11 2.93 -4.39 -6.79
N ILE A 12 3.21 -5.23 -5.84
CA ILE A 12 3.03 -4.93 -4.43
C ILE A 12 4.02 -3.84 -4.03
N LYS A 13 5.27 -4.02 -4.45
CA LYS A 13 6.32 -3.08 -4.13
C LYS A 13 5.99 -1.72 -4.63
N GLU A 14 5.57 -1.63 -5.88
CA GLU A 14 5.22 -0.37 -6.46
C GLU A 14 4.02 0.25 -5.74
N PHE A 15 3.00 -0.56 -5.41
CA PHE A 15 1.78 -0.07 -4.72
C PHE A 15 2.16 0.64 -3.44
N TYR A 16 2.91 -0.05 -2.62
CA TYR A 16 3.31 0.48 -1.33
C TYR A 16 4.30 1.61 -1.48
N LYS A 17 5.27 1.46 -2.38
CA LYS A 17 6.23 2.48 -2.61
C LYS A 17 5.59 3.74 -3.16
N THR A 18 4.49 3.60 -3.85
CA THR A 18 3.79 4.74 -4.34
C THR A 18 2.97 5.37 -3.21
N VAL A 19 2.05 4.59 -2.62
CA VAL A 19 1.14 5.15 -1.64
C VAL A 19 1.80 5.55 -0.33
N TYR A 20 2.84 4.89 0.03
CA TYR A 20 3.52 5.22 1.25
C TYR A 20 4.76 6.05 1.04
N ASN A 21 4.89 6.70 -0.11
CA ASN A 21 5.98 7.63 -0.33
C ASN A 21 5.47 8.95 -0.77
N TYR A 22 5.45 9.85 0.14
CA TYR A 22 5.05 11.18 -0.17
C TYR A 22 5.63 12.18 0.75
N GLU A 23 5.36 13.39 0.41
CA GLU A 23 5.86 14.48 1.07
C GLU A 23 4.95 15.08 2.07
N LYS A 24 3.82 15.50 1.64
CA LYS A 24 2.99 16.26 2.52
C LYS A 24 1.58 15.76 2.45
N SER A 25 1.18 15.30 1.29
CA SER A 25 -0.11 14.77 1.07
C SER A 25 -0.02 13.58 0.13
N GLN A 26 -0.75 12.54 0.44
CA GLN A 26 -0.69 11.34 -0.36
C GLN A 26 -1.36 11.55 -1.73
N LYS A 27 -2.01 12.68 -1.91
CA LYS A 27 -2.61 13.06 -3.18
C LYS A 27 -1.50 13.28 -4.27
N GLU A 28 -0.25 13.54 -3.80
CA GLU A 28 0.92 13.86 -4.66
C GLU A 28 1.46 12.63 -5.45
N ILE A 29 1.09 11.43 -5.03
CA ILE A 29 1.72 10.18 -5.53
C ILE A 29 1.24 9.71 -6.92
N SER A 30 0.38 10.48 -7.59
CA SER A 30 -0.16 10.10 -8.90
C SER A 30 -1.07 8.84 -8.83
N MET A 31 -2.35 9.10 -8.69
CA MET A 31 -3.35 8.06 -8.51
C MET A 31 -3.59 7.21 -9.75
N THR A 32 -2.99 7.56 -10.85
CA THR A 32 -3.12 6.75 -12.05
C THR A 32 -2.23 5.52 -11.90
N THR A 33 -1.10 5.69 -11.23
CA THR A 33 -0.12 4.64 -11.09
C THR A 33 -0.67 3.50 -10.21
N VAL A 34 -1.36 3.86 -9.15
CA VAL A 34 -2.00 2.86 -8.30
C VAL A 34 -3.07 2.07 -9.07
N LYS A 35 -3.73 2.74 -10.01
CA LYS A 35 -4.71 2.15 -10.86
C LYS A 35 -4.09 1.12 -11.84
N GLU A 36 -2.83 1.27 -12.11
CA GLU A 36 -2.15 0.39 -13.02
C GLU A 36 -1.69 -0.86 -12.26
N LEU A 37 -1.42 -0.67 -11.01
CA LEU A 37 -0.93 -1.72 -10.13
C LEU A 37 -2.09 -2.51 -9.52
N ALA A 38 -3.16 -1.83 -9.25
CA ALA A 38 -4.26 -2.42 -8.57
C ALA A 38 -5.52 -2.24 -9.36
N THR A 39 -6.49 -3.09 -9.15
CA THR A 39 -7.75 -2.99 -9.82
C THR A 39 -8.51 -1.78 -9.34
N ASP A 40 -9.43 -1.30 -10.14
CA ASP A 40 -10.23 -0.13 -9.81
C ASP A 40 -10.92 -0.19 -8.46
N ASN A 41 -11.29 -1.38 -8.00
CA ASN A 41 -11.91 -1.51 -6.67
C ASN A 41 -10.92 -1.10 -5.56
N VAL A 42 -9.73 -1.70 -5.59
CA VAL A 42 -8.69 -1.39 -4.58
C VAL A 42 -8.10 0.00 -4.80
N TYR A 43 -8.09 0.41 -6.02
CA TYR A 43 -7.68 1.74 -6.39
C TYR A 43 -8.60 2.81 -5.77
N GLN A 44 -9.91 2.62 -5.90
CA GLN A 44 -10.86 3.62 -5.42
C GLN A 44 -10.89 3.71 -3.90
N GLU A 45 -10.79 2.57 -3.24
CA GLU A 45 -10.76 2.56 -1.77
C GLU A 45 -9.50 3.28 -1.27
N LEU A 46 -8.40 3.09 -1.99
CA LEU A 46 -7.13 3.71 -1.67
C LEU A 46 -7.23 5.21 -1.81
N GLN A 47 -7.74 5.68 -2.93
CA GLN A 47 -7.83 7.12 -3.12
C GLN A 47 -8.81 7.77 -2.16
N ASN A 48 -9.81 7.02 -1.78
CA ASN A 48 -10.78 7.48 -0.82
C ASN A 48 -10.16 7.61 0.56
N GLU A 49 -9.40 6.59 0.99
CA GLU A 49 -8.74 6.64 2.28
C GLU A 49 -7.70 7.75 2.30
N ILE A 50 -7.03 7.94 1.17
CA ILE A 50 -6.08 9.04 0.98
C ILE A 50 -6.77 10.36 1.25
N ASN A 51 -7.92 10.53 0.66
CA ASN A 51 -8.59 11.80 0.70
C ASN A 51 -8.97 12.18 2.12
N VAL A 52 -9.48 11.22 2.87
CA VAL A 52 -9.88 11.50 4.25
C VAL A 52 -8.65 11.59 5.17
N ASN A 53 -7.59 10.90 4.80
CA ASN A 53 -6.32 10.94 5.53
C ASN A 53 -5.64 12.29 5.34
N ASN A 54 -5.78 12.85 4.17
CA ASN A 54 -5.20 14.13 3.84
C ASN A 54 -6.10 15.27 4.32
N SER A 55 -7.34 15.21 3.92
CA SER A 55 -8.26 16.25 4.20
C SER A 55 -9.29 15.77 5.20
N TYR A 56 -9.07 16.15 6.44
CA TYR A 56 -9.98 15.79 7.51
C TYR A 56 -11.15 16.75 7.48
N SER A 57 -10.83 17.95 7.17
CA SER A 57 -11.76 19.03 7.04
C SER A 57 -11.17 19.97 6.01
N PRO A 58 -11.98 20.79 5.31
CA PRO A 58 -11.45 21.74 4.30
C PRO A 58 -10.57 22.83 4.93
N GLN A 59 -10.64 22.91 6.23
CA GLN A 59 -9.91 23.90 7.00
C GLN A 59 -8.81 23.22 7.82
N GLN A 60 -8.50 21.98 7.50
CA GLN A 60 -7.49 21.26 8.24
C GLN A 60 -6.57 20.56 7.29
N ASN A 61 -5.31 20.74 7.50
CA ASN A 61 -4.30 20.10 6.71
C ASN A 61 -3.06 20.11 7.59
N THR A 62 -2.16 19.22 7.36
CA THR A 62 -1.00 19.07 8.15
C THR A 62 0.01 18.25 7.38
N ILE A 63 1.28 18.41 7.70
CA ILE A 63 2.33 17.74 6.98
C ILE A 63 2.38 16.27 7.36
N GLN A 64 2.40 15.44 6.38
CA GLN A 64 2.48 14.02 6.54
C GLN A 64 3.55 13.54 5.63
N LYS A 65 4.56 13.02 6.18
CA LYS A 65 5.63 12.50 5.39
C LYS A 65 5.61 11.05 5.52
N SER A 66 5.66 10.37 4.43
CA SER A 66 5.67 8.95 4.47
C SER A 66 6.67 8.47 3.48
N SER A 67 7.42 7.47 3.85
CA SER A 67 8.39 6.89 2.96
C SER A 67 8.60 5.42 3.33
N VAL A 68 8.89 4.61 2.33
CA VAL A 68 9.12 3.18 2.50
C VAL A 68 10.11 2.69 1.44
N ASN A 69 11.02 1.84 1.84
CA ASN A 69 11.93 1.22 0.92
C ASN A 69 11.33 -0.05 0.37
N GLU A 70 11.28 -0.14 -0.94
CA GLU A 70 10.75 -1.30 -1.65
C GLU A 70 11.53 -2.58 -1.31
N ASN A 71 12.81 -2.43 -1.03
CA ASN A 71 13.67 -3.57 -0.71
C ASN A 71 13.58 -3.94 0.75
N GLU A 72 12.69 -3.27 1.43
CA GLU A 72 12.41 -3.49 2.83
C GLU A 72 11.00 -4.03 2.99
N ILE A 73 10.36 -4.26 1.86
CA ILE A 73 9.04 -4.79 1.86
C ILE A 73 9.12 -6.30 1.90
N LYS A 74 8.74 -6.85 3.02
CA LYS A 74 8.81 -8.27 3.25
C LYS A 74 7.53 -8.90 2.71
N ILE A 75 7.68 -9.65 1.65
CA ILE A 75 6.57 -10.29 0.98
C ILE A 75 6.64 -11.80 1.18
N LEU A 76 5.60 -12.36 1.70
CA LEU A 76 5.51 -13.78 1.93
C LEU A 76 4.37 -14.34 1.10
N ALA A 77 4.66 -15.36 0.32
CA ALA A 77 3.68 -15.95 -0.56
C ALA A 77 2.72 -16.82 0.23
N TYR A 78 1.47 -16.58 0.02
CA TYR A 78 0.38 -17.29 0.64
C TYR A 78 -0.53 -17.80 -0.46
N GLU A 79 -1.22 -18.82 -0.18
CA GLU A 79 -2.01 -19.45 -1.17
C GLU A 79 -3.49 -19.13 -1.06
N SER A 80 -4.07 -18.81 -2.18
CA SER A 80 -5.46 -18.53 -2.22
C SER A 80 -6.17 -19.71 -2.80
N LYS A 81 -7.43 -19.85 -2.48
CA LYS A 81 -8.17 -21.04 -2.81
C LYS A 81 -9.02 -20.89 -4.04
N ASP A 82 -8.93 -19.74 -4.62
CA ASP A 82 -9.64 -19.42 -5.89
C ASP A 82 -8.60 -19.36 -7.02
N ASN A 83 -7.40 -19.87 -6.69
CA ASN A 83 -6.24 -19.90 -7.60
C ASN A 83 -5.59 -18.52 -7.75
N SER A 84 -5.82 -17.63 -6.81
CA SER A 84 -5.11 -16.39 -6.79
C SER A 84 -3.85 -16.59 -6.02
N GLN A 85 -3.06 -15.60 -6.02
CA GLN A 85 -1.86 -15.65 -5.30
C GLN A 85 -1.93 -14.58 -4.25
N GLN A 86 -1.98 -15.01 -3.02
CA GLN A 86 -2.08 -14.15 -1.91
C GLN A 86 -0.68 -13.83 -1.44
N TYR A 87 -0.42 -12.62 -1.22
CA TYR A 87 0.87 -12.23 -0.80
C TYR A 87 0.76 -11.43 0.45
N LEU A 88 1.38 -11.92 1.46
CA LEU A 88 1.40 -11.29 2.72
C LEU A 88 2.46 -10.25 2.65
N VAL A 89 2.12 -9.07 3.00
CA VAL A 89 3.01 -7.97 2.86
C VAL A 89 3.24 -7.31 4.20
N THR A 90 4.47 -7.22 4.58
CA THR A 90 4.84 -6.57 5.78
C THR A 90 5.95 -5.55 5.47
N ALA A 91 5.69 -4.30 5.69
CA ALA A 91 6.64 -3.27 5.34
C ALA A 91 6.71 -2.17 6.40
N PRO A 92 7.92 -1.73 6.73
CA PRO A 92 8.14 -0.62 7.64
C PRO A 92 7.85 0.72 6.95
N ILE A 93 7.13 1.57 7.60
CA ILE A 93 6.80 2.84 7.04
C ILE A 93 7.30 3.91 7.98
N HIS A 94 8.04 4.85 7.45
CA HIS A 94 8.51 5.95 8.24
C HIS A 94 7.68 7.15 7.92
N GLN A 95 6.88 7.57 8.86
CA GLN A 95 5.99 8.67 8.68
C GLN A 95 6.28 9.78 9.64
N VAL A 96 5.87 10.97 9.29
CA VAL A 96 5.97 12.08 10.18
C VAL A 96 4.68 12.83 10.08
N PHE A 97 4.21 13.29 11.17
CA PHE A 97 3.03 14.00 11.24
C PHE A 97 3.34 15.33 11.86
N ASN A 98 3.32 16.34 11.02
CA ASN A 98 3.62 17.74 11.35
C ASN A 98 5.02 17.84 12.02
N GLY A 99 5.93 17.01 11.51
CA GLY A 99 7.31 17.01 12.01
C GLY A 99 7.58 15.87 12.98
N THR A 100 6.55 15.39 13.58
CA THR A 100 6.62 14.36 14.59
C THR A 100 6.59 13.00 13.92
N LYS A 101 7.53 12.19 14.27
CA LYS A 101 7.69 10.94 13.61
C LYS A 101 6.87 9.85 14.17
N ASN A 102 6.47 9.02 13.28
CA ASN A 102 5.75 7.84 13.55
C ASN A 102 6.35 6.76 12.67
N ASP A 103 7.09 5.90 13.29
CA ASP A 103 7.85 4.88 12.60
C ASP A 103 7.28 3.54 13.03
N PHE A 104 6.83 2.76 12.07
CA PHE A 104 6.12 1.52 12.39
C PHE A 104 6.19 0.54 11.24
N GLU A 105 5.67 -0.65 11.43
CA GLU A 105 5.66 -1.65 10.40
C GLU A 105 4.22 -2.09 10.19
N ILE A 106 3.84 -2.29 8.97
CA ILE A 106 2.47 -2.68 8.66
C ILE A 106 2.44 -4.07 8.09
N ASN A 107 1.32 -4.70 8.22
CA ASN A 107 1.09 -6.01 7.67
C ASN A 107 -0.28 -6.08 7.06
N GLN A 108 -0.30 -6.32 5.79
CA GLN A 108 -1.54 -6.44 5.04
C GLN A 108 -1.40 -7.56 4.05
N LEU A 109 -2.46 -8.21 3.69
CA LEU A 109 -2.37 -9.21 2.69
C LEU A 109 -2.90 -8.65 1.39
N ILE A 110 -2.21 -8.95 0.33
CA ILE A 110 -2.58 -8.52 -0.99
C ILE A 110 -2.84 -9.73 -1.86
N GLN A 111 -3.90 -9.70 -2.57
CA GLN A 111 -4.17 -10.74 -3.48
C GLN A 111 -3.87 -10.27 -4.90
N ILE A 112 -3.04 -11.03 -5.56
CA ILE A 112 -2.63 -10.73 -6.90
C ILE A 112 -3.41 -11.56 -7.90
N LYS A 113 -4.04 -10.88 -8.82
CA LYS A 113 -4.80 -11.48 -9.87
C LYS A 113 -4.79 -10.48 -11.02
N ASN A 114 -4.63 -10.97 -12.24
CA ASN A 114 -4.57 -10.12 -13.47
C ASN A 114 -3.40 -9.17 -13.45
N GLN A 115 -2.25 -9.61 -12.88
CA GLN A 115 -1.03 -8.77 -12.81
C GLN A 115 -1.30 -7.52 -12.01
N LYS A 116 -2.26 -7.60 -11.17
CA LYS A 116 -2.66 -6.49 -10.42
C LYS A 116 -3.04 -6.95 -9.05
N ILE A 117 -3.17 -6.01 -8.20
CA ILE A 117 -3.70 -6.23 -6.91
C ILE A 117 -5.19 -6.16 -7.06
N THR A 118 -5.85 -7.20 -6.71
CA THR A 118 -7.27 -7.25 -6.86
C THR A 118 -7.94 -7.04 -5.49
N GLN A 119 -7.16 -7.23 -4.44
CA GLN A 119 -7.63 -7.11 -3.09
C GLN A 119 -6.46 -6.84 -2.17
N ARG A 120 -6.67 -5.97 -1.23
CA ARG A 120 -5.71 -5.72 -0.20
C ARG A 120 -6.51 -5.57 1.10
N THR A 121 -6.03 -6.11 2.15
CA THR A 121 -6.68 -5.94 3.43
C THR A 121 -5.66 -5.95 4.55
N THR A 122 -5.75 -4.98 5.44
CA THR A 122 -4.88 -4.89 6.58
C THR A 122 -5.14 -6.07 7.53
N ILE A 123 -4.08 -6.60 8.06
CA ILE A 123 -4.14 -7.76 8.93
C ILE A 123 -3.25 -7.58 10.13
N GLN A 124 -3.36 -8.51 11.04
CA GLN A 124 -2.52 -8.58 12.19
C GLN A 124 -2.17 -10.05 12.33
N LEU A 125 -0.96 -10.35 12.75
CA LEU A 125 -0.50 -11.74 12.86
C LEU A 125 -0.64 -12.29 14.29
N GLY A 126 -1.02 -11.43 15.20
CA GLY A 126 -1.14 -11.81 16.58
C GLY A 126 -0.45 -10.81 17.44
N GLU A 127 -1.22 -9.89 17.96
CA GLU A 127 -0.73 -8.81 18.76
C GLU A 127 -1.77 -8.47 19.80
N GLU A 128 -1.49 -8.84 21.01
CA GLU A 128 -2.36 -8.65 22.13
C GLU A 128 -1.48 -8.46 23.34
N SER A 1 6.14 -11.31 -17.36
CA SER A 1 4.93 -10.86 -17.99
C SER A 1 4.01 -12.04 -18.21
N ASN A 2 3.18 -12.26 -17.23
CA ASN A 2 2.17 -13.32 -17.12
C ASN A 2 1.79 -13.28 -15.67
N THR A 3 2.76 -13.67 -14.86
CA THR A 3 2.83 -13.60 -13.42
C THR A 3 3.89 -14.51 -12.90
N ASN A 4 4.43 -14.12 -11.79
CA ASN A 4 5.42 -14.86 -11.08
C ASN A 4 5.53 -14.22 -9.75
N GLN A 5 6.17 -14.88 -8.82
CA GLN A 5 6.39 -14.38 -7.48
C GLN A 5 7.02 -12.98 -7.52
N SER A 6 8.08 -12.85 -8.30
CA SER A 6 8.81 -11.59 -8.43
C SER A 6 7.93 -10.48 -9.02
N GLU A 7 7.21 -10.81 -10.08
CA GLU A 7 6.27 -9.88 -10.70
C GLU A 7 5.25 -9.43 -9.68
N SER A 8 4.70 -10.38 -8.99
CA SER A 8 3.71 -10.14 -7.97
C SER A 8 4.28 -9.24 -6.89
N GLU A 9 5.49 -9.57 -6.43
CA GLU A 9 6.16 -8.79 -5.42
C GLU A 9 6.32 -7.39 -5.84
N LYS A 10 6.84 -7.22 -7.03
CA LYS A 10 7.16 -5.92 -7.51
C LYS A 10 5.90 -5.07 -7.62
N ILE A 11 4.77 -5.68 -7.99
CA ILE A 11 3.50 -4.94 -8.15
C ILE A 11 3.07 -4.41 -6.78
N ILE A 12 3.21 -5.26 -5.79
CA ILE A 12 2.92 -4.93 -4.42
C ILE A 12 3.88 -3.83 -3.96
N LYS A 13 5.13 -4.02 -4.30
CA LYS A 13 6.18 -3.08 -3.96
C LYS A 13 5.95 -1.75 -4.63
N GLU A 14 5.51 -1.74 -5.90
CA GLU A 14 5.21 -0.51 -6.60
C GLU A 14 4.06 0.17 -5.88
N PHE A 15 3.01 -0.62 -5.56
CA PHE A 15 1.79 -0.14 -4.89
C PHE A 15 2.14 0.60 -3.61
N TYR A 16 2.88 -0.06 -2.75
CA TYR A 16 3.28 0.49 -1.47
C TYR A 16 4.23 1.65 -1.64
N LYS A 17 5.23 1.48 -2.50
CA LYS A 17 6.20 2.50 -2.75
C LYS A 17 5.56 3.75 -3.33
N THR A 18 4.51 3.58 -4.04
CA THR A 18 3.80 4.70 -4.58
C THR A 18 2.95 5.35 -3.49
N VAL A 19 2.04 4.59 -2.90
CA VAL A 19 1.07 5.17 -1.99
C VAL A 19 1.63 5.62 -0.65
N TYR A 20 2.72 5.03 -0.26
CA TYR A 20 3.37 5.41 0.97
C TYR A 20 4.64 6.23 0.74
N ASN A 21 4.76 6.87 -0.41
CA ASN A 21 5.89 7.75 -0.66
C ASN A 21 5.45 9.06 -1.17
N TYR A 22 5.39 9.98 -0.30
CA TYR A 22 5.01 11.33 -0.64
C TYR A 22 5.61 12.25 0.35
N GLU A 23 5.48 13.49 0.11
CA GLU A 23 5.96 14.40 1.05
C GLU A 23 4.91 14.92 2.00
N LYS A 24 3.84 15.46 1.52
CA LYS A 24 2.92 16.06 2.46
C LYS A 24 1.49 15.53 2.30
N SER A 25 1.15 15.08 1.12
CA SER A 25 -0.18 14.56 0.86
C SER A 25 -0.15 13.39 -0.16
N GLN A 26 -0.90 12.30 0.12
CA GLN A 26 -0.93 11.11 -0.77
C GLN A 26 -1.37 11.38 -2.23
N LYS A 27 -1.83 12.57 -2.54
CA LYS A 27 -2.30 12.86 -3.90
C LYS A 27 -1.13 13.14 -4.87
N GLU A 28 0.06 13.33 -4.33
CA GLU A 28 1.28 13.64 -5.09
C GLU A 28 1.74 12.45 -5.96
N ILE A 29 1.41 11.27 -5.50
CA ILE A 29 1.97 10.00 -5.99
C ILE A 29 1.45 9.55 -7.38
N SER A 30 0.63 10.37 -8.03
CA SER A 30 0.04 10.02 -9.32
C SER A 30 -0.90 8.80 -9.19
N MET A 31 -2.15 9.09 -8.90
CA MET A 31 -3.18 8.08 -8.64
C MET A 31 -3.46 7.21 -9.87
N THR A 32 -3.06 7.64 -11.04
CA THR A 32 -3.29 6.86 -12.22
C THR A 32 -2.37 5.63 -12.23
N THR A 33 -1.18 5.76 -11.68
CA THR A 33 -0.20 4.69 -11.69
C THR A 33 -0.61 3.57 -10.74
N VAL A 34 -1.15 3.95 -9.60
CA VAL A 34 -1.62 2.96 -8.66
C VAL A 34 -2.82 2.19 -9.23
N LYS A 35 -3.63 2.84 -10.04
CA LYS A 35 -4.73 2.22 -10.72
C LYS A 35 -4.27 1.15 -11.73
N GLU A 36 -3.03 1.18 -12.10
CA GLU A 36 -2.49 0.23 -13.03
C GLU A 36 -1.98 -0.99 -12.24
N LEU A 37 -1.49 -0.70 -11.04
CA LEU A 37 -0.90 -1.69 -10.12
C LEU A 37 -1.99 -2.42 -9.34
N ALA A 38 -3.11 -1.79 -9.17
CA ALA A 38 -4.21 -2.35 -8.44
C ALA A 38 -5.46 -2.26 -9.26
N THR A 39 -6.47 -2.97 -8.90
CA THR A 39 -7.73 -2.86 -9.57
C THR A 39 -8.47 -1.64 -9.07
N ASP A 40 -9.50 -1.24 -9.78
CA ASP A 40 -10.31 -0.10 -9.41
C ASP A 40 -10.95 -0.22 -8.04
N ASN A 41 -11.29 -1.42 -7.61
CA ASN A 41 -11.88 -1.60 -6.28
C ASN A 41 -10.87 -1.22 -5.17
N VAL A 42 -9.64 -1.69 -5.28
CA VAL A 42 -8.61 -1.32 -4.30
C VAL A 42 -8.13 0.09 -4.50
N TYR A 43 -8.13 0.53 -5.72
CA TYR A 43 -7.79 1.87 -6.06
C TYR A 43 -8.79 2.86 -5.44
N GLN A 44 -10.07 2.56 -5.51
CA GLN A 44 -11.10 3.48 -5.02
C GLN A 44 -11.10 3.57 -3.50
N GLU A 45 -10.77 2.47 -2.82
CA GLU A 45 -10.67 2.51 -1.35
C GLU A 45 -9.41 3.30 -0.97
N LEU A 46 -8.38 3.13 -1.77
CA LEU A 46 -7.11 3.78 -1.56
C LEU A 46 -7.22 5.28 -1.74
N GLN A 47 -7.81 5.71 -2.84
CA GLN A 47 -7.97 7.13 -3.10
C GLN A 47 -8.81 7.81 -2.04
N ASN A 48 -9.69 7.05 -1.43
CA ASN A 48 -10.51 7.54 -0.35
C ASN A 48 -9.70 7.69 0.93
N GLU A 49 -8.77 6.77 1.14
CA GLU A 49 -7.77 6.83 2.18
C GLU A 49 -6.93 8.10 1.95
N ILE A 50 -6.44 8.21 0.74
CA ILE A 50 -5.66 9.34 0.26
C ILE A 50 -6.44 10.65 0.43
N ASN A 51 -7.74 10.55 0.30
CA ASN A 51 -8.59 11.72 0.35
C ASN A 51 -8.68 12.22 1.79
N VAL A 52 -8.91 11.31 2.74
CA VAL A 52 -9.02 11.70 4.16
C VAL A 52 -7.67 12.15 4.71
N ASN A 53 -6.62 11.59 4.11
CA ASN A 53 -5.24 11.95 4.41
C ASN A 53 -5.01 13.43 4.11
N ASN A 54 -5.56 13.89 3.01
CA ASN A 54 -5.40 15.28 2.60
C ASN A 54 -6.40 16.17 3.30
N SER A 55 -7.61 15.73 3.36
CA SER A 55 -8.64 16.51 3.95
C SER A 55 -9.43 15.71 4.94
N TYR A 56 -9.16 15.96 6.20
CA TYR A 56 -9.94 15.36 7.27
C TYR A 56 -11.21 16.18 7.36
N SER A 57 -11.01 17.42 7.13
CA SER A 57 -11.99 18.43 7.08
C SER A 57 -11.43 19.41 6.05
N PRO A 58 -12.25 20.22 5.36
CA PRO A 58 -11.76 21.10 4.28
C PRO A 58 -10.79 22.16 4.77
N GLN A 59 -10.78 22.41 6.05
CA GLN A 59 -9.89 23.37 6.63
C GLN A 59 -8.77 22.70 7.44
N GLN A 60 -8.64 21.38 7.35
CA GLN A 60 -7.63 20.71 8.16
C GLN A 60 -6.78 19.80 7.34
N ASN A 61 -5.51 20.03 7.43
CA ASN A 61 -4.49 19.26 6.80
C ASN A 61 -3.28 19.48 7.69
N THR A 62 -2.29 18.69 7.56
CA THR A 62 -1.13 18.74 8.37
C THR A 62 -0.04 17.98 7.66
N ILE A 63 1.19 18.27 8.02
CA ILE A 63 2.33 17.65 7.38
C ILE A 63 2.34 16.18 7.72
N GLN A 64 2.31 15.39 6.70
CA GLN A 64 2.26 13.97 6.80
C GLN A 64 3.27 13.42 5.88
N LYS A 65 4.25 12.86 6.43
CA LYS A 65 5.33 12.32 5.69
C LYS A 65 5.29 10.86 5.78
N SER A 66 5.30 10.22 4.65
CA SER A 66 5.39 8.80 4.59
C SER A 66 6.35 8.45 3.52
N SER A 67 7.18 7.50 3.79
CA SER A 67 8.11 6.99 2.83
C SER A 67 8.42 5.54 3.19
N VAL A 68 8.66 4.72 2.19
CA VAL A 68 8.93 3.31 2.38
C VAL A 68 9.92 2.81 1.31
N ASN A 69 10.87 2.01 1.74
CA ASN A 69 11.79 1.36 0.82
C ASN A 69 11.15 0.10 0.30
N GLU A 70 11.09 -0.02 -1.00
CA GLU A 70 10.50 -1.17 -1.67
C GLU A 70 11.24 -2.48 -1.38
N ASN A 71 12.47 -2.37 -0.92
CA ASN A 71 13.29 -3.53 -0.64
C ASN A 71 13.12 -3.94 0.79
N GLU A 72 12.40 -3.12 1.53
CA GLU A 72 12.15 -3.34 2.92
C GLU A 72 10.81 -4.07 3.05
N ILE A 73 10.15 -4.20 1.92
CA ILE A 73 8.87 -4.82 1.84
C ILE A 73 9.04 -6.32 1.79
N LYS A 74 8.71 -6.92 2.87
CA LYS A 74 8.83 -8.33 3.04
C LYS A 74 7.53 -9.00 2.65
N ILE A 75 7.57 -9.72 1.56
CA ILE A 75 6.43 -10.38 1.04
C ILE A 75 6.56 -11.88 1.23
N LEU A 76 5.56 -12.46 1.80
CA LEU A 76 5.50 -13.85 2.05
C LEU A 76 4.39 -14.44 1.19
N ALA A 77 4.77 -15.28 0.24
CA ALA A 77 3.81 -15.94 -0.62
C ALA A 77 2.90 -16.81 0.22
N TYR A 78 1.63 -16.59 0.13
CA TYR A 78 0.72 -17.27 0.99
C TYR A 78 -0.12 -18.20 0.17
N GLU A 79 -0.53 -19.23 0.81
CA GLU A 79 -1.35 -20.22 0.22
C GLU A 79 -2.69 -19.70 -0.15
N SER A 80 -2.97 -19.81 -1.41
CA SER A 80 -4.19 -19.34 -1.96
C SER A 80 -4.84 -20.51 -2.68
N LYS A 81 -6.09 -20.75 -2.41
CA LYS A 81 -6.81 -21.85 -3.05
C LYS A 81 -8.02 -21.27 -3.74
N ASP A 82 -8.02 -19.97 -3.79
CA ASP A 82 -9.11 -19.13 -4.30
C ASP A 82 -8.89 -18.77 -5.77
N ASN A 83 -8.00 -19.52 -6.42
CA ASN A 83 -7.56 -19.34 -7.85
C ASN A 83 -6.64 -18.14 -8.05
N SER A 84 -6.60 -17.26 -7.11
CA SER A 84 -5.76 -16.13 -7.22
C SER A 84 -4.54 -16.38 -6.40
N GLN A 85 -3.67 -15.44 -6.32
CA GLN A 85 -2.46 -15.67 -5.60
C GLN A 85 -2.32 -14.60 -4.57
N GLN A 86 -2.39 -14.98 -3.34
CA GLN A 86 -2.35 -14.05 -2.28
C GLN A 86 -0.98 -14.02 -1.61
N TYR A 87 -0.55 -12.85 -1.32
CA TYR A 87 0.74 -12.60 -0.81
C TYR A 87 0.62 -11.77 0.45
N LEU A 88 1.26 -12.22 1.50
CA LEU A 88 1.25 -11.53 2.74
C LEU A 88 2.32 -10.47 2.67
N VAL A 89 1.98 -9.28 3.04
CA VAL A 89 2.91 -8.19 2.91
C VAL A 89 3.17 -7.56 4.26
N THR A 90 4.42 -7.38 4.57
CA THR A 90 4.83 -6.72 5.76
C THR A 90 5.86 -5.64 5.39
N ALA A 91 5.54 -4.39 5.64
CA ALA A 91 6.40 -3.30 5.24
C ALA A 91 6.41 -2.16 6.26
N PRO A 92 7.61 -1.67 6.60
CA PRO A 92 7.76 -0.54 7.50
C PRO A 92 7.47 0.78 6.81
N ILE A 93 6.70 1.60 7.44
CA ILE A 93 6.35 2.88 6.88
C ILE A 93 6.94 3.95 7.76
N HIS A 94 7.86 4.69 7.20
CA HIS A 94 8.55 5.73 7.92
C HIS A 94 7.70 6.99 7.83
N GLN A 95 7.10 7.37 8.93
CA GLN A 95 6.20 8.50 8.92
C GLN A 95 6.61 9.62 9.85
N VAL A 96 6.17 10.81 9.51
CA VAL A 96 6.38 11.98 10.31
C VAL A 96 5.09 12.76 10.24
N PHE A 97 4.55 13.11 11.37
CA PHE A 97 3.30 13.79 11.41
C PHE A 97 3.52 15.11 12.09
N ASN A 98 3.50 16.15 11.30
CA ASN A 98 3.73 17.54 11.72
C ASN A 98 5.01 17.66 12.58
N GLY A 99 6.02 16.88 12.21
CA GLY A 99 7.29 16.93 12.91
C GLY A 99 7.47 15.78 13.89
N THR A 100 6.48 14.97 14.00
CA THR A 100 6.46 13.86 14.92
C THR A 100 6.88 12.60 14.18
N LYS A 101 7.98 12.02 14.56
CA LYS A 101 8.49 10.85 13.90
C LYS A 101 7.82 9.61 14.42
N ASN A 102 7.33 8.82 13.53
CA ASN A 102 6.61 7.61 13.85
C ASN A 102 6.93 6.54 12.82
N ASP A 103 7.61 5.53 13.24
CA ASP A 103 7.98 4.43 12.36
C ASP A 103 7.23 3.22 12.83
N PHE A 104 6.74 2.43 11.92
CA PHE A 104 5.97 1.27 12.26
C PHE A 104 5.88 0.33 11.07
N GLU A 105 5.66 -0.92 11.33
CA GLU A 105 5.56 -1.88 10.26
C GLU A 105 4.12 -2.32 10.13
N ILE A 106 3.62 -2.34 8.92
CA ILE A 106 2.24 -2.71 8.67
C ILE A 106 2.18 -4.12 8.13
N ASN A 107 1.09 -4.78 8.39
CA ASN A 107 0.92 -6.13 7.96
C ASN A 107 -0.39 -6.22 7.22
N GLN A 108 -0.33 -6.45 5.95
CA GLN A 108 -1.53 -6.53 5.14
C GLN A 108 -1.40 -7.65 4.16
N LEU A 109 -2.49 -8.26 3.80
CA LEU A 109 -2.42 -9.28 2.80
C LEU A 109 -2.89 -8.69 1.49
N ILE A 110 -2.28 -9.09 0.44
CA ILE A 110 -2.60 -8.62 -0.88
C ILE A 110 -2.85 -9.79 -1.80
N GLN A 111 -3.90 -9.72 -2.54
CA GLN A 111 -4.18 -10.71 -3.50
C GLN A 111 -3.84 -10.20 -4.89
N ILE A 112 -3.02 -10.94 -5.60
CA ILE A 112 -2.56 -10.59 -6.92
C ILE A 112 -3.35 -11.36 -7.96
N LYS A 113 -3.75 -10.67 -8.99
CA LYS A 113 -4.39 -11.23 -10.14
C LYS A 113 -4.26 -10.24 -11.26
N ASN A 114 -4.00 -10.73 -12.47
CA ASN A 114 -3.95 -9.91 -13.70
C ASN A 114 -2.87 -8.84 -13.62
N GLN A 115 -1.74 -9.22 -13.00
CA GLN A 115 -0.57 -8.33 -12.85
C GLN A 115 -0.93 -7.13 -11.99
N LYS A 116 -1.92 -7.28 -11.15
CA LYS A 116 -2.31 -6.22 -10.26
C LYS A 116 -2.84 -6.76 -8.95
N ILE A 117 -2.96 -5.87 -8.00
CA ILE A 117 -3.59 -6.20 -6.75
C ILE A 117 -5.07 -6.15 -6.97
N THR A 118 -5.73 -7.19 -6.66
CA THR A 118 -7.14 -7.26 -6.86
C THR A 118 -7.89 -7.00 -5.55
N GLN A 119 -7.17 -7.04 -4.43
CA GLN A 119 -7.70 -6.74 -3.12
C GLN A 119 -6.56 -6.76 -2.09
N ARG A 120 -6.57 -5.81 -1.20
CA ARG A 120 -5.61 -5.72 -0.13
C ARG A 120 -6.41 -5.64 1.16
N THR A 121 -5.95 -6.19 2.23
CA THR A 121 -6.64 -5.99 3.48
C THR A 121 -5.65 -5.99 4.63
N THR A 122 -5.73 -5.00 5.48
CA THR A 122 -4.88 -4.95 6.64
C THR A 122 -5.23 -6.09 7.58
N ILE A 123 -4.22 -6.71 8.10
CA ILE A 123 -4.38 -7.84 8.99
C ILE A 123 -3.54 -7.62 10.23
N GLN A 124 -3.72 -8.48 11.18
CA GLN A 124 -2.94 -8.47 12.38
C GLN A 124 -2.44 -9.89 12.53
N LEU A 125 -1.28 -10.07 13.07
CA LEU A 125 -0.72 -11.39 13.24
C LEU A 125 -0.97 -11.86 14.65
N GLY A 126 -0.65 -11.00 15.58
CA GLY A 126 -0.86 -11.26 16.97
C GLY A 126 -0.40 -10.09 17.79
N GLU A 127 -0.82 -8.92 17.35
CA GLU A 127 -0.42 -7.66 17.96
C GLU A 127 -1.60 -7.12 18.76
N GLU A 128 -2.52 -7.99 19.08
CA GLU A 128 -3.71 -7.68 19.78
C GLU A 128 -3.79 -8.52 21.05
N SER A 1 5.22 -9.82 -17.15
CA SER A 1 3.98 -9.72 -17.87
C SER A 1 3.30 -11.09 -17.96
N ASN A 2 3.54 -11.94 -16.97
CA ASN A 2 3.04 -13.32 -17.03
C ASN A 2 2.74 -13.90 -15.66
N THR A 3 3.07 -13.17 -14.61
CA THR A 3 2.88 -13.58 -13.23
C THR A 3 3.80 -14.62 -12.74
N ASN A 4 4.10 -14.46 -11.49
CA ASN A 4 5.04 -15.21 -10.78
C ASN A 4 5.10 -14.57 -9.43
N GLN A 5 5.64 -15.26 -8.48
CA GLN A 5 5.83 -14.72 -7.14
C GLN A 5 6.55 -13.36 -7.16
N SER A 6 7.69 -13.30 -7.81
CA SER A 6 8.45 -12.07 -7.93
C SER A 6 7.76 -11.04 -8.85
N GLU A 7 6.97 -11.53 -9.80
CA GLU A 7 6.15 -10.67 -10.63
C GLU A 7 5.09 -10.01 -9.80
N SER A 8 4.60 -10.73 -8.84
CA SER A 8 3.63 -10.24 -7.93
C SER A 8 4.29 -9.25 -6.97
N GLU A 9 5.52 -9.57 -6.55
CA GLU A 9 6.27 -8.74 -5.64
C GLU A 9 6.39 -7.36 -6.17
N LYS A 10 6.86 -7.26 -7.39
CA LYS A 10 7.15 -5.98 -8.04
C LYS A 10 5.89 -5.08 -8.09
N ILE A 11 4.73 -5.71 -8.26
CA ILE A 11 3.46 -5.00 -8.33
C ILE A 11 3.12 -4.45 -6.95
N ILE A 12 3.27 -5.30 -5.95
CA ILE A 12 3.02 -4.94 -4.57
C ILE A 12 4.00 -3.87 -4.12
N LYS A 13 5.25 -4.07 -4.50
CA LYS A 13 6.32 -3.16 -4.18
C LYS A 13 6.04 -1.79 -4.68
N GLU A 14 5.75 -1.67 -5.96
CA GLU A 14 5.45 -0.39 -6.54
C GLU A 14 4.18 0.20 -5.94
N PHE A 15 3.20 -0.66 -5.63
CA PHE A 15 1.94 -0.21 -5.02
C PHE A 15 2.22 0.54 -3.72
N TYR A 16 2.95 -0.10 -2.83
CA TYR A 16 3.28 0.51 -1.53
C TYR A 16 4.25 1.64 -1.69
N LYS A 17 5.23 1.44 -2.54
CA LYS A 17 6.28 2.41 -2.81
C LYS A 17 5.70 3.68 -3.42
N THR A 18 4.63 3.54 -4.12
CA THR A 18 3.97 4.69 -4.68
C THR A 18 3.10 5.35 -3.60
N VAL A 19 2.14 4.60 -3.06
CA VAL A 19 1.14 5.19 -2.17
C VAL A 19 1.65 5.65 -0.83
N TYR A 20 2.73 5.11 -0.39
CA TYR A 20 3.31 5.51 0.86
C TYR A 20 4.63 6.24 0.68
N ASN A 21 4.78 6.96 -0.43
CA ASN A 21 5.95 7.84 -0.65
C ASN A 21 5.52 9.17 -1.16
N TYR A 22 5.35 10.07 -0.26
CA TYR A 22 4.90 11.43 -0.58
C TYR A 22 5.36 12.37 0.48
N GLU A 23 5.11 13.62 0.27
CA GLU A 23 5.39 14.52 1.27
C GLU A 23 4.19 14.87 2.11
N LYS A 24 3.14 15.37 1.57
CA LYS A 24 2.06 15.81 2.45
C LYS A 24 0.75 15.14 2.05
N SER A 25 0.53 14.98 0.78
CA SER A 25 -0.69 14.45 0.28
C SER A 25 -0.46 13.33 -0.72
N GLN A 26 -1.07 12.19 -0.46
CA GLN A 26 -0.95 11.00 -1.32
C GLN A 26 -1.36 11.22 -2.81
N LYS A 27 -1.91 12.38 -3.16
CA LYS A 27 -2.27 12.64 -4.56
C LYS A 27 -1.02 12.92 -5.42
N GLU A 28 0.09 13.26 -4.75
CA GLU A 28 1.40 13.58 -5.39
C GLU A 28 1.93 12.39 -6.22
N ILE A 29 1.59 11.20 -5.78
CA ILE A 29 2.17 9.95 -6.27
C ILE A 29 1.64 9.50 -7.65
N SER A 30 0.73 10.28 -8.25
CA SER A 30 0.09 9.92 -9.51
C SER A 30 -0.83 8.68 -9.33
N MET A 31 -2.08 8.98 -9.03
CA MET A 31 -3.11 7.97 -8.75
C MET A 31 -3.32 7.00 -9.94
N THR A 32 -3.09 7.48 -11.13
CA THR A 32 -3.25 6.69 -12.34
C THR A 32 -2.13 5.61 -12.46
N THR A 33 -1.06 5.74 -11.67
CA THR A 33 -0.02 4.73 -11.69
C THR A 33 -0.42 3.58 -10.78
N VAL A 34 -0.85 3.93 -9.57
CA VAL A 34 -1.28 2.96 -8.58
C VAL A 34 -2.52 2.20 -9.05
N LYS A 35 -3.34 2.85 -9.84
CA LYS A 35 -4.59 2.28 -10.26
C LYS A 35 -4.36 1.12 -11.24
N GLU A 36 -3.14 0.99 -11.67
CA GLU A 36 -2.74 -0.07 -12.55
C GLU A 36 -2.04 -1.15 -11.81
N LEU A 37 -1.40 -0.76 -10.79
CA LEU A 37 -0.73 -1.69 -9.89
C LEU A 37 -1.77 -2.44 -9.10
N ALA A 38 -2.87 -1.83 -8.89
CA ALA A 38 -3.98 -2.41 -8.22
C ALA A 38 -5.18 -2.30 -9.13
N THR A 39 -6.26 -2.92 -8.81
CA THR A 39 -7.46 -2.76 -9.58
C THR A 39 -8.25 -1.58 -9.05
N ASP A 40 -9.19 -1.10 -9.83
CA ASP A 40 -10.04 0.03 -9.46
C ASP A 40 -10.77 -0.14 -8.14
N ASN A 41 -11.11 -1.38 -7.77
CA ASN A 41 -11.79 -1.61 -6.48
C ASN A 41 -10.86 -1.30 -5.30
N VAL A 42 -9.63 -1.79 -5.35
CA VAL A 42 -8.65 -1.50 -4.30
C VAL A 42 -8.08 -0.09 -4.44
N TYR A 43 -8.03 0.38 -5.65
CA TYR A 43 -7.59 1.72 -5.89
C TYR A 43 -8.59 2.75 -5.31
N GLN A 44 -9.88 2.48 -5.45
CA GLN A 44 -10.88 3.42 -4.98
C GLN A 44 -10.90 3.53 -3.46
N GLU A 45 -10.56 2.43 -2.78
CA GLU A 45 -10.48 2.47 -1.32
C GLU A 45 -9.23 3.26 -0.92
N LEU A 46 -8.20 3.11 -1.74
CA LEU A 46 -6.94 3.73 -1.53
C LEU A 46 -7.05 5.23 -1.71
N GLN A 47 -7.68 5.66 -2.79
CA GLN A 47 -7.84 7.09 -3.05
C GLN A 47 -8.68 7.74 -1.97
N ASN A 48 -9.45 6.94 -1.29
CA ASN A 48 -10.23 7.38 -0.19
C ASN A 48 -9.36 7.61 1.04
N GLU A 49 -8.41 6.69 1.30
CA GLU A 49 -7.47 6.88 2.41
C GLU A 49 -6.56 8.07 2.07
N ILE A 50 -6.26 8.21 0.79
CA ILE A 50 -5.54 9.34 0.25
C ILE A 50 -6.29 10.63 0.53
N ASN A 51 -7.59 10.61 0.33
CA ASN A 51 -8.39 11.81 0.43
C ASN A 51 -8.46 12.33 1.86
N VAL A 52 -8.62 11.41 2.80
CA VAL A 52 -8.70 11.79 4.22
C VAL A 52 -7.34 12.26 4.74
N ASN A 53 -6.28 11.83 4.08
CA ASN A 53 -4.91 12.25 4.39
C ASN A 53 -4.73 13.70 3.89
N ASN A 54 -5.51 14.07 2.90
CA ASN A 54 -5.41 15.40 2.30
C ASN A 54 -6.15 16.44 3.12
N SER A 55 -7.37 16.14 3.47
CA SER A 55 -8.17 17.08 4.21
C SER A 55 -8.81 16.35 5.35
N TYR A 56 -8.91 17.01 6.48
CA TYR A 56 -9.43 16.38 7.68
C TYR A 56 -10.66 17.14 8.12
N SER A 57 -10.43 18.37 8.51
CA SER A 57 -11.44 19.28 8.97
C SER A 57 -10.81 20.66 8.88
N PRO A 58 -11.60 21.74 8.78
CA PRO A 58 -11.04 23.12 8.72
C PRO A 58 -10.36 23.52 10.04
N GLN A 59 -10.63 22.74 11.05
CA GLN A 59 -10.10 22.97 12.39
C GLN A 59 -8.97 21.98 12.69
N GLN A 60 -8.43 21.38 11.65
CA GLN A 60 -7.36 20.41 11.82
C GLN A 60 -6.36 20.57 10.72
N ASN A 61 -5.11 20.58 11.06
CA ASN A 61 -4.04 20.72 10.12
C ASN A 61 -2.79 20.12 10.69
N THR A 62 -2.22 19.19 9.98
CA THR A 62 -1.05 18.53 10.43
C THR A 62 -0.27 18.04 9.22
N ILE A 63 1.00 17.81 9.40
CA ILE A 63 1.84 17.34 8.33
C ILE A 63 1.98 15.84 8.45
N GLN A 64 1.72 15.15 7.39
CA GLN A 64 1.83 13.72 7.37
C GLN A 64 2.72 13.25 6.27
N LYS A 65 3.86 12.76 6.63
CA LYS A 65 4.80 12.25 5.68
C LYS A 65 4.92 10.79 5.79
N SER A 66 4.98 10.15 4.67
CA SER A 66 5.15 8.73 4.61
C SER A 66 6.16 8.41 3.54
N SER A 67 6.97 7.44 3.79
CA SER A 67 7.96 6.95 2.87
C SER A 67 8.24 5.48 3.20
N VAL A 68 8.56 4.68 2.20
CA VAL A 68 8.80 3.25 2.39
C VAL A 68 9.87 2.73 1.44
N ASN A 69 10.75 1.87 1.95
CA ASN A 69 11.78 1.23 1.16
C ASN A 69 11.22 -0.02 0.47
N GLU A 70 11.28 -0.02 -0.86
CA GLU A 70 10.81 -1.15 -1.68
C GLU A 70 11.57 -2.46 -1.38
N ASN A 71 12.78 -2.35 -0.86
CA ASN A 71 13.59 -3.53 -0.59
C ASN A 71 13.32 -4.05 0.78
N GLU A 72 12.50 -3.33 1.49
CA GLU A 72 12.18 -3.65 2.85
C GLU A 72 10.74 -4.15 2.92
N ILE A 73 10.13 -4.26 1.76
CA ILE A 73 8.79 -4.76 1.67
C ILE A 73 8.87 -6.26 1.70
N LYS A 74 8.56 -6.79 2.82
CA LYS A 74 8.66 -8.18 3.06
C LYS A 74 7.37 -8.86 2.67
N ILE A 75 7.46 -9.63 1.62
CA ILE A 75 6.32 -10.30 1.05
C ILE A 75 6.43 -11.81 1.28
N LEU A 76 5.39 -12.38 1.80
CA LEU A 76 5.32 -13.79 2.06
C LEU A 76 4.23 -14.38 1.17
N ALA A 77 4.59 -15.32 0.32
CA ALA A 77 3.63 -15.95 -0.57
C ALA A 77 2.62 -16.76 0.23
N TYR A 78 1.36 -16.55 -0.04
CA TYR A 78 0.30 -17.17 0.69
C TYR A 78 -0.59 -17.93 -0.26
N GLU A 79 -1.24 -18.89 0.27
CA GLU A 79 -2.00 -19.80 -0.50
C GLU A 79 -3.49 -19.49 -0.60
N SER A 80 -3.93 -19.52 -1.81
CA SER A 80 -5.30 -19.47 -2.21
C SER A 80 -5.30 -20.09 -3.58
N LYS A 81 -6.45 -20.53 -4.05
CA LYS A 81 -6.51 -21.23 -5.33
C LYS A 81 -7.69 -20.82 -6.16
N ASP A 82 -8.10 -19.59 -6.00
CA ASP A 82 -9.16 -18.98 -6.84
C ASP A 82 -8.51 -18.41 -8.11
N ASN A 83 -7.57 -19.21 -8.66
CA ASN A 83 -6.68 -18.83 -9.77
C ASN A 83 -5.85 -17.64 -9.33
N SER A 84 -5.54 -17.64 -8.06
CA SER A 84 -4.92 -16.55 -7.42
C SER A 84 -3.56 -16.86 -6.89
N GLN A 85 -2.95 -15.79 -6.47
CA GLN A 85 -1.71 -15.76 -5.82
C GLN A 85 -1.94 -14.81 -4.66
N GLN A 86 -1.90 -15.32 -3.45
CA GLN A 86 -2.17 -14.53 -2.29
C GLN A 86 -0.80 -14.16 -1.72
N TYR A 87 -0.65 -12.99 -1.19
CA TYR A 87 0.63 -12.54 -0.70
C TYR A 87 0.46 -11.76 0.55
N LEU A 88 1.31 -11.98 1.47
CA LEU A 88 1.31 -11.24 2.66
C LEU A 88 2.31 -10.14 2.51
N VAL A 89 1.93 -8.95 2.84
CA VAL A 89 2.79 -7.82 2.66
C VAL A 89 3.04 -7.16 4.00
N THR A 90 4.27 -7.07 4.35
CA THR A 90 4.70 -6.41 5.54
C THR A 90 5.73 -5.33 5.17
N ALA A 91 5.38 -4.08 5.39
CA ALA A 91 6.24 -2.99 4.98
C ALA A 91 6.26 -1.88 6.01
N PRO A 92 7.45 -1.37 6.35
CA PRO A 92 7.60 -0.27 7.27
C PRO A 92 7.30 1.06 6.61
N ILE A 93 6.54 1.85 7.27
CA ILE A 93 6.19 3.12 6.74
C ILE A 93 6.83 4.16 7.65
N HIS A 94 7.73 4.90 7.09
CA HIS A 94 8.44 5.93 7.81
C HIS A 94 7.56 7.16 7.80
N GLN A 95 6.98 7.48 8.93
CA GLN A 95 6.06 8.58 8.99
C GLN A 95 6.51 9.69 9.88
N VAL A 96 6.05 10.87 9.57
CA VAL A 96 6.32 12.03 10.35
C VAL A 96 5.02 12.74 10.49
N PHE A 97 4.62 12.99 11.70
CA PHE A 97 3.36 13.56 11.98
C PHE A 97 3.60 14.87 12.64
N ASN A 98 3.36 15.91 11.88
CA ASN A 98 3.54 17.32 12.30
C ASN A 98 4.94 17.53 12.90
N GLY A 99 5.92 16.83 12.33
CA GLY A 99 7.30 16.98 12.79
C GLY A 99 7.75 15.85 13.71
N THR A 100 6.83 14.99 14.02
CA THR A 100 7.06 13.89 14.95
C THR A 100 7.36 12.64 14.16
N LYS A 101 8.43 11.98 14.49
CA LYS A 101 8.85 10.81 13.74
C LYS A 101 8.20 9.58 14.29
N ASN A 102 7.68 8.77 13.41
CA ASN A 102 6.99 7.57 13.78
C ASN A 102 7.21 6.49 12.72
N ASP A 103 7.99 5.53 13.08
CA ASP A 103 8.31 4.41 12.20
C ASP A 103 7.57 3.18 12.66
N PHE A 104 6.80 2.60 11.79
CA PHE A 104 6.03 1.41 12.13
C PHE A 104 5.92 0.53 10.92
N GLU A 105 5.53 -0.69 11.11
CA GLU A 105 5.41 -1.62 10.02
C GLU A 105 3.98 -2.07 9.92
N ILE A 106 3.45 -2.06 8.71
CA ILE A 106 2.07 -2.43 8.49
C ILE A 106 2.02 -3.83 7.93
N ASN A 107 0.92 -4.51 8.16
CA ASN A 107 0.80 -5.86 7.71
C ASN A 107 -0.53 -6.02 7.01
N GLN A 108 -0.49 -6.26 5.74
CA GLN A 108 -1.70 -6.47 5.00
C GLN A 108 -1.53 -7.62 4.06
N LEU A 109 -2.56 -8.37 3.89
CA LEU A 109 -2.56 -9.40 2.92
C LEU A 109 -3.09 -8.83 1.60
N ILE A 110 -2.48 -9.21 0.51
CA ILE A 110 -2.83 -8.73 -0.80
C ILE A 110 -3.04 -9.92 -1.74
N GLN A 111 -4.01 -9.82 -2.63
CA GLN A 111 -4.15 -10.82 -3.65
C GLN A 111 -3.74 -10.22 -4.97
N ILE A 112 -2.94 -10.95 -5.69
CA ILE A 112 -2.48 -10.56 -6.98
C ILE A 112 -3.29 -11.31 -8.04
N LYS A 113 -3.90 -10.57 -8.91
CA LYS A 113 -4.73 -11.10 -9.95
C LYS A 113 -4.67 -10.10 -11.08
N ASN A 114 -4.48 -10.58 -12.29
CA ASN A 114 -4.37 -9.72 -13.51
C ASN A 114 -3.21 -8.78 -13.42
N GLN A 115 -2.09 -9.23 -12.81
CA GLN A 115 -0.87 -8.40 -12.68
C GLN A 115 -1.14 -7.15 -11.88
N LYS A 116 -2.14 -7.22 -11.05
CA LYS A 116 -2.53 -6.10 -10.25
C LYS A 116 -2.92 -6.64 -8.89
N ILE A 117 -3.00 -5.77 -7.94
CA ILE A 117 -3.57 -6.12 -6.67
C ILE A 117 -5.05 -6.03 -6.82
N THR A 118 -5.73 -7.06 -6.52
CA THR A 118 -7.15 -7.07 -6.70
C THR A 118 -7.86 -6.98 -5.36
N GLN A 119 -7.13 -7.18 -4.28
CA GLN A 119 -7.69 -7.15 -2.94
C GLN A 119 -6.59 -6.94 -1.94
N ARG A 120 -6.78 -5.99 -1.06
CA ARG A 120 -5.86 -5.74 0.01
C ARG A 120 -6.64 -5.84 1.30
N THR A 121 -6.09 -6.45 2.28
CA THR A 121 -6.77 -6.52 3.54
C THR A 121 -5.76 -6.47 4.66
N THR A 122 -5.80 -5.42 5.42
CA THR A 122 -4.98 -5.28 6.60
C THR A 122 -5.24 -6.41 7.57
N ILE A 123 -4.19 -7.02 8.00
CA ILE A 123 -4.25 -8.08 8.95
C ILE A 123 -3.53 -7.63 10.20
N GLN A 124 -3.64 -8.39 11.25
CA GLN A 124 -2.95 -8.11 12.46
C GLN A 124 -2.26 -9.37 12.90
N LEU A 125 -1.08 -9.21 13.44
CA LEU A 125 -0.24 -10.36 13.80
C LEU A 125 -0.56 -10.89 15.19
N GLY A 126 -1.41 -10.21 15.91
CA GLY A 126 -1.76 -10.62 17.23
C GLY A 126 -2.32 -9.48 17.98
N GLU A 127 -3.59 -9.52 18.22
CA GLU A 127 -4.30 -8.49 18.91
C GLU A 127 -5.14 -9.17 19.98
N GLU A 128 -6.06 -9.98 19.49
CA GLU A 128 -6.93 -10.78 20.29
C GLU A 128 -6.61 -12.21 19.92
N SER A 1 0.72 -17.84 -10.73
CA SER A 1 -0.15 -18.30 -11.80
C SER A 1 -0.90 -17.10 -12.35
N ASN A 2 -0.75 -16.81 -13.68
CA ASN A 2 -1.34 -15.57 -14.30
C ASN A 2 -0.49 -14.33 -13.89
N THR A 3 0.56 -14.63 -13.16
CA THR A 3 1.55 -13.74 -12.63
C THR A 3 2.54 -14.71 -12.03
N ASN A 4 3.61 -14.24 -11.54
CA ASN A 4 4.58 -15.05 -10.92
C ASN A 4 5.00 -14.33 -9.67
N GLN A 5 5.67 -15.01 -8.76
CA GLN A 5 6.09 -14.45 -7.47
C GLN A 5 6.81 -13.13 -7.63
N SER A 6 7.81 -13.09 -8.47
CA SER A 6 8.60 -11.89 -8.69
C SER A 6 7.74 -10.75 -9.26
N GLU A 7 6.80 -11.10 -10.15
CA GLU A 7 5.91 -10.13 -10.72
C GLU A 7 4.95 -9.63 -9.68
N SER A 8 4.40 -10.55 -8.95
CA SER A 8 3.48 -10.25 -7.88
C SER A 8 4.16 -9.32 -6.89
N GLU A 9 5.40 -9.62 -6.55
CA GLU A 9 6.16 -8.84 -5.62
C GLU A 9 6.35 -7.44 -6.07
N LYS A 10 6.76 -7.30 -7.30
CA LYS A 10 7.09 -6.02 -7.85
C LYS A 10 5.85 -5.13 -7.93
N ILE A 11 4.70 -5.72 -8.18
CA ILE A 11 3.45 -4.98 -8.24
C ILE A 11 3.10 -4.48 -6.84
N ILE A 12 3.25 -5.38 -5.87
CA ILE A 12 3.00 -5.07 -4.47
C ILE A 12 3.94 -3.98 -4.00
N LYS A 13 5.22 -4.15 -4.31
CA LYS A 13 6.24 -3.20 -3.94
C LYS A 13 5.92 -1.84 -4.43
N GLU A 14 5.63 -1.72 -5.71
CA GLU A 14 5.31 -0.45 -6.29
C GLU A 14 4.02 0.13 -5.72
N PHE A 15 3.04 -0.73 -5.39
CA PHE A 15 1.76 -0.27 -4.80
C PHE A 15 2.04 0.50 -3.52
N TYR A 16 2.78 -0.14 -2.64
CA TYR A 16 3.12 0.45 -1.36
C TYR A 16 4.07 1.62 -1.53
N LYS A 17 5.03 1.44 -2.40
CA LYS A 17 6.01 2.44 -2.70
C LYS A 17 5.38 3.70 -3.32
N THR A 18 4.26 3.54 -3.96
CA THR A 18 3.57 4.68 -4.48
C THR A 18 2.74 5.31 -3.36
N VAL A 19 1.85 4.54 -2.74
CA VAL A 19 0.91 5.09 -1.79
C VAL A 19 1.50 5.53 -0.45
N TYR A 20 2.65 5.03 -0.14
CA TYR A 20 3.33 5.38 1.08
C TYR A 20 4.63 6.15 0.85
N ASN A 21 4.73 6.82 -0.28
CA ASN A 21 5.89 7.69 -0.54
C ASN A 21 5.44 9.00 -1.03
N TYR A 22 5.43 9.94 -0.14
CA TYR A 22 5.00 11.27 -0.45
C TYR A 22 5.63 12.24 0.49
N GLU A 23 5.75 13.45 0.07
CA GLU A 23 6.34 14.42 0.90
C GLU A 23 5.35 15.09 1.82
N LYS A 24 4.17 15.42 1.35
CA LYS A 24 3.25 16.12 2.22
C LYS A 24 1.86 15.50 2.19
N SER A 25 1.45 14.98 1.05
CA SER A 25 0.08 14.48 0.92
C SER A 25 -0.01 13.33 -0.09
N GLN A 26 -0.72 12.26 0.24
CA GLN A 26 -0.85 11.08 -0.65
C GLN A 26 -1.48 11.41 -2.03
N LYS A 27 -2.03 12.59 -2.20
CA LYS A 27 -2.62 12.99 -3.46
C LYS A 27 -1.56 13.35 -4.54
N GLU A 28 -0.30 13.48 -4.12
CA GLU A 28 0.82 13.86 -5.02
C GLU A 28 1.41 12.65 -5.76
N ILE A 29 1.10 11.45 -5.29
CA ILE A 29 1.75 10.20 -5.76
C ILE A 29 1.24 9.70 -7.13
N SER A 30 0.37 10.47 -7.77
CA SER A 30 -0.21 10.08 -9.07
C SER A 30 -1.13 8.85 -8.96
N MET A 31 -2.42 9.12 -8.81
CA MET A 31 -3.44 8.08 -8.64
C MET A 31 -3.59 7.19 -9.87
N THR A 32 -3.09 7.63 -11.00
CA THR A 32 -3.16 6.83 -12.18
C THR A 32 -2.26 5.60 -12.03
N THR A 33 -1.11 5.77 -11.41
CA THR A 33 -0.13 4.71 -11.29
C THR A 33 -0.63 3.60 -10.36
N VAL A 34 -1.26 3.98 -9.28
CA VAL A 34 -1.83 3.01 -8.37
C VAL A 34 -2.96 2.20 -9.05
N LYS A 35 -3.69 2.85 -9.96
CA LYS A 35 -4.72 2.22 -10.74
C LYS A 35 -4.17 1.19 -11.75
N GLU A 36 -2.91 1.30 -12.05
CA GLU A 36 -2.29 0.40 -12.97
C GLU A 36 -1.81 -0.84 -12.21
N LEU A 37 -1.36 -0.60 -10.99
CA LEU A 37 -0.83 -1.63 -10.10
C LEU A 37 -1.93 -2.38 -9.37
N ALA A 38 -3.04 -1.73 -9.16
CA ALA A 38 -4.16 -2.33 -8.48
C ALA A 38 -5.39 -2.24 -9.34
N THR A 39 -6.43 -2.94 -8.99
CA THR A 39 -7.67 -2.83 -9.72
C THR A 39 -8.42 -1.61 -9.22
N ASP A 40 -9.41 -1.18 -9.98
CA ASP A 40 -10.25 -0.06 -9.60
C ASP A 40 -10.94 -0.24 -8.26
N ASN A 41 -11.23 -1.49 -7.92
CA ASN A 41 -11.87 -1.79 -6.62
C ASN A 41 -10.97 -1.33 -5.46
N VAL A 42 -9.73 -1.81 -5.47
CA VAL A 42 -8.77 -1.45 -4.44
C VAL A 42 -8.27 -0.02 -4.60
N TYR A 43 -8.22 0.42 -5.81
CA TYR A 43 -7.86 1.78 -6.14
C TYR A 43 -8.82 2.79 -5.47
N GLN A 44 -10.11 2.53 -5.58
CA GLN A 44 -11.10 3.47 -5.06
C GLN A 44 -11.08 3.52 -3.53
N GLU A 45 -10.84 2.39 -2.88
CA GLU A 45 -10.74 2.39 -1.41
C GLU A 45 -9.47 3.13 -0.98
N LEU A 46 -8.42 2.94 -1.76
CA LEU A 46 -7.14 3.55 -1.51
C LEU A 46 -7.24 5.06 -1.66
N GLN A 47 -7.80 5.53 -2.74
CA GLN A 47 -7.90 6.96 -2.95
C GLN A 47 -8.80 7.63 -1.92
N ASN A 48 -9.72 6.85 -1.39
CA ASN A 48 -10.61 7.34 -0.37
C ASN A 48 -9.93 7.48 0.97
N GLU A 49 -9.08 6.50 1.32
CA GLU A 49 -8.32 6.60 2.56
C GLU A 49 -7.33 7.74 2.44
N ILE A 50 -6.77 7.90 1.24
CA ILE A 50 -5.91 8.99 0.90
C ILE A 50 -6.63 10.31 1.10
N ASN A 51 -7.85 10.37 0.62
CA ASN A 51 -8.63 11.59 0.64
C ASN A 51 -8.82 12.08 2.07
N VAL A 52 -9.28 11.21 2.93
CA VAL A 52 -9.54 11.56 4.32
C VAL A 52 -8.23 11.84 5.09
N ASN A 53 -7.16 11.17 4.71
CA ASN A 53 -5.84 11.35 5.32
C ASN A 53 -5.27 12.73 4.99
N ASN A 54 -5.49 13.15 3.78
CA ASN A 54 -4.96 14.42 3.33
C ASN A 54 -5.86 15.54 3.76
N SER A 55 -7.13 15.32 3.60
CA SER A 55 -8.10 16.31 3.87
C SER A 55 -9.12 15.79 4.86
N TYR A 56 -8.93 16.09 6.12
CA TYR A 56 -9.86 15.66 7.16
C TYR A 56 -11.05 16.61 7.20
N SER A 57 -10.73 17.88 7.15
CA SER A 57 -11.68 18.95 7.21
C SER A 57 -10.98 20.17 6.63
N PRO A 58 -11.71 21.22 6.18
CA PRO A 58 -11.07 22.43 5.62
C PRO A 58 -10.26 23.18 6.68
N GLN A 59 -10.56 22.90 7.93
CA GLN A 59 -9.89 23.52 9.06
C GLN A 59 -8.82 22.57 9.63
N GLN A 60 -8.43 21.58 8.85
CA GLN A 60 -7.44 20.64 9.31
C GLN A 60 -6.46 20.37 8.20
N ASN A 61 -5.22 20.45 8.54
CA ASN A 61 -4.13 20.17 7.66
C ASN A 61 -2.94 19.96 8.53
N THR A 62 -1.93 19.32 8.01
CA THR A 62 -0.74 19.02 8.75
C THR A 62 0.24 18.37 7.79
N ILE A 63 1.50 18.37 8.13
CA ILE A 63 2.50 17.80 7.26
C ILE A 63 2.64 16.32 7.53
N GLN A 64 2.47 15.55 6.52
CA GLN A 64 2.59 14.12 6.61
C GLN A 64 3.59 13.64 5.60
N LYS A 65 4.70 13.19 6.06
CA LYS A 65 5.70 12.68 5.17
C LYS A 65 5.83 11.23 5.41
N SER A 66 5.67 10.46 4.38
CA SER A 66 5.74 9.03 4.50
C SER A 66 6.62 8.50 3.41
N SER A 67 7.35 7.49 3.73
CA SER A 67 8.24 6.86 2.82
C SER A 67 8.43 5.40 3.23
N VAL A 68 8.64 4.55 2.27
CA VAL A 68 8.85 3.14 2.51
C VAL A 68 9.93 2.59 1.58
N ASN A 69 10.85 1.84 2.14
CA ASN A 69 11.89 1.20 1.36
C ASN A 69 11.34 -0.01 0.66
N GLU A 70 11.32 0.05 -0.64
CA GLU A 70 10.89 -1.04 -1.52
C GLU A 70 11.67 -2.34 -1.29
N ASN A 71 12.85 -2.23 -0.72
CA ASN A 71 13.70 -3.39 -0.49
C ASN A 71 13.46 -3.95 0.89
N GLU A 72 12.60 -3.27 1.61
CA GLU A 72 12.28 -3.62 2.97
C GLU A 72 10.83 -4.11 2.99
N ILE A 73 10.25 -4.22 1.82
CA ILE A 73 8.92 -4.71 1.71
C ILE A 73 8.98 -6.21 1.70
N LYS A 74 8.70 -6.75 2.82
CA LYS A 74 8.80 -8.15 3.05
C LYS A 74 7.51 -8.82 2.66
N ILE A 75 7.58 -9.57 1.61
CA ILE A 75 6.45 -10.23 1.03
C ILE A 75 6.56 -11.70 1.29
N LEU A 76 5.54 -12.25 1.88
CA LEU A 76 5.52 -13.64 2.18
C LEU A 76 4.45 -14.30 1.32
N ALA A 77 4.88 -15.24 0.51
CA ALA A 77 3.96 -15.94 -0.34
C ALA A 77 3.17 -16.91 0.47
N TYR A 78 1.91 -16.72 0.48
CA TYR A 78 1.03 -17.62 1.13
C TYR A 78 0.37 -18.41 0.09
N GLU A 79 0.00 -19.54 0.45
CA GLU A 79 -0.62 -20.42 -0.45
C GLU A 79 -2.02 -19.99 -0.66
N SER A 80 -2.35 -19.89 -1.88
CA SER A 80 -3.57 -19.33 -2.27
C SER A 80 -4.64 -20.38 -2.33
N LYS A 81 -5.74 -20.06 -1.71
CA LYS A 81 -6.84 -20.98 -1.60
C LYS A 81 -7.74 -20.92 -2.84
N ASP A 82 -8.45 -19.82 -3.01
CA ASP A 82 -9.36 -19.71 -4.14
C ASP A 82 -8.81 -18.90 -5.29
N ASN A 83 -8.21 -19.64 -6.24
CA ASN A 83 -7.72 -19.22 -7.62
C ASN A 83 -6.88 -17.91 -7.74
N SER A 84 -6.83 -17.12 -6.74
CA SER A 84 -6.17 -15.88 -6.75
C SER A 84 -5.03 -15.93 -5.76
N GLN A 85 -3.97 -15.23 -6.07
CA GLN A 85 -2.70 -15.37 -5.40
C GLN A 85 -2.62 -14.49 -4.15
N GLN A 86 -2.43 -15.12 -3.02
CA GLN A 86 -2.38 -14.46 -1.74
C GLN A 86 -0.91 -14.22 -1.32
N TYR A 87 -0.56 -12.98 -1.16
CA TYR A 87 0.77 -12.59 -0.75
C TYR A 87 0.68 -11.68 0.45
N LEU A 88 1.40 -11.98 1.49
CA LEU A 88 1.42 -11.14 2.66
C LEU A 88 2.44 -10.06 2.49
N VAL A 89 2.11 -8.88 2.92
CA VAL A 89 2.98 -7.77 2.77
C VAL A 89 3.24 -7.11 4.11
N THR A 90 4.45 -7.18 4.54
CA THR A 90 4.88 -6.55 5.74
C THR A 90 5.85 -5.43 5.35
N ALA A 91 5.49 -4.21 5.63
CA ALA A 91 6.31 -3.09 5.23
C ALA A 91 6.32 -1.98 6.28
N PRO A 92 7.50 -1.50 6.64
CA PRO A 92 7.64 -0.39 7.55
C PRO A 92 7.41 0.94 6.85
N ILE A 93 6.63 1.75 7.46
CA ILE A 93 6.32 3.02 6.91
C ILE A 93 6.97 4.06 7.78
N HIS A 94 7.86 4.81 7.20
CA HIS A 94 8.57 5.85 7.91
C HIS A 94 7.81 7.13 7.76
N GLN A 95 7.15 7.53 8.81
CA GLN A 95 6.34 8.71 8.77
C GLN A 95 6.84 9.79 9.67
N VAL A 96 6.53 11.00 9.30
CA VAL A 96 6.86 12.15 10.09
C VAL A 96 5.67 13.05 10.01
N PHE A 97 5.06 13.25 11.11
CA PHE A 97 3.85 13.94 11.24
C PHE A 97 4.14 15.26 11.85
N ASN A 98 4.07 16.26 11.02
CA ASN A 98 4.34 17.66 11.35
C ASN A 98 5.67 17.80 12.13
N GLY A 99 6.64 16.96 11.76
CA GLY A 99 7.95 17.02 12.39
C GLY A 99 8.19 15.89 13.38
N THR A 100 7.16 15.15 13.63
CA THR A 100 7.20 14.08 14.61
C THR A 100 7.27 12.76 13.97
N LYS A 101 8.17 11.99 14.44
CA LYS A 101 8.44 10.78 13.88
C LYS A 101 7.46 9.73 14.31
N ASN A 102 7.16 8.87 13.40
CA ASN A 102 6.35 7.73 13.62
C ASN A 102 6.75 6.64 12.63
N ASP A 103 7.42 5.64 13.13
CA ASP A 103 7.91 4.54 12.31
C ASP A 103 7.24 3.28 12.77
N PHE A 104 6.54 2.62 11.89
CA PHE A 104 5.79 1.43 12.25
C PHE A 104 5.74 0.47 11.07
N GLU A 105 5.52 -0.79 11.34
CA GLU A 105 5.49 -1.78 10.28
C GLU A 105 4.09 -2.36 10.14
N ILE A 106 3.57 -2.28 8.94
CA ILE A 106 2.22 -2.69 8.66
C ILE A 106 2.19 -4.08 8.08
N ASN A 107 1.08 -4.74 8.24
CA ASN A 107 0.86 -6.06 7.74
C ASN A 107 -0.46 -6.12 7.07
N GLN A 108 -0.43 -6.32 5.80
CA GLN A 108 -1.65 -6.43 5.01
C GLN A 108 -1.46 -7.52 3.99
N LEU A 109 -2.48 -8.27 3.69
CA LEU A 109 -2.34 -9.27 2.68
C LEU A 109 -2.83 -8.72 1.37
N ILE A 110 -2.13 -9.03 0.33
CA ILE A 110 -2.48 -8.60 -0.99
C ILE A 110 -2.76 -9.79 -1.88
N GLN A 111 -3.80 -9.70 -2.63
CA GLN A 111 -4.15 -10.70 -3.55
C GLN A 111 -3.84 -10.20 -4.96
N ILE A 112 -3.04 -10.95 -5.66
CA ILE A 112 -2.57 -10.61 -6.99
C ILE A 112 -3.35 -11.37 -8.08
N LYS A 113 -3.74 -10.64 -9.10
CA LYS A 113 -4.44 -11.17 -10.24
C LYS A 113 -4.24 -10.21 -11.39
N ASN A 114 -3.91 -10.74 -12.56
CA ASN A 114 -3.80 -9.97 -13.81
C ASN A 114 -2.80 -8.87 -13.75
N GLN A 115 -1.71 -9.15 -13.06
CA GLN A 115 -0.58 -8.24 -12.94
C GLN A 115 -0.97 -7.01 -12.14
N LYS A 116 -1.88 -7.20 -11.23
CA LYS A 116 -2.35 -6.16 -10.38
C LYS A 116 -2.89 -6.70 -9.08
N ILE A 117 -3.00 -5.83 -8.10
CA ILE A 117 -3.62 -6.15 -6.87
C ILE A 117 -5.10 -6.13 -7.10
N THR A 118 -5.72 -7.20 -6.83
CA THR A 118 -7.12 -7.30 -7.05
C THR A 118 -7.86 -7.07 -5.74
N GLN A 119 -7.15 -7.21 -4.63
CA GLN A 119 -7.70 -7.02 -3.32
C GLN A 119 -6.56 -6.92 -2.32
N ARG A 120 -6.66 -5.97 -1.43
CA ARG A 120 -5.70 -5.81 -0.37
C ARG A 120 -6.51 -5.75 0.90
N THR A 121 -6.01 -6.26 1.97
CA THR A 121 -6.72 -6.15 3.22
C THR A 121 -5.72 -6.09 4.36
N THR A 122 -5.86 -5.08 5.20
CA THR A 122 -5.02 -4.95 6.35
C THR A 122 -5.36 -6.09 7.31
N ILE A 123 -4.35 -6.69 7.89
CA ILE A 123 -4.55 -7.86 8.73
C ILE A 123 -4.00 -7.65 10.12
N GLN A 124 -4.40 -8.52 11.01
CA GLN A 124 -3.88 -8.57 12.33
C GLN A 124 -2.53 -9.31 12.30
N LEU A 125 -1.69 -9.08 13.31
CA LEU A 125 -0.34 -9.68 13.41
C LEU A 125 -0.38 -11.22 13.57
N GLY A 126 -1.56 -11.76 13.64
CA GLY A 126 -1.74 -13.18 13.76
C GLY A 126 -3.00 -13.59 13.06
N GLU A 127 -3.17 -13.11 11.84
CA GLU A 127 -4.35 -13.38 11.05
C GLU A 127 -4.15 -14.73 10.33
N GLU A 128 -3.33 -14.69 9.30
CA GLU A 128 -2.93 -15.81 8.52
C GLU A 128 -1.65 -15.36 7.85
N SER A 1 5.03 -8.63 -16.34
CA SER A 1 5.28 -9.15 -17.67
C SER A 1 4.78 -10.59 -17.77
N ASN A 2 4.92 -11.34 -16.71
CA ASN A 2 4.44 -12.70 -16.63
C ASN A 2 4.19 -12.95 -15.16
N THR A 3 3.98 -14.16 -14.73
CA THR A 3 3.79 -14.36 -13.35
C THR A 3 4.82 -15.18 -12.71
N ASN A 4 5.19 -14.70 -11.58
CA ASN A 4 6.17 -15.26 -10.78
C ASN A 4 6.05 -14.59 -9.46
N GLN A 5 6.63 -15.18 -8.46
CA GLN A 5 6.65 -14.65 -7.12
C GLN A 5 7.15 -13.19 -7.10
N SER A 6 8.24 -12.92 -7.80
CA SER A 6 8.81 -11.59 -7.82
C SER A 6 7.98 -10.64 -8.71
N GLU A 7 7.30 -11.21 -9.71
CA GLU A 7 6.42 -10.43 -10.57
C GLU A 7 5.26 -9.92 -9.74
N SER A 8 4.73 -10.78 -8.91
CA SER A 8 3.70 -10.40 -7.99
C SER A 8 4.25 -9.36 -6.99
N GLU A 9 5.50 -9.58 -6.53
CA GLU A 9 6.15 -8.70 -5.56
C GLU A 9 6.22 -7.32 -6.06
N LYS A 10 6.77 -7.17 -7.23
CA LYS A 10 7.07 -5.88 -7.81
C LYS A 10 5.81 -5.02 -7.93
N ILE A 11 4.69 -5.65 -8.19
CA ILE A 11 3.41 -4.95 -8.31
C ILE A 11 3.01 -4.41 -6.92
N ILE A 12 3.21 -5.25 -5.92
CA ILE A 12 2.92 -4.91 -4.54
C ILE A 12 3.90 -3.83 -4.07
N LYS A 13 5.15 -4.02 -4.41
CA LYS A 13 6.21 -3.11 -4.07
C LYS A 13 5.95 -1.75 -4.63
N GLU A 14 5.54 -1.69 -5.90
CA GLU A 14 5.21 -0.42 -6.50
C GLU A 14 3.99 0.17 -5.81
N PHE A 15 2.96 -0.66 -5.49
CA PHE A 15 1.73 -0.19 -4.82
C PHE A 15 2.08 0.53 -3.54
N TYR A 16 2.84 -0.15 -2.70
CA TYR A 16 3.25 0.40 -1.42
C TYR A 16 4.18 1.57 -1.58
N LYS A 17 5.15 1.46 -2.48
CA LYS A 17 6.08 2.50 -2.70
C LYS A 17 5.40 3.73 -3.25
N THR A 18 4.33 3.55 -3.95
CA THR A 18 3.57 4.65 -4.43
C THR A 18 2.74 5.24 -3.27
N VAL A 19 1.85 4.43 -2.71
CA VAL A 19 0.89 4.95 -1.73
C VAL A 19 1.48 5.38 -0.40
N TYR A 20 2.65 4.92 -0.11
CA TYR A 20 3.36 5.30 1.09
C TYR A 20 4.61 6.14 0.83
N ASN A 21 4.70 6.79 -0.32
CA ASN A 21 5.83 7.70 -0.59
C ASN A 21 5.36 9.02 -1.06
N TYR A 22 5.37 9.94 -0.18
CA TYR A 22 4.98 11.30 -0.48
C TYR A 22 5.65 12.23 0.46
N GLU A 23 5.58 13.48 0.18
CA GLU A 23 6.14 14.40 1.05
C GLU A 23 5.18 15.02 2.04
N LYS A 24 4.16 15.66 1.61
CA LYS A 24 3.37 16.36 2.57
C LYS A 24 1.93 15.86 2.58
N SER A 25 1.47 15.39 1.46
CA SER A 25 0.15 14.85 1.35
C SER A 25 0.14 13.68 0.37
N GLN A 26 -0.51 12.61 0.75
CA GLN A 26 -0.55 11.36 0.03
C GLN A 26 -1.24 11.53 -1.35
N LYS A 27 -1.87 12.68 -1.55
CA LYS A 27 -2.52 13.02 -2.80
C LYS A 27 -1.46 13.11 -3.97
N GLU A 28 -0.20 13.40 -3.59
CA GLU A 28 0.94 13.61 -4.52
C GLU A 28 1.31 12.38 -5.35
N ILE A 29 1.03 11.21 -4.82
CA ILE A 29 1.56 9.93 -5.32
C ILE A 29 1.08 9.50 -6.71
N SER A 30 0.25 10.31 -7.37
CA SER A 30 -0.26 9.99 -8.69
C SER A 30 -1.21 8.78 -8.70
N MET A 31 -2.48 9.08 -8.68
CA MET A 31 -3.55 8.08 -8.64
C MET A 31 -3.66 7.29 -9.94
N THR A 32 -2.87 7.60 -10.91
CA THR A 32 -2.88 6.84 -12.10
C THR A 32 -2.06 5.58 -11.87
N THR A 33 -0.98 5.73 -11.15
CA THR A 33 -0.03 4.66 -10.94
C THR A 33 -0.68 3.50 -10.17
N VAL A 34 -1.44 3.85 -9.16
CA VAL A 34 -2.17 2.88 -8.37
C VAL A 34 -3.21 2.09 -9.23
N LYS A 35 -3.76 2.75 -10.22
CA LYS A 35 -4.75 2.20 -11.11
C LYS A 35 -4.10 1.13 -12.02
N GLU A 36 -2.83 1.28 -12.22
CA GLU A 36 -2.06 0.41 -13.09
C GLU A 36 -1.61 -0.81 -12.29
N LEU A 37 -1.36 -0.60 -11.04
CA LEU A 37 -0.89 -1.64 -10.14
C LEU A 37 -2.05 -2.40 -9.53
N ALA A 38 -3.17 -1.77 -9.36
CA ALA A 38 -4.29 -2.36 -8.69
C ALA A 38 -5.57 -2.24 -9.50
N THR A 39 -6.55 -3.07 -9.20
CA THR A 39 -7.84 -3.02 -9.87
C THR A 39 -8.65 -1.83 -9.37
N ASP A 40 -9.79 -1.59 -10.01
CA ASP A 40 -10.67 -0.47 -9.66
C ASP A 40 -11.08 -0.50 -8.20
N ASN A 41 -11.42 -1.69 -7.72
CA ASN A 41 -11.90 -1.88 -6.33
C ASN A 41 -10.90 -1.32 -5.33
N VAL A 42 -9.68 -1.77 -5.45
CA VAL A 42 -8.61 -1.36 -4.58
C VAL A 42 -8.15 0.06 -4.88
N TYR A 43 -8.25 0.44 -6.13
CA TYR A 43 -7.94 1.80 -6.56
C TYR A 43 -8.87 2.81 -5.88
N GLN A 44 -10.17 2.55 -5.91
CA GLN A 44 -11.15 3.48 -5.37
C GLN A 44 -11.07 3.59 -3.85
N GLU A 45 -10.84 2.48 -3.17
CA GLU A 45 -10.71 2.51 -1.72
C GLU A 45 -9.46 3.28 -1.32
N LEU A 46 -8.40 3.13 -2.11
CA LEU A 46 -7.14 3.77 -1.85
C LEU A 46 -7.27 5.28 -1.99
N GLN A 47 -7.83 5.74 -3.09
CA GLN A 47 -7.96 7.17 -3.29
C GLN A 47 -8.86 7.81 -2.23
N ASN A 48 -9.85 7.07 -1.81
CA ASN A 48 -10.77 7.55 -0.81
C ASN A 48 -10.12 7.66 0.56
N GLU A 49 -9.28 6.68 0.92
CA GLU A 49 -8.58 6.73 2.20
C GLU A 49 -7.59 7.88 2.20
N ILE A 50 -6.95 8.10 1.05
CA ILE A 50 -6.02 9.21 0.86
C ILE A 50 -6.71 10.54 1.13
N ASN A 51 -7.96 10.62 0.82
CA ASN A 51 -8.63 11.86 1.03
C ASN A 51 -8.79 12.14 2.51
N VAL A 52 -9.40 11.19 3.19
CA VAL A 52 -9.70 11.35 4.62
C VAL A 52 -8.44 11.36 5.50
N ASN A 53 -7.42 10.62 5.06
CA ASN A 53 -6.15 10.54 5.78
C ASN A 53 -5.46 11.89 5.80
N ASN A 54 -5.51 12.57 4.67
CA ASN A 54 -4.85 13.84 4.53
C ASN A 54 -5.72 14.94 5.08
N SER A 55 -6.93 14.94 4.63
CA SER A 55 -7.85 15.98 4.90
C SER A 55 -8.95 15.42 5.78
N TYR A 56 -8.87 15.74 7.04
CA TYR A 56 -9.80 15.20 8.02
C TYR A 56 -11.05 16.04 8.06
N SER A 57 -10.86 17.29 7.88
CA SER A 57 -11.91 18.26 7.91
C SER A 57 -11.48 19.40 6.99
N PRO A 58 -12.40 20.28 6.55
CA PRO A 58 -12.04 21.43 5.69
C PRO A 58 -11.12 22.42 6.42
N GLN A 59 -11.03 22.24 7.71
CA GLN A 59 -10.21 23.07 8.56
C GLN A 59 -9.04 22.26 9.13
N GLN A 60 -8.76 21.08 8.56
CA GLN A 60 -7.67 20.27 9.07
C GLN A 60 -7.04 19.44 8.00
N ASN A 61 -5.79 19.66 7.83
CA ASN A 61 -4.95 18.96 6.92
C ASN A 61 -3.58 19.21 7.53
N THR A 62 -2.66 18.34 7.35
CA THR A 62 -1.42 18.47 8.05
C THR A 62 -0.32 17.82 7.24
N ILE A 63 0.89 17.98 7.69
CA ILE A 63 2.03 17.44 7.03
C ILE A 63 2.17 15.98 7.39
N GLN A 64 2.28 15.19 6.38
CA GLN A 64 2.33 13.78 6.50
C GLN A 64 3.43 13.30 5.64
N LYS A 65 4.42 12.79 6.25
CA LYS A 65 5.52 12.26 5.57
C LYS A 65 5.51 10.81 5.70
N SER A 66 5.50 10.16 4.60
CA SER A 66 5.59 8.75 4.57
C SER A 66 6.53 8.37 3.47
N SER A 67 7.36 7.44 3.73
CA SER A 67 8.26 6.92 2.76
C SER A 67 8.54 5.46 3.15
N VAL A 68 8.70 4.62 2.17
CA VAL A 68 8.94 3.22 2.39
C VAL A 68 9.96 2.69 1.40
N ASN A 69 10.88 1.90 1.91
CA ASN A 69 11.87 1.24 1.08
C ASN A 69 11.26 0.00 0.44
N GLU A 70 11.21 0.00 -0.88
CA GLU A 70 10.70 -1.12 -1.69
C GLU A 70 11.42 -2.44 -1.37
N ASN A 71 12.68 -2.35 -1.02
CA ASN A 71 13.46 -3.55 -0.72
C ASN A 71 13.38 -3.94 0.73
N GLU A 72 12.52 -3.25 1.45
CA GLU A 72 12.23 -3.56 2.84
C GLU A 72 10.80 -4.07 2.92
N ILE A 73 10.21 -4.26 1.76
CA ILE A 73 8.88 -4.79 1.68
C ILE A 73 8.98 -6.30 1.67
N LYS A 74 8.61 -6.88 2.75
CA LYS A 74 8.73 -8.28 2.98
C LYS A 74 7.43 -8.95 2.55
N ILE A 75 7.51 -9.68 1.49
CA ILE A 75 6.37 -10.33 0.92
C ILE A 75 6.43 -11.83 1.13
N LEU A 76 5.43 -12.33 1.77
CA LEU A 76 5.34 -13.72 2.07
C LEU A 76 4.18 -14.32 1.25
N ALA A 77 4.52 -15.20 0.33
CA ALA A 77 3.53 -15.86 -0.50
C ALA A 77 2.60 -16.68 0.39
N TYR A 78 1.33 -16.44 0.28
CA TYR A 78 0.40 -17.07 1.16
C TYR A 78 -0.54 -17.94 0.38
N GLU A 79 -0.90 -19.00 1.00
CA GLU A 79 -1.77 -20.00 0.48
C GLU A 79 -3.15 -19.49 0.16
N SER A 80 -3.60 -19.82 -1.01
CA SER A 80 -4.90 -19.49 -1.48
C SER A 80 -5.30 -20.61 -2.42
N LYS A 81 -6.56 -20.95 -2.44
CA LYS A 81 -7.02 -22.04 -3.31
C LYS A 81 -8.16 -21.49 -4.15
N ASP A 82 -8.29 -20.18 -4.04
CA ASP A 82 -9.34 -19.35 -4.63
C ASP A 82 -9.04 -19.06 -6.10
N ASN A 83 -8.14 -19.86 -6.68
CA ASN A 83 -7.67 -19.71 -8.08
C ASN A 83 -6.90 -18.37 -8.23
N SER A 84 -6.58 -17.75 -7.13
CA SER A 84 -5.87 -16.52 -7.09
C SER A 84 -4.76 -16.64 -6.07
N GLN A 85 -3.83 -15.71 -6.04
CA GLN A 85 -2.68 -15.87 -5.19
C GLN A 85 -2.57 -14.68 -4.27
N GLN A 86 -2.51 -14.93 -2.99
CA GLN A 86 -2.38 -13.83 -2.07
C GLN A 86 -0.98 -13.79 -1.50
N TYR A 87 -0.55 -12.63 -1.19
CA TYR A 87 0.75 -12.38 -0.71
C TYR A 87 0.64 -11.50 0.51
N LEU A 88 1.17 -11.97 1.60
CA LEU A 88 1.16 -11.24 2.83
C LEU A 88 2.27 -10.23 2.74
N VAL A 89 2.00 -9.02 3.08
CA VAL A 89 2.96 -7.99 2.94
C VAL A 89 3.25 -7.30 4.25
N THR A 90 4.48 -7.34 4.62
CA THR A 90 4.98 -6.70 5.80
C THR A 90 5.91 -5.56 5.35
N ALA A 91 5.59 -4.33 5.70
CA ALA A 91 6.40 -3.22 5.25
C ALA A 91 6.51 -2.12 6.31
N PRO A 92 7.73 -1.66 6.60
CA PRO A 92 7.94 -0.57 7.52
C PRO A 92 7.66 0.78 6.85
N ILE A 93 6.94 1.61 7.51
CA ILE A 93 6.58 2.89 6.94
C ILE A 93 7.22 3.97 7.78
N HIS A 94 8.13 4.67 7.17
CA HIS A 94 8.86 5.72 7.86
C HIS A 94 8.03 7.00 7.75
N GLN A 95 7.48 7.43 8.87
CA GLN A 95 6.57 8.56 8.86
C GLN A 95 7.00 9.71 9.75
N VAL A 96 6.54 10.89 9.37
CA VAL A 96 6.71 12.08 10.15
C VAL A 96 5.40 12.80 10.05
N PHE A 97 4.79 13.07 11.14
CA PHE A 97 3.50 13.67 11.16
C PHE A 97 3.65 15.03 11.79
N ASN A 98 3.59 16.04 10.94
CA ASN A 98 3.76 17.45 11.31
C ASN A 98 5.03 17.65 12.17
N GLY A 99 6.08 16.90 11.85
CA GLY A 99 7.32 17.01 12.58
C GLY A 99 7.54 15.91 13.59
N THR A 100 6.57 15.07 13.73
CA THR A 100 6.61 13.99 14.68
C THR A 100 7.10 12.74 13.99
N LYS A 101 8.24 12.25 14.38
CA LYS A 101 8.83 11.08 13.74
C LYS A 101 8.21 9.84 14.32
N ASN A 102 7.73 9.00 13.44
CA ASN A 102 7.04 7.81 13.82
C ASN A 102 7.33 6.71 12.81
N ASP A 103 7.89 5.63 13.26
CA ASP A 103 8.23 4.52 12.38
C ASP A 103 7.49 3.33 12.88
N PHE A 104 7.02 2.49 11.98
CA PHE A 104 6.22 1.34 12.36
C PHE A 104 6.18 0.35 11.21
N GLU A 105 5.59 -0.82 11.41
CA GLU A 105 5.60 -1.82 10.37
C GLU A 105 4.23 -2.42 10.17
N ILE A 106 3.71 -2.23 8.99
CA ILE A 106 2.36 -2.63 8.69
C ILE A 106 2.33 -4.01 8.12
N ASN A 107 1.21 -4.65 8.29
CA ASN A 107 0.98 -5.95 7.78
C ASN A 107 -0.35 -5.97 7.10
N GLN A 108 -0.32 -6.15 5.83
CA GLN A 108 -1.53 -6.19 5.03
C GLN A 108 -1.42 -7.35 4.08
N LEU A 109 -2.53 -7.95 3.77
CA LEU A 109 -2.55 -9.04 2.84
C LEU A 109 -2.93 -8.44 1.48
N ILE A 110 -2.22 -8.81 0.46
CA ILE A 110 -2.52 -8.37 -0.88
C ILE A 110 -2.73 -9.55 -1.80
N GLN A 111 -3.84 -9.61 -2.45
CA GLN A 111 -4.08 -10.64 -3.40
C GLN A 111 -3.76 -10.14 -4.81
N ILE A 112 -2.93 -10.89 -5.49
CA ILE A 112 -2.48 -10.56 -6.82
C ILE A 112 -3.25 -11.35 -7.87
N LYS A 113 -3.71 -10.67 -8.86
CA LYS A 113 -4.38 -11.26 -9.97
C LYS A 113 -4.33 -10.29 -11.11
N ASN A 114 -4.10 -10.82 -12.32
CA ASN A 114 -4.05 -10.01 -13.56
C ASN A 114 -2.98 -9.00 -13.53
N GLN A 115 -1.86 -9.38 -12.90
CA GLN A 115 -0.66 -8.54 -12.81
C GLN A 115 -0.96 -7.30 -12.00
N LYS A 116 -1.94 -7.43 -11.14
CA LYS A 116 -2.38 -6.32 -10.39
C LYS A 116 -2.78 -6.80 -9.02
N ILE A 117 -3.01 -5.86 -8.16
CA ILE A 117 -3.61 -6.15 -6.89
C ILE A 117 -5.08 -6.15 -7.12
N THR A 118 -5.71 -7.18 -6.74
CA THR A 118 -7.10 -7.30 -6.96
C THR A 118 -7.87 -7.09 -5.66
N GLN A 119 -7.15 -7.21 -4.55
CA GLN A 119 -7.74 -7.05 -3.24
C GLN A 119 -6.63 -6.88 -2.21
N ARG A 120 -6.76 -5.89 -1.37
CA ARG A 120 -5.81 -5.69 -0.31
C ARG A 120 -6.59 -5.62 0.99
N THR A 121 -6.06 -6.14 2.04
CA THR A 121 -6.73 -6.06 3.31
C THR A 121 -5.72 -5.95 4.42
N THR A 122 -5.86 -4.91 5.21
CA THR A 122 -4.98 -4.70 6.32
C THR A 122 -5.30 -5.73 7.38
N ILE A 123 -4.28 -6.30 7.92
CA ILE A 123 -4.42 -7.32 8.93
C ILE A 123 -3.67 -6.88 10.15
N GLN A 124 -3.83 -7.59 11.21
CA GLN A 124 -3.13 -7.27 12.43
C GLN A 124 -2.66 -8.58 12.99
N LEU A 125 -1.45 -8.60 13.46
CA LEU A 125 -0.88 -9.80 14.03
C LEU A 125 -0.82 -9.65 15.53
N GLY A 126 -0.79 -8.42 15.96
CA GLY A 126 -0.68 -8.12 17.36
C GLY A 126 0.60 -7.36 17.61
N GLU A 127 0.99 -6.61 16.62
CA GLU A 127 2.17 -5.82 16.63
C GLU A 127 1.83 -4.39 17.05
N GLU A 128 0.77 -3.87 16.46
CA GLU A 128 0.29 -2.54 16.68
C GLU A 128 -1.22 -2.61 16.75
N SER A 1 6.19 -9.88 -17.08
CA SER A 1 4.81 -9.94 -17.53
C SER A 1 4.37 -11.39 -17.61
N ASN A 2 4.00 -11.90 -16.48
CA ASN A 2 3.62 -13.28 -16.21
C ASN A 2 3.57 -13.34 -14.73
N THR A 3 3.24 -14.45 -14.15
CA THR A 3 3.27 -14.48 -12.74
C THR A 3 4.29 -15.35 -12.19
N ASN A 4 4.75 -14.91 -11.08
CA ASN A 4 5.75 -15.51 -10.32
C ASN A 4 5.89 -14.63 -9.12
N GLN A 5 6.63 -15.07 -8.15
CA GLN A 5 6.88 -14.31 -6.95
C GLN A 5 7.36 -12.91 -7.28
N SER A 6 8.40 -12.82 -8.08
CA SER A 6 9.04 -11.56 -8.41
C SER A 6 8.09 -10.60 -9.13
N GLU A 7 7.26 -11.16 -9.99
CA GLU A 7 6.34 -10.37 -10.75
C GLU A 7 5.22 -9.87 -9.88
N SER A 8 4.74 -10.70 -9.00
CA SER A 8 3.73 -10.29 -8.09
C SER A 8 4.31 -9.28 -7.08
N GLU A 9 5.56 -9.53 -6.66
CA GLU A 9 6.26 -8.69 -5.70
C GLU A 9 6.36 -7.30 -6.19
N LYS A 10 6.84 -7.15 -7.40
CA LYS A 10 7.11 -5.85 -7.98
C LYS A 10 5.83 -4.99 -8.02
N ILE A 11 4.69 -5.63 -8.25
CA ILE A 11 3.42 -4.93 -8.32
C ILE A 11 3.05 -4.38 -6.93
N ILE A 12 3.28 -5.22 -5.93
CA ILE A 12 3.03 -4.87 -4.55
C ILE A 12 4.03 -3.80 -4.11
N LYS A 13 5.26 -4.00 -4.51
CA LYS A 13 6.34 -3.09 -4.18
C LYS A 13 6.09 -1.72 -4.73
N GLU A 14 5.70 -1.64 -5.99
CA GLU A 14 5.38 -0.36 -6.58
C GLU A 14 4.18 0.26 -5.88
N PHE A 15 3.16 -0.58 -5.57
CA PHE A 15 1.95 -0.12 -4.90
C PHE A 15 2.28 0.58 -3.59
N TYR A 16 3.03 -0.10 -2.75
CA TYR A 16 3.40 0.43 -1.45
C TYR A 16 4.37 1.58 -1.58
N LYS A 17 5.34 1.46 -2.48
CA LYS A 17 6.28 2.50 -2.71
C LYS A 17 5.59 3.76 -3.25
N THR A 18 4.48 3.60 -3.88
CA THR A 18 3.73 4.73 -4.35
C THR A 18 2.87 5.31 -3.20
N VAL A 19 1.97 4.50 -2.66
CA VAL A 19 1.00 5.00 -1.68
C VAL A 19 1.58 5.40 -0.34
N TYR A 20 2.73 4.88 -0.02
CA TYR A 20 3.39 5.20 1.23
C TYR A 20 4.64 6.04 1.05
N ASN A 21 4.80 6.67 -0.09
CA ASN A 21 5.92 7.58 -0.30
C ASN A 21 5.46 8.90 -0.73
N TYR A 22 5.43 9.81 0.16
CA TYR A 22 5.00 11.14 -0.15
C TYR A 22 5.58 12.16 0.77
N GLU A 23 5.27 13.34 0.43
CA GLU A 23 5.75 14.47 1.08
C GLU A 23 4.83 15.02 2.11
N LYS A 24 3.68 15.38 1.71
CA LYS A 24 2.83 16.09 2.58
C LYS A 24 1.43 15.49 2.57
N SER A 25 1.03 14.97 1.43
CA SER A 25 -0.27 14.39 1.27
C SER A 25 -0.24 13.27 0.20
N GLN A 26 -0.99 12.20 0.42
CA GLN A 26 -1.00 11.05 -0.51
C GLN A 26 -1.55 11.39 -1.91
N LYS A 27 -2.12 12.56 -2.08
CA LYS A 27 -2.63 12.95 -3.39
C LYS A 27 -1.48 13.35 -4.35
N GLU A 28 -0.26 13.47 -3.80
CA GLU A 28 0.93 13.86 -4.58
C GLU A 28 1.52 12.67 -5.38
N ILE A 29 1.14 11.45 -5.01
CA ILE A 29 1.78 10.22 -5.51
C ILE A 29 1.29 9.75 -6.90
N SER A 30 0.41 10.52 -7.54
CA SER A 30 -0.16 10.14 -8.84
C SER A 30 -1.06 8.88 -8.77
N MET A 31 -2.35 9.13 -8.66
CA MET A 31 -3.36 8.07 -8.52
C MET A 31 -3.51 7.21 -9.75
N THR A 32 -2.92 7.60 -10.84
CA THR A 32 -2.99 6.79 -12.03
C THR A 32 -2.10 5.57 -11.85
N THR A 33 -0.97 5.77 -11.20
CA THR A 33 0.02 4.72 -11.04
C THR A 33 -0.52 3.58 -10.17
N VAL A 34 -1.19 3.94 -9.09
CA VAL A 34 -1.80 2.95 -8.23
C VAL A 34 -2.90 2.14 -8.98
N LYS A 35 -3.58 2.80 -9.90
CA LYS A 35 -4.57 2.18 -10.73
C LYS A 35 -3.96 1.19 -11.74
N GLU A 36 -2.70 1.35 -12.02
CA GLU A 36 -2.03 0.48 -12.95
C GLU A 36 -1.56 -0.76 -12.20
N LEU A 37 -1.31 -0.58 -10.94
CA LEU A 37 -0.81 -1.64 -10.07
C LEU A 37 -1.97 -2.41 -9.44
N ALA A 38 -3.05 -1.75 -9.20
CA ALA A 38 -4.17 -2.34 -8.53
C ALA A 38 -5.43 -2.15 -9.34
N THR A 39 -6.42 -2.98 -9.12
CA THR A 39 -7.67 -2.84 -9.81
C THR A 39 -8.44 -1.66 -9.26
N ASP A 40 -9.38 -1.17 -10.02
CA ASP A 40 -10.23 -0.04 -9.63
C ASP A 40 -10.90 -0.21 -8.29
N ASN A 41 -11.23 -1.45 -7.94
CA ASN A 41 -11.86 -1.73 -6.64
C ASN A 41 -10.93 -1.32 -5.48
N VAL A 42 -9.71 -1.82 -5.51
CA VAL A 42 -8.73 -1.50 -4.48
C VAL A 42 -8.20 -0.09 -4.63
N TYR A 43 -8.16 0.37 -5.85
CA TYR A 43 -7.80 1.71 -6.15
C TYR A 43 -8.78 2.69 -5.50
N GLN A 44 -10.07 2.41 -5.61
CA GLN A 44 -11.08 3.32 -5.09
C GLN A 44 -11.09 3.37 -3.57
N GLU A 45 -10.85 2.24 -2.91
CA GLU A 45 -10.75 2.24 -1.45
C GLU A 45 -9.49 3.03 -1.02
N LEU A 46 -8.42 2.86 -1.78
CA LEU A 46 -7.15 3.51 -1.54
C LEU A 46 -7.30 5.02 -1.69
N GLN A 47 -7.90 5.47 -2.78
CA GLN A 47 -8.06 6.90 -2.96
C GLN A 47 -9.00 7.49 -1.94
N ASN A 48 -9.93 6.69 -1.48
CA ASN A 48 -10.87 7.11 -0.46
C ASN A 48 -10.19 7.28 0.89
N GLU A 49 -9.31 6.34 1.24
CA GLU A 49 -8.57 6.44 2.50
C GLU A 49 -7.60 7.61 2.40
N ILE A 50 -7.01 7.78 1.22
CA ILE A 50 -6.16 8.91 0.92
C ILE A 50 -6.92 10.21 1.08
N ASN A 51 -8.13 10.24 0.58
CA ASN A 51 -8.93 11.44 0.58
C ASN A 51 -9.15 11.97 1.98
N VAL A 52 -9.59 11.09 2.85
CA VAL A 52 -9.87 11.47 4.25
C VAL A 52 -8.56 11.74 5.02
N ASN A 53 -7.49 11.09 4.60
CA ASN A 53 -6.17 11.27 5.19
C ASN A 53 -5.61 12.65 4.87
N ASN A 54 -5.81 13.07 3.64
CA ASN A 54 -5.30 14.35 3.17
C ASN A 54 -6.22 15.48 3.55
N SER A 55 -7.48 15.25 3.36
CA SER A 55 -8.45 16.25 3.53
C SER A 55 -9.47 15.80 4.56
N TYR A 56 -9.26 16.22 5.79
CA TYR A 56 -10.18 15.90 6.86
C TYR A 56 -11.33 16.89 6.79
N SER A 57 -10.97 18.07 6.43
CA SER A 57 -11.84 19.18 6.26
C SER A 57 -11.12 20.11 5.30
N PRO A 58 -11.82 21.04 4.63
CA PRO A 58 -11.15 21.98 3.68
C PRO A 58 -10.20 22.93 4.40
N GLN A 59 -10.34 22.99 5.71
CA GLN A 59 -9.53 23.84 6.55
C GLN A 59 -8.60 23.00 7.44
N GLN A 60 -8.43 21.72 7.11
CA GLN A 60 -7.58 20.86 7.91
C GLN A 60 -6.69 20.06 7.04
N ASN A 61 -5.44 20.19 7.29
CA ASN A 61 -4.41 19.49 6.62
C ASN A 61 -3.18 19.64 7.47
N THR A 62 -2.28 18.74 7.37
CA THR A 62 -1.10 18.74 8.16
C THR A 62 -0.07 17.97 7.41
N ILE A 63 1.17 18.27 7.66
CA ILE A 63 2.27 17.65 6.96
C ILE A 63 2.43 16.20 7.38
N GLN A 64 2.44 15.36 6.40
CA GLN A 64 2.58 13.95 6.59
C GLN A 64 3.63 13.48 5.65
N LYS A 65 4.68 13.04 6.17
CA LYS A 65 5.76 12.58 5.39
C LYS A 65 5.82 11.11 5.55
N SER A 66 5.79 10.40 4.47
CA SER A 66 5.79 8.97 4.53
C SER A 66 6.74 8.44 3.51
N SER A 67 7.43 7.38 3.83
CA SER A 67 8.35 6.76 2.92
C SER A 67 8.53 5.28 3.29
N VAL A 68 8.88 4.48 2.28
CA VAL A 68 9.12 3.04 2.42
C VAL A 68 10.02 2.58 1.28
N ASN A 69 10.98 1.73 1.58
CA ASN A 69 11.81 1.14 0.56
C ASN A 69 11.10 -0.08 -0.04
N GLU A 70 11.08 -0.15 -1.34
CA GLU A 70 10.45 -1.22 -2.09
C GLU A 70 10.98 -2.62 -1.74
N ASN A 71 12.26 -2.72 -1.40
CA ASN A 71 12.82 -4.04 -1.11
C ASN A 71 13.05 -4.24 0.35
N GLU A 72 12.32 -3.46 1.08
CA GLU A 72 12.26 -3.50 2.52
C GLU A 72 10.92 -4.13 2.88
N ILE A 73 10.12 -4.26 1.84
CA ILE A 73 8.81 -4.83 1.89
C ILE A 73 8.95 -6.34 1.94
N LYS A 74 8.55 -6.90 3.03
CA LYS A 74 8.63 -8.31 3.25
C LYS A 74 7.35 -8.96 2.76
N ILE A 75 7.45 -9.70 1.70
CA ILE A 75 6.31 -10.32 1.09
C ILE A 75 6.36 -11.84 1.31
N LEU A 76 5.34 -12.36 1.92
CA LEU A 76 5.24 -13.77 2.17
C LEU A 76 4.19 -14.35 1.26
N ALA A 77 4.59 -15.28 0.42
CA ALA A 77 3.70 -15.90 -0.54
C ALA A 77 2.76 -16.88 0.15
N TYR A 78 1.50 -16.69 -0.07
CA TYR A 78 0.48 -17.53 0.49
C TYR A 78 -0.35 -18.11 -0.66
N GLU A 79 -0.95 -19.26 -0.46
CA GLU A 79 -1.73 -19.87 -1.50
C GLU A 79 -3.12 -19.31 -1.63
N SER A 80 -3.62 -19.46 -2.82
CA SER A 80 -4.95 -19.16 -3.22
C SER A 80 -5.22 -20.15 -4.37
N LYS A 81 -6.46 -20.37 -4.78
CA LYS A 81 -6.69 -21.45 -5.75
C LYS A 81 -7.43 -21.04 -7.03
N ASP A 82 -8.04 -19.87 -7.05
CA ASP A 82 -8.80 -19.40 -8.23
C ASP A 82 -7.88 -18.65 -9.20
N ASN A 83 -6.67 -19.22 -9.39
CA ASN A 83 -5.58 -18.65 -10.20
C ASN A 83 -5.12 -17.36 -9.57
N SER A 84 -5.28 -17.30 -8.29
CA SER A 84 -4.95 -16.20 -7.48
C SER A 84 -3.71 -16.50 -6.65
N GLN A 85 -3.05 -15.47 -6.22
CA GLN A 85 -1.86 -15.59 -5.43
C GLN A 85 -1.93 -14.56 -4.31
N GLN A 86 -2.01 -15.02 -3.08
CA GLN A 86 -2.09 -14.19 -1.94
C GLN A 86 -0.68 -13.90 -1.47
N TYR A 87 -0.43 -12.69 -1.19
CA TYR A 87 0.84 -12.27 -0.76
C TYR A 87 0.70 -11.43 0.46
N LEU A 88 1.31 -11.86 1.51
CA LEU A 88 1.29 -11.14 2.73
C LEU A 88 2.35 -10.07 2.67
N VAL A 89 1.99 -8.88 3.02
CA VAL A 89 2.89 -7.78 2.87
C VAL A 89 3.14 -7.10 4.20
N THR A 90 4.35 -7.19 4.64
CA THR A 90 4.79 -6.55 5.83
C THR A 90 5.83 -5.48 5.46
N ALA A 91 5.53 -4.23 5.70
CA ALA A 91 6.43 -3.17 5.29
C ALA A 91 6.50 -2.06 6.33
N PRO A 92 7.72 -1.61 6.67
CA PRO A 92 7.91 -0.51 7.59
C PRO A 92 7.63 0.81 6.91
N ILE A 93 6.92 1.66 7.58
CA ILE A 93 6.59 2.93 7.03
C ILE A 93 7.14 4.01 7.94
N HIS A 94 8.08 4.75 7.45
CA HIS A 94 8.69 5.81 8.22
C HIS A 94 7.90 7.08 7.94
N GLN A 95 7.30 7.64 8.97
CA GLN A 95 6.47 8.81 8.79
C GLN A 95 6.84 9.97 9.70
N VAL A 96 6.43 11.15 9.31
CA VAL A 96 6.61 12.34 10.09
C VAL A 96 5.30 13.09 10.01
N PHE A 97 4.73 13.39 11.12
CA PHE A 97 3.46 14.02 11.16
C PHE A 97 3.63 15.35 11.82
N ASN A 98 3.59 16.37 10.99
CA ASN A 98 3.76 17.78 11.39
C ASN A 98 5.04 17.95 12.24
N GLY A 99 6.08 17.19 11.88
CA GLY A 99 7.35 17.28 12.58
C GLY A 99 7.54 16.18 13.60
N THR A 100 6.55 15.38 13.75
CA THR A 100 6.55 14.30 14.71
C THR A 100 6.98 13.03 14.02
N LYS A 101 8.03 12.42 14.50
CA LYS A 101 8.54 11.22 13.87
C LYS A 101 7.78 10.01 14.33
N ASN A 102 7.33 9.27 13.38
CA ASN A 102 6.53 8.11 13.58
C ASN A 102 7.14 6.97 12.80
N ASP A 103 7.23 5.82 13.38
CA ASP A 103 7.80 4.67 12.72
C ASP A 103 6.99 3.48 13.08
N PHE A 104 6.64 2.68 12.11
CA PHE A 104 5.83 1.52 12.36
C PHE A 104 5.90 0.58 11.18
N GLU A 105 5.47 -0.63 11.37
CA GLU A 105 5.47 -1.59 10.31
C GLU A 105 4.05 -2.12 10.12
N ILE A 106 3.59 -2.12 8.88
CA ILE A 106 2.23 -2.53 8.57
C ILE A 106 2.21 -3.94 8.08
N ASN A 107 1.05 -4.55 8.20
CA ASN A 107 0.83 -5.89 7.75
C ASN A 107 -0.50 -5.95 7.07
N GLN A 108 -0.47 -6.14 5.80
CA GLN A 108 -1.67 -6.23 5.01
C GLN A 108 -1.52 -7.36 4.03
N LEU A 109 -2.56 -8.11 3.78
CA LEU A 109 -2.44 -9.13 2.79
C LEU A 109 -2.93 -8.58 1.45
N ILE A 110 -2.24 -8.92 0.43
CA ILE A 110 -2.59 -8.50 -0.90
C ILE A 110 -2.86 -9.72 -1.76
N GLN A 111 -3.89 -9.65 -2.53
CA GLN A 111 -4.26 -10.68 -3.44
C GLN A 111 -3.94 -10.21 -4.86
N ILE A 112 -3.14 -11.00 -5.55
CA ILE A 112 -2.68 -10.68 -6.89
C ILE A 112 -3.50 -11.44 -7.92
N LYS A 113 -4.06 -10.70 -8.85
CA LYS A 113 -4.83 -11.24 -9.95
C LYS A 113 -4.75 -10.22 -11.06
N ASN A 114 -4.61 -10.70 -12.28
CA ASN A 114 -4.49 -9.86 -13.50
C ASN A 114 -3.29 -8.97 -13.44
N GLN A 115 -2.18 -9.48 -12.85
CA GLN A 115 -0.91 -8.71 -12.77
C GLN A 115 -1.13 -7.45 -11.98
N LYS A 116 -2.07 -7.49 -11.09
CA LYS A 116 -2.43 -6.37 -10.33
C LYS A 116 -2.86 -6.82 -8.97
N ILE A 117 -3.05 -5.90 -8.09
CA ILE A 117 -3.66 -6.17 -6.83
C ILE A 117 -5.13 -6.13 -7.06
N THR A 118 -5.79 -7.15 -6.69
CA THR A 118 -7.18 -7.21 -6.90
C THR A 118 -7.92 -7.00 -5.59
N GLN A 119 -7.20 -7.17 -4.47
CA GLN A 119 -7.76 -6.96 -3.16
C GLN A 119 -6.64 -6.80 -2.16
N ARG A 120 -6.77 -5.84 -1.28
CA ARG A 120 -5.84 -5.58 -0.24
C ARG A 120 -6.62 -5.51 1.06
N THR A 121 -6.12 -6.04 2.10
CA THR A 121 -6.81 -5.93 3.36
C THR A 121 -5.79 -5.93 4.48
N THR A 122 -5.89 -4.95 5.36
CA THR A 122 -5.00 -4.87 6.47
C THR A 122 -5.31 -6.02 7.43
N ILE A 123 -4.30 -6.64 7.93
CA ILE A 123 -4.49 -7.76 8.81
C ILE A 123 -4.02 -7.41 10.20
N GLN A 124 -4.31 -8.27 11.14
CA GLN A 124 -3.93 -8.09 12.52
C GLN A 124 -2.82 -9.09 12.81
N LEU A 125 -2.04 -8.88 13.86
CA LEU A 125 -1.01 -9.81 14.23
C LEU A 125 -1.53 -10.73 15.32
N GLY A 126 -2.02 -10.12 16.39
CA GLY A 126 -2.60 -10.87 17.48
C GLY A 126 -3.11 -9.95 18.56
N GLU A 127 -3.58 -8.81 18.13
CA GLU A 127 -4.08 -7.78 18.99
C GLU A 127 -5.60 -7.97 19.19
N GLU A 128 -6.37 -7.56 18.20
CA GLU A 128 -7.80 -7.79 18.18
C GLU A 128 -8.09 -8.76 17.04
N SER A 1 4.43 -10.22 -17.11
CA SER A 1 4.70 -10.92 -18.33
C SER A 1 4.00 -12.27 -18.33
N ASN A 2 4.48 -13.20 -17.51
CA ASN A 2 3.89 -14.54 -17.48
C ASN A 2 3.49 -14.88 -16.08
N THR A 3 3.71 -13.93 -15.20
CA THR A 3 3.53 -14.04 -13.78
C THR A 3 4.51 -14.90 -13.09
N ASN A 4 4.99 -14.36 -12.05
CA ASN A 4 5.96 -14.97 -11.27
C ASN A 4 5.94 -14.28 -9.95
N GLN A 5 6.45 -14.93 -8.95
CA GLN A 5 6.52 -14.42 -7.60
C GLN A 5 7.14 -13.04 -7.54
N SER A 6 8.25 -12.83 -8.22
CA SER A 6 8.90 -11.55 -8.22
C SER A 6 8.11 -10.48 -9.03
N GLU A 7 7.36 -10.92 -10.06
CA GLU A 7 6.46 -10.00 -10.76
C GLU A 7 5.38 -9.54 -9.78
N SER A 8 4.80 -10.49 -9.11
CA SER A 8 3.77 -10.20 -8.16
C SER A 8 4.29 -9.36 -7.00
N GLU A 9 5.52 -9.65 -6.56
CA GLU A 9 6.16 -8.88 -5.52
C GLU A 9 6.27 -7.47 -5.91
N LYS A 10 6.82 -7.27 -7.08
CA LYS A 10 7.13 -5.97 -7.54
C LYS A 10 5.87 -5.13 -7.67
N ILE A 11 4.76 -5.74 -8.05
CA ILE A 11 3.49 -5.01 -8.20
C ILE A 11 3.04 -4.49 -6.84
N ILE A 12 3.21 -5.34 -5.84
CA ILE A 12 2.90 -5.00 -4.46
C ILE A 12 3.88 -3.90 -4.00
N LYS A 13 5.13 -4.10 -4.35
CA LYS A 13 6.18 -3.19 -4.02
C LYS A 13 5.98 -1.83 -4.67
N GLU A 14 5.53 -1.81 -5.94
CA GLU A 14 5.26 -0.56 -6.62
C GLU A 14 4.11 0.13 -5.91
N PHE A 15 3.07 -0.68 -5.56
CA PHE A 15 1.84 -0.19 -4.90
C PHE A 15 2.18 0.58 -3.64
N TYR A 16 2.93 -0.05 -2.77
CA TYR A 16 3.32 0.56 -1.50
C TYR A 16 4.27 1.72 -1.72
N LYS A 17 5.26 1.52 -2.58
CA LYS A 17 6.25 2.52 -2.87
C LYS A 17 5.60 3.76 -3.46
N THR A 18 4.52 3.59 -4.15
CA THR A 18 3.83 4.70 -4.68
C THR A 18 2.99 5.37 -3.57
N VAL A 19 2.07 4.62 -2.99
CA VAL A 19 1.10 5.20 -2.07
C VAL A 19 1.64 5.66 -0.74
N TYR A 20 2.75 5.13 -0.34
CA TYR A 20 3.34 5.51 0.91
C TYR A 20 4.62 6.31 0.74
N ASN A 21 4.77 7.00 -0.38
CA ASN A 21 5.90 7.88 -0.60
C ASN A 21 5.45 9.23 -1.03
N TYR A 22 5.38 10.11 -0.08
CA TYR A 22 4.97 11.47 -0.31
C TYR A 22 5.54 12.33 0.73
N GLU A 23 5.62 13.57 0.47
CA GLU A 23 6.14 14.42 1.44
C GLU A 23 5.10 15.13 2.30
N LYS A 24 4.00 15.50 1.75
CA LYS A 24 3.03 16.19 2.58
C LYS A 24 1.68 15.53 2.50
N SER A 25 1.33 15.05 1.33
CA SER A 25 0.03 14.49 1.10
C SER A 25 0.06 13.34 0.08
N GLN A 26 -0.75 12.29 0.33
CA GLN A 26 -0.83 11.11 -0.56
C GLN A 26 -1.35 11.46 -1.96
N LYS A 27 -1.80 12.66 -2.16
CA LYS A 27 -2.31 13.08 -3.45
C LYS A 27 -1.17 13.41 -4.45
N GLU A 28 0.08 13.43 -3.95
CA GLU A 28 1.29 13.71 -4.75
C GLU A 28 1.68 12.51 -5.64
N ILE A 29 1.34 11.34 -5.17
CA ILE A 29 1.86 10.05 -5.69
C ILE A 29 1.34 9.65 -7.08
N SER A 30 0.49 10.47 -7.69
CA SER A 30 -0.10 10.15 -9.00
C SER A 30 -0.99 8.89 -8.91
N MET A 31 -2.27 9.11 -8.64
CA MET A 31 -3.23 8.04 -8.44
C MET A 31 -3.46 7.17 -9.68
N THR A 32 -3.04 7.65 -10.82
CA THR A 32 -3.20 6.89 -12.03
C THR A 32 -2.25 5.68 -12.01
N THR A 33 -1.07 5.86 -11.43
CA THR A 33 -0.07 4.82 -11.41
C THR A 33 -0.49 3.66 -10.51
N VAL A 34 -1.08 3.99 -9.39
CA VAL A 34 -1.57 2.97 -8.50
C VAL A 34 -2.74 2.17 -9.13
N LYS A 35 -3.52 2.84 -9.96
CA LYS A 35 -4.57 2.22 -10.72
C LYS A 35 -4.02 1.19 -11.75
N GLU A 36 -2.78 1.33 -12.09
CA GLU A 36 -2.15 0.43 -13.03
C GLU A 36 -1.65 -0.80 -12.26
N LEU A 37 -1.30 -0.58 -11.02
CA LEU A 37 -0.78 -1.62 -10.13
C LEU A 37 -1.91 -2.40 -9.48
N ALA A 38 -3.00 -1.76 -9.22
CA ALA A 38 -4.11 -2.37 -8.53
C ALA A 38 -5.38 -2.17 -9.28
N THR A 39 -6.37 -2.98 -9.03
CA THR A 39 -7.65 -2.85 -9.65
C THR A 39 -8.40 -1.65 -9.07
N ASP A 40 -9.38 -1.17 -9.81
CA ASP A 40 -10.18 -0.02 -9.40
C ASP A 40 -10.81 -0.17 -8.03
N ASN A 41 -11.16 -1.39 -7.64
CA ASN A 41 -11.75 -1.60 -6.32
C ASN A 41 -10.74 -1.26 -5.19
N VAL A 42 -9.51 -1.76 -5.29
CA VAL A 42 -8.48 -1.45 -4.30
C VAL A 42 -7.95 -0.04 -4.47
N TYR A 43 -7.96 0.41 -5.68
CA TYR A 43 -7.62 1.77 -5.99
C TYR A 43 -8.60 2.75 -5.32
N GLN A 44 -9.89 2.45 -5.40
CA GLN A 44 -10.91 3.34 -4.88
C GLN A 44 -10.93 3.39 -3.35
N GLU A 45 -10.63 2.26 -2.70
CA GLU A 45 -10.56 2.25 -1.24
C GLU A 45 -9.37 3.10 -0.81
N LEU A 46 -8.31 3.01 -1.58
CA LEU A 46 -7.07 3.69 -1.34
C LEU A 46 -7.21 5.18 -1.47
N GLN A 47 -7.79 5.63 -2.58
CA GLN A 47 -7.97 7.06 -2.78
C GLN A 47 -8.89 7.66 -1.74
N ASN A 48 -9.80 6.85 -1.24
CA ASN A 48 -10.68 7.28 -0.18
C ASN A 48 -9.94 7.35 1.14
N GLU A 49 -9.03 6.39 1.35
CA GLU A 49 -8.11 6.39 2.46
C GLU A 49 -7.32 7.69 2.40
N ILE A 50 -6.73 7.91 1.25
CA ILE A 50 -5.96 9.09 0.96
C ILE A 50 -6.78 10.34 1.24
N ASN A 51 -7.98 10.36 0.76
CA ASN A 51 -8.81 11.53 0.86
C ASN A 51 -9.07 11.89 2.32
N VAL A 52 -9.45 10.88 3.12
CA VAL A 52 -9.77 11.13 4.54
C VAL A 52 -8.50 11.42 5.35
N ASN A 53 -7.40 10.87 4.88
CA ASN A 53 -6.13 11.02 5.55
C ASN A 53 -5.53 12.40 5.27
N ASN A 54 -5.81 12.93 4.10
CA ASN A 54 -5.30 14.23 3.73
C ASN A 54 -6.20 15.32 4.28
N SER A 55 -7.48 15.07 4.20
CA SER A 55 -8.46 16.00 4.68
C SER A 55 -9.37 15.32 5.68
N TYR A 56 -9.11 15.55 6.94
CA TYR A 56 -9.92 14.97 7.99
C TYR A 56 -11.14 15.85 8.20
N SER A 57 -10.89 17.14 8.21
CA SER A 57 -11.89 18.14 8.43
C SER A 57 -11.25 19.47 8.07
N PRO A 58 -12.02 20.58 7.98
CA PRO A 58 -11.44 21.91 7.73
C PRO A 58 -10.63 22.43 8.93
N GLN A 59 -10.73 21.74 10.03
CA GLN A 59 -10.01 22.12 11.23
C GLN A 59 -8.78 21.23 11.47
N GLN A 60 -8.89 19.95 11.17
CA GLN A 60 -7.76 19.06 11.37
C GLN A 60 -7.04 18.82 10.08
N ASN A 61 -5.86 19.25 10.06
CA ASN A 61 -4.96 19.07 8.98
C ASN A 61 -3.58 19.02 9.58
N THR A 62 -2.67 18.35 8.93
CA THR A 62 -1.36 18.16 9.45
C THR A 62 -0.43 17.69 8.35
N ILE A 63 0.85 17.90 8.54
CA ILE A 63 1.86 17.48 7.60
C ILE A 63 2.13 15.98 7.79
N GLN A 64 2.28 15.27 6.70
CA GLN A 64 2.57 13.88 6.69
C GLN A 64 3.61 13.59 5.67
N LYS A 65 4.70 13.12 6.11
CA LYS A 65 5.76 12.71 5.24
C LYS A 65 5.79 11.22 5.35
N SER A 66 5.76 10.54 4.27
CA SER A 66 5.76 9.12 4.30
C SER A 66 6.69 8.60 3.25
N SER A 67 7.32 7.52 3.55
CA SER A 67 8.27 6.92 2.66
C SER A 67 8.43 5.44 3.03
N VAL A 68 8.71 4.62 2.05
CA VAL A 68 8.91 3.20 2.25
C VAL A 68 9.85 2.66 1.18
N ASN A 69 10.81 1.87 1.60
CA ASN A 69 11.71 1.21 0.69
C ASN A 69 11.06 -0.07 0.21
N GLU A 70 11.03 -0.22 -1.09
CA GLU A 70 10.43 -1.37 -1.74
C GLU A 70 11.17 -2.69 -1.40
N ASN A 71 12.39 -2.57 -0.96
CA ASN A 71 13.19 -3.74 -0.62
C ASN A 71 12.98 -4.09 0.83
N GLU A 72 12.30 -3.21 1.53
CA GLU A 72 12.02 -3.39 2.93
C GLU A 72 10.65 -4.05 3.07
N ILE A 73 10.00 -4.21 1.93
CA ILE A 73 8.69 -4.77 1.88
C ILE A 73 8.79 -6.28 1.93
N LYS A 74 8.39 -6.81 3.05
CA LYS A 74 8.45 -8.21 3.30
C LYS A 74 7.18 -8.86 2.80
N ILE A 75 7.35 -9.64 1.75
CA ILE A 75 6.25 -10.33 1.12
C ILE A 75 6.40 -11.82 1.34
N LEU A 76 5.37 -12.41 1.86
CA LEU A 76 5.35 -13.81 2.12
C LEU A 76 4.25 -14.45 1.29
N ALA A 77 4.63 -15.33 0.39
CA ALA A 77 3.68 -16.03 -0.47
C ALA A 77 2.78 -16.89 0.39
N TYR A 78 1.52 -16.71 0.27
CA TYR A 78 0.57 -17.42 1.09
C TYR A 78 -0.28 -18.27 0.21
N GLU A 79 -0.73 -19.31 0.79
CA GLU A 79 -1.52 -20.29 0.16
C GLU A 79 -2.82 -19.77 -0.35
N SER A 80 -2.98 -19.94 -1.61
CA SER A 80 -4.11 -19.45 -2.31
C SER A 80 -4.80 -20.62 -3.00
N LYS A 81 -6.10 -20.60 -3.01
CA LYS A 81 -6.91 -21.65 -3.65
C LYS A 81 -8.11 -20.99 -4.30
N ASP A 82 -8.08 -19.68 -4.30
CA ASP A 82 -9.14 -18.79 -4.78
C ASP A 82 -8.78 -18.31 -6.18
N ASN A 83 -7.93 -19.09 -6.85
CA ASN A 83 -7.40 -18.85 -8.22
C ASN A 83 -6.59 -17.55 -8.34
N SER A 84 -6.28 -16.94 -7.23
CA SER A 84 -5.50 -15.75 -7.22
C SER A 84 -4.23 -16.06 -6.46
N GLN A 85 -3.43 -15.06 -6.23
CA GLN A 85 -2.22 -15.25 -5.49
C GLN A 85 -2.26 -14.35 -4.27
N GLN A 86 -2.33 -14.92 -3.11
CA GLN A 86 -2.33 -14.20 -1.88
C GLN A 86 -0.91 -14.05 -1.40
N TYR A 87 -0.52 -12.85 -1.27
CA TYR A 87 0.77 -12.51 -0.80
C TYR A 87 0.61 -11.69 0.45
N LEU A 88 1.12 -12.19 1.53
CA LEU A 88 1.06 -11.51 2.78
C LEU A 88 2.11 -10.44 2.73
N VAL A 89 1.75 -9.25 3.07
CA VAL A 89 2.66 -8.17 2.96
C VAL A 89 2.83 -7.48 4.30
N THR A 90 4.04 -7.20 4.63
CA THR A 90 4.37 -6.48 5.81
C THR A 90 5.49 -5.49 5.49
N ALA A 91 5.20 -4.21 5.60
CA ALA A 91 6.16 -3.21 5.20
C ALA A 91 6.21 -2.05 6.18
N PRO A 92 7.42 -1.61 6.55
CA PRO A 92 7.61 -0.47 7.41
C PRO A 92 7.41 0.84 6.67
N ILE A 93 6.67 1.71 7.27
CA ILE A 93 6.39 2.99 6.69
C ILE A 93 7.06 4.04 7.57
N HIS A 94 7.93 4.79 6.97
CA HIS A 94 8.65 5.81 7.68
C HIS A 94 7.93 7.12 7.51
N GLN A 95 7.31 7.59 8.56
CA GLN A 95 6.53 8.78 8.46
C GLN A 95 7.01 9.87 9.39
N VAL A 96 6.58 11.05 9.07
CA VAL A 96 6.79 12.22 9.86
C VAL A 96 5.45 12.91 9.91
N PHE A 97 4.96 13.11 11.06
CA PHE A 97 3.67 13.61 11.27
C PHE A 97 3.80 14.90 11.99
N ASN A 98 3.56 15.95 11.24
CA ASN A 98 3.65 17.34 11.70
C ASN A 98 5.04 17.63 12.28
N GLY A 99 6.06 17.01 11.66
CA GLY A 99 7.43 17.23 12.09
C GLY A 99 7.90 16.21 13.11
N THR A 100 7.03 15.30 13.41
CA THR A 100 7.28 14.29 14.41
C THR A 100 7.39 12.97 13.76
N LYS A 101 8.37 12.26 14.15
CA LYS A 101 8.63 11.08 13.55
C LYS A 101 7.69 10.00 14.00
N ASN A 102 7.30 9.21 13.08
CA ASN A 102 6.47 8.08 13.32
C ASN A 102 6.85 6.98 12.36
N ASP A 103 7.48 5.97 12.86
CA ASP A 103 7.95 4.87 12.05
C ASP A 103 7.26 3.62 12.53
N PHE A 104 6.55 2.95 11.64
CA PHE A 104 5.75 1.80 12.02
C PHE A 104 5.71 0.81 10.87
N GLU A 105 5.11 -0.33 11.08
CA GLU A 105 5.02 -1.34 10.05
C GLU A 105 3.57 -1.74 9.89
N ILE A 106 3.13 -1.91 8.65
CA ILE A 106 1.75 -2.29 8.42
C ILE A 106 1.69 -3.73 7.94
N ASN A 107 0.57 -4.37 8.19
CA ASN A 107 0.43 -5.77 7.86
C ASN A 107 -0.87 -5.95 7.09
N GLN A 108 -0.77 -6.23 5.81
CA GLN A 108 -1.96 -6.44 5.00
C GLN A 108 -1.70 -7.53 4.02
N LEU A 109 -2.70 -8.33 3.72
CA LEU A 109 -2.53 -9.33 2.71
C LEU A 109 -2.93 -8.70 1.38
N ILE A 110 -2.21 -8.99 0.36
CA ILE A 110 -2.50 -8.50 -0.97
C ILE A 110 -2.66 -9.67 -1.92
N GLN A 111 -3.70 -9.65 -2.69
CA GLN A 111 -3.85 -10.64 -3.70
C GLN A 111 -3.57 -10.12 -5.07
N ILE A 112 -2.79 -10.87 -5.79
CA ILE A 112 -2.38 -10.55 -7.11
C ILE A 112 -3.20 -11.33 -8.14
N LYS A 113 -3.76 -10.61 -9.05
CA LYS A 113 -4.56 -11.13 -10.13
C LYS A 113 -4.48 -10.13 -11.24
N ASN A 114 -4.31 -10.62 -12.46
CA ASN A 114 -4.26 -9.77 -13.68
C ASN A 114 -3.13 -8.79 -13.63
N GLN A 115 -2.01 -9.23 -13.05
CA GLN A 115 -0.77 -8.44 -12.95
C GLN A 115 -1.00 -7.23 -12.08
N LYS A 116 -1.97 -7.32 -11.23
CA LYS A 116 -2.36 -6.23 -10.42
C LYS A 116 -2.74 -6.74 -9.05
N ILE A 117 -2.96 -5.83 -8.15
CA ILE A 117 -3.53 -6.16 -6.87
C ILE A 117 -5.01 -6.15 -7.09
N THR A 118 -5.63 -7.20 -6.72
CA THR A 118 -7.03 -7.32 -6.90
C THR A 118 -7.75 -7.06 -5.59
N GLN A 119 -7.07 -7.27 -4.47
CA GLN A 119 -7.65 -6.99 -3.17
C GLN A 119 -6.57 -6.94 -2.14
N ARG A 120 -6.76 -6.12 -1.15
CA ARG A 120 -5.92 -6.07 -0.03
C ARG A 120 -6.80 -5.94 1.18
N THR A 121 -6.34 -6.39 2.30
CA THR A 121 -7.09 -6.21 3.52
C THR A 121 -6.11 -6.09 4.65
N THR A 122 -6.35 -5.17 5.57
CA THR A 122 -5.48 -5.02 6.70
C THR A 122 -5.69 -6.21 7.62
N ILE A 123 -4.62 -6.77 8.07
CA ILE A 123 -4.67 -7.96 8.89
C ILE A 123 -3.94 -7.75 10.20
N GLN A 124 -4.07 -8.68 11.07
CA GLN A 124 -3.37 -8.71 12.32
C GLN A 124 -2.65 -10.06 12.31
N LEU A 125 -1.63 -10.23 13.09
CA LEU A 125 -0.93 -11.49 13.11
C LEU A 125 -1.50 -12.35 14.22
N GLY A 126 -1.75 -11.74 15.36
CA GLY A 126 -2.39 -12.45 16.44
C GLY A 126 -1.78 -12.13 17.78
N GLU A 127 -2.35 -11.13 18.44
CA GLU A 127 -1.94 -10.62 19.72
C GLU A 127 -0.43 -10.40 19.83
N GLU A 128 -0.01 -9.34 19.20
CA GLU A 128 1.36 -8.95 19.11
C GLU A 128 1.65 -7.69 19.96
N SER A 1 4.55 -11.04 -17.12
CA SER A 1 4.12 -11.82 -18.25
C SER A 1 2.91 -12.69 -17.88
N ASN A 2 3.04 -13.48 -16.82
CA ASN A 2 1.95 -14.36 -16.41
C ASN A 2 1.95 -14.49 -14.91
N THR A 3 2.63 -13.57 -14.27
CA THR A 3 2.85 -13.53 -12.85
C THR A 3 3.77 -14.58 -12.33
N ASN A 4 4.44 -14.20 -11.32
CA ASN A 4 5.40 -14.96 -10.69
C ASN A 4 5.67 -14.26 -9.42
N GLN A 5 6.40 -14.88 -8.55
CA GLN A 5 6.74 -14.33 -7.25
C GLN A 5 7.31 -12.93 -7.37
N SER A 6 8.31 -12.78 -8.19
CA SER A 6 8.98 -11.51 -8.36
C SER A 6 8.07 -10.47 -9.02
N GLU A 7 7.29 -10.90 -10.01
CA GLU A 7 6.34 -10.02 -10.66
C GLU A 7 5.32 -9.53 -9.66
N SER A 8 4.73 -10.45 -8.96
CA SER A 8 3.72 -10.18 -7.99
C SER A 8 4.27 -9.30 -6.88
N GLU A 9 5.47 -9.63 -6.40
CA GLU A 9 6.13 -8.85 -5.37
C GLU A 9 6.31 -7.45 -5.80
N LYS A 10 6.83 -7.30 -7.00
CA LYS A 10 7.18 -6.01 -7.49
C LYS A 10 5.94 -5.14 -7.61
N ILE A 11 4.80 -5.73 -7.99
CA ILE A 11 3.55 -4.98 -8.17
C ILE A 11 3.10 -4.44 -6.81
N ILE A 12 3.24 -5.28 -5.81
CA ILE A 12 2.93 -4.92 -4.45
C ILE A 12 3.91 -3.83 -4.00
N LYS A 13 5.16 -4.04 -4.33
CA LYS A 13 6.21 -3.10 -4.00
C LYS A 13 6.00 -1.77 -4.69
N GLU A 14 5.57 -1.78 -5.95
CA GLU A 14 5.30 -0.56 -6.66
C GLU A 14 4.14 0.15 -5.95
N PHE A 15 3.09 -0.64 -5.62
CA PHE A 15 1.87 -0.14 -4.98
C PHE A 15 2.20 0.61 -3.70
N TYR A 16 2.92 -0.06 -2.82
CA TYR A 16 3.28 0.51 -1.53
C TYR A 16 4.27 1.65 -1.69
N LYS A 17 5.24 1.48 -2.57
CA LYS A 17 6.22 2.50 -2.83
C LYS A 17 5.57 3.73 -3.41
N THR A 18 4.50 3.55 -4.13
CA THR A 18 3.80 4.67 -4.69
C THR A 18 3.02 5.35 -3.59
N VAL A 19 2.11 4.62 -2.96
CA VAL A 19 1.21 5.22 -2.01
C VAL A 19 1.91 5.71 -0.73
N TYR A 20 2.89 5.02 -0.30
CA TYR A 20 3.57 5.41 0.90
C TYR A 20 4.85 6.18 0.64
N ASN A 21 4.94 6.87 -0.48
CA ASN A 21 6.09 7.73 -0.74
C ASN A 21 5.66 9.08 -1.19
N TYR A 22 5.62 9.98 -0.26
CA TYR A 22 5.27 11.34 -0.55
C TYR A 22 5.84 12.27 0.46
N GLU A 23 5.58 13.49 0.25
CA GLU A 23 6.03 14.51 1.07
C GLU A 23 5.05 14.98 2.10
N LYS A 24 3.94 15.46 1.68
CA LYS A 24 3.11 16.15 2.62
C LYS A 24 1.68 15.65 2.56
N SER A 25 1.23 15.33 1.39
CA SER A 25 -0.09 14.81 1.19
C SER A 25 -0.03 13.66 0.20
N GLN A 26 -0.65 12.56 0.54
CA GLN A 26 -0.58 11.36 -0.28
C GLN A 26 -1.26 11.53 -1.67
N LYS A 27 -1.94 12.64 -1.86
CA LYS A 27 -2.54 12.96 -3.15
C LYS A 27 -1.44 13.29 -4.22
N GLU A 28 -0.18 13.46 -3.76
CA GLU A 28 1.00 13.75 -4.63
C GLU A 28 1.40 12.56 -5.51
N ILE A 29 1.14 11.36 -5.02
CA ILE A 29 1.70 10.10 -5.56
C ILE A 29 1.17 9.66 -6.94
N SER A 30 0.26 10.44 -7.52
CA SER A 30 -0.34 10.10 -8.82
C SER A 30 -1.23 8.84 -8.74
N MET A 31 -2.51 9.08 -8.52
CA MET A 31 -3.51 8.03 -8.34
C MET A 31 -3.71 7.16 -9.60
N THR A 32 -3.19 7.59 -10.72
CA THR A 32 -3.30 6.80 -11.91
C THR A 32 -2.38 5.58 -11.79
N THR A 33 -1.23 5.75 -11.15
CA THR A 33 -0.25 4.71 -11.04
C THR A 33 -0.75 3.55 -10.17
N VAL A 34 -1.42 3.89 -9.09
CA VAL A 34 -2.02 2.88 -8.22
C VAL A 34 -3.12 2.09 -8.97
N LYS A 35 -3.82 2.77 -9.87
CA LYS A 35 -4.81 2.16 -10.69
C LYS A 35 -4.21 1.15 -11.70
N GLU A 36 -2.96 1.33 -12.01
CA GLU A 36 -2.29 0.45 -12.94
C GLU A 36 -1.80 -0.78 -12.17
N LEU A 37 -1.40 -0.56 -10.94
CA LEU A 37 -0.87 -1.60 -10.04
C LEU A 37 -1.99 -2.38 -9.35
N ALA A 38 -3.14 -1.77 -9.22
CA ALA A 38 -4.26 -2.43 -8.54
C ALA A 38 -5.54 -2.26 -9.33
N THR A 39 -6.56 -3.03 -9.02
CA THR A 39 -7.83 -2.89 -9.68
C THR A 39 -8.53 -1.66 -9.18
N ASP A 40 -9.51 -1.21 -9.92
CA ASP A 40 -10.31 -0.06 -9.54
C ASP A 40 -10.97 -0.20 -8.18
N ASN A 41 -11.30 -1.42 -7.80
CA ASN A 41 -11.90 -1.67 -6.48
C ASN A 41 -10.93 -1.26 -5.36
N VAL A 42 -9.74 -1.81 -5.41
CA VAL A 42 -8.72 -1.53 -4.40
C VAL A 42 -8.13 -0.13 -4.58
N TYR A 43 -8.12 0.34 -5.79
CA TYR A 43 -7.71 1.68 -6.11
C TYR A 43 -8.64 2.72 -5.46
N GLN A 44 -9.95 2.49 -5.56
CA GLN A 44 -10.91 3.46 -5.05
C GLN A 44 -10.92 3.51 -3.53
N GLU A 45 -10.69 2.38 -2.87
CA GLU A 45 -10.64 2.36 -1.42
C GLU A 45 -9.38 3.13 -0.96
N LEU A 46 -8.30 2.94 -1.71
CA LEU A 46 -7.02 3.55 -1.44
C LEU A 46 -7.12 5.05 -1.58
N GLN A 47 -7.66 5.53 -2.66
CA GLN A 47 -7.76 6.96 -2.87
C GLN A 47 -8.66 7.62 -1.84
N ASN A 48 -9.62 6.87 -1.37
CA ASN A 48 -10.53 7.37 -0.34
C ASN A 48 -9.88 7.43 1.01
N GLU A 49 -9.10 6.41 1.38
CA GLU A 49 -8.38 6.41 2.64
C GLU A 49 -7.34 7.53 2.62
N ILE A 50 -6.79 7.77 1.44
CA ILE A 50 -5.89 8.89 1.22
C ILE A 50 -6.64 10.19 1.43
N ASN A 51 -7.78 10.30 0.77
CA ASN A 51 -8.57 11.52 0.78
C ASN A 51 -8.88 11.97 2.18
N VAL A 52 -9.41 11.08 2.98
CA VAL A 52 -9.78 11.38 4.36
C VAL A 52 -8.55 11.66 5.23
N ASN A 53 -7.41 11.06 4.89
CA ASN A 53 -6.21 11.24 5.68
C ASN A 53 -5.53 12.57 5.33
N ASN A 54 -5.71 13.00 4.10
CA ASN A 54 -5.13 14.26 3.66
C ASN A 54 -6.04 15.39 4.05
N SER A 55 -7.30 15.16 3.89
CA SER A 55 -8.28 16.12 4.17
C SER A 55 -9.30 15.51 5.07
N TYR A 56 -9.11 15.72 6.36
CA TYR A 56 -10.02 15.17 7.36
C TYR A 56 -11.32 15.95 7.32
N SER A 57 -11.17 17.17 6.98
CA SER A 57 -12.21 18.10 6.77
C SER A 57 -11.62 19.14 5.84
N PRO A 58 -12.42 19.99 5.17
CA PRO A 58 -11.90 20.99 4.21
C PRO A 58 -11.01 22.04 4.88
N GLN A 59 -11.04 22.07 6.19
CA GLN A 59 -10.29 23.03 6.94
C GLN A 59 -9.09 22.35 7.65
N GLN A 60 -8.90 21.06 7.43
CA GLN A 60 -7.86 20.35 8.15
C GLN A 60 -6.92 19.66 7.20
N ASN A 61 -5.66 19.94 7.38
CA ASN A 61 -4.60 19.33 6.66
C ASN A 61 -3.37 19.53 7.52
N THR A 62 -2.36 18.76 7.33
CA THR A 62 -1.18 18.80 8.13
C THR A 62 -0.08 18.06 7.41
N ILE A 63 1.15 18.31 7.80
CA ILE A 63 2.29 17.69 7.17
C ILE A 63 2.39 16.24 7.59
N GLN A 64 2.49 15.39 6.63
CA GLN A 64 2.58 13.98 6.79
C GLN A 64 3.58 13.48 5.84
N LYS A 65 4.62 12.91 6.33
CA LYS A 65 5.64 12.39 5.49
C LYS A 65 5.58 10.93 5.55
N SER A 66 5.59 10.33 4.42
CA SER A 66 5.61 8.90 4.38
C SER A 66 6.57 8.45 3.33
N SER A 67 7.36 7.49 3.66
CA SER A 67 8.31 6.92 2.75
C SER A 67 8.52 5.46 3.12
N VAL A 68 8.77 4.63 2.15
CA VAL A 68 8.97 3.21 2.36
C VAL A 68 10.00 2.67 1.36
N ASN A 69 10.90 1.86 1.86
CA ASN A 69 11.86 1.18 1.02
C ASN A 69 11.21 -0.05 0.43
N GLU A 70 11.08 -0.07 -0.88
CA GLU A 70 10.50 -1.19 -1.60
C GLU A 70 11.25 -2.50 -1.36
N ASN A 71 12.52 -2.39 -1.03
CA ASN A 71 13.34 -3.57 -0.80
C ASN A 71 13.27 -4.02 0.64
N GLU A 72 12.45 -3.34 1.42
CA GLU A 72 12.24 -3.71 2.81
C GLU A 72 10.79 -4.18 2.96
N ILE A 73 10.12 -4.26 1.82
CA ILE A 73 8.79 -4.76 1.79
C ILE A 73 8.89 -6.25 1.77
N LYS A 74 8.65 -6.81 2.89
CA LYS A 74 8.78 -8.20 3.10
C LYS A 74 7.49 -8.88 2.74
N ILE A 75 7.53 -9.60 1.67
CA ILE A 75 6.38 -10.26 1.17
C ILE A 75 6.49 -11.74 1.42
N LEU A 76 5.57 -12.25 2.14
CA LEU A 76 5.51 -13.62 2.46
C LEU A 76 4.48 -14.25 1.55
N ALA A 77 4.94 -15.07 0.65
CA ALA A 77 4.05 -15.76 -0.27
C ALA A 77 3.14 -16.65 0.52
N TYR A 78 1.90 -16.42 0.38
CA TYR A 78 0.93 -17.14 1.12
C TYR A 78 0.30 -18.09 0.18
N GLU A 79 0.13 -19.25 0.66
CA GLU A 79 -0.49 -20.24 -0.11
C GLU A 79 -1.93 -19.90 -0.23
N SER A 80 -2.31 -19.76 -1.43
CA SER A 80 -3.56 -19.17 -1.71
C SER A 80 -4.67 -20.16 -1.64
N LYS A 81 -5.68 -19.76 -0.94
CA LYS A 81 -6.82 -20.59 -0.69
C LYS A 81 -7.83 -20.36 -1.78
N ASP A 82 -7.72 -19.24 -2.46
CA ASP A 82 -8.75 -18.81 -3.36
C ASP A 82 -8.22 -17.98 -4.51
N ASN A 83 -8.97 -18.11 -5.62
CA ASN A 83 -9.01 -17.22 -6.82
C ASN A 83 -7.69 -16.81 -7.50
N SER A 84 -6.57 -16.91 -6.85
CA SER A 84 -5.41 -16.25 -7.37
C SER A 84 -4.19 -16.62 -6.54
N GLN A 85 -3.28 -15.68 -6.48
CA GLN A 85 -2.06 -15.77 -5.75
C GLN A 85 -2.14 -14.69 -4.68
N GLN A 86 -2.18 -15.09 -3.45
CA GLN A 86 -2.31 -14.16 -2.37
C GLN A 86 -0.97 -14.05 -1.64
N TYR A 87 -0.57 -12.87 -1.37
CA TYR A 87 0.71 -12.58 -0.83
C TYR A 87 0.55 -11.75 0.43
N LEU A 88 1.24 -12.12 1.47
CA LEU A 88 1.19 -11.41 2.72
C LEU A 88 2.24 -10.33 2.65
N VAL A 89 1.89 -9.15 3.01
CA VAL A 89 2.79 -8.05 2.88
C VAL A 89 3.05 -7.40 4.24
N THR A 90 4.30 -7.24 4.56
CA THR A 90 4.71 -6.57 5.75
C THR A 90 5.76 -5.51 5.37
N ALA A 91 5.46 -4.25 5.61
CA ALA A 91 6.35 -3.18 5.21
C ALA A 91 6.39 -2.05 6.23
N PRO A 92 7.59 -1.57 6.55
CA PRO A 92 7.77 -0.45 7.45
C PRO A 92 7.47 0.88 6.75
N ILE A 93 6.73 1.72 7.40
CA ILE A 93 6.37 2.98 6.82
C ILE A 93 6.97 4.06 7.67
N HIS A 94 7.90 4.75 7.12
CA HIS A 94 8.61 5.80 7.82
C HIS A 94 7.79 7.07 7.69
N GLN A 95 7.19 7.51 8.78
CA GLN A 95 6.32 8.65 8.73
C GLN A 95 6.70 9.75 9.66
N VAL A 96 6.18 10.93 9.38
CA VAL A 96 6.32 12.03 10.25
C VAL A 96 4.99 12.74 10.25
N PHE A 97 4.60 13.25 11.37
CA PHE A 97 3.38 13.93 11.49
C PHE A 97 3.67 15.29 12.05
N ASN A 98 3.59 16.27 11.18
CA ASN A 98 3.84 17.69 11.48
C ASN A 98 5.19 17.88 12.22
N GLY A 99 6.17 17.06 11.83
CA GLY A 99 7.50 17.17 12.43
C GLY A 99 7.78 16.08 13.43
N THR A 100 6.77 15.36 13.78
CA THR A 100 6.87 14.28 14.73
C THR A 100 7.20 13.00 13.99
N LYS A 101 8.27 12.36 14.35
CA LYS A 101 8.69 11.15 13.67
C LYS A 101 7.97 9.95 14.22
N ASN A 102 7.43 9.15 13.34
CA ASN A 102 6.67 7.98 13.69
C ASN A 102 6.98 6.86 12.71
N ASP A 103 7.59 5.83 13.20
CA ASP A 103 7.95 4.70 12.36
C ASP A 103 7.17 3.50 12.83
N PHE A 104 6.73 2.68 11.91
CA PHE A 104 5.94 1.53 12.23
C PHE A 104 5.89 0.61 11.04
N GLU A 105 5.47 -0.60 11.24
CA GLU A 105 5.36 -1.54 10.16
C GLU A 105 3.91 -1.96 10.00
N ILE A 106 3.45 -2.03 8.77
CA ILE A 106 2.07 -2.39 8.51
C ILE A 106 2.00 -3.81 8.03
N ASN A 107 0.88 -4.44 8.24
CA ASN A 107 0.70 -5.81 7.87
C ASN A 107 -0.60 -5.91 7.09
N GLN A 108 -0.51 -6.23 5.83
CA GLN A 108 -1.71 -6.40 5.02
C GLN A 108 -1.52 -7.55 4.08
N LEU A 109 -2.58 -8.20 3.70
CA LEU A 109 -2.47 -9.23 2.72
C LEU A 109 -2.98 -8.66 1.40
N ILE A 110 -2.34 -9.04 0.35
CA ILE A 110 -2.67 -8.57 -0.97
C ILE A 110 -2.88 -9.76 -1.88
N GLN A 111 -3.90 -9.68 -2.67
CA GLN A 111 -4.20 -10.68 -3.61
C GLN A 111 -3.85 -10.20 -5.02
N ILE A 112 -3.02 -10.97 -5.72
CA ILE A 112 -2.53 -10.64 -7.05
C ILE A 112 -3.30 -11.40 -8.12
N LYS A 113 -3.76 -10.66 -9.09
CA LYS A 113 -4.46 -11.18 -10.23
C LYS A 113 -4.32 -10.19 -11.34
N ASN A 114 -4.07 -10.70 -12.54
CA ASN A 114 -4.02 -9.88 -13.78
C ASN A 114 -2.92 -8.84 -13.70
N GLN A 115 -1.80 -9.22 -13.08
CA GLN A 115 -0.60 -8.37 -12.96
C GLN A 115 -0.89 -7.16 -12.10
N LYS A 116 -1.87 -7.28 -11.26
CA LYS A 116 -2.21 -6.21 -10.38
C LYS A 116 -2.79 -6.74 -9.09
N ILE A 117 -2.96 -5.86 -8.13
CA ILE A 117 -3.62 -6.21 -6.91
C ILE A 117 -5.10 -6.17 -7.15
N THR A 118 -5.77 -7.20 -6.80
CA THR A 118 -7.18 -7.27 -7.00
C THR A 118 -7.92 -7.15 -5.69
N GLN A 119 -7.20 -7.31 -4.57
CA GLN A 119 -7.80 -7.20 -3.25
C GLN A 119 -6.69 -6.99 -2.22
N ARG A 120 -6.93 -6.08 -1.29
CA ARG A 120 -6.01 -5.81 -0.23
C ARG A 120 -6.78 -5.75 1.08
N THR A 121 -6.25 -6.31 2.13
CA THR A 121 -6.91 -6.18 3.40
C THR A 121 -5.87 -6.14 4.50
N THR A 122 -5.98 -5.13 5.34
CA THR A 122 -5.11 -5.00 6.47
C THR A 122 -5.40 -6.11 7.47
N ILE A 123 -4.35 -6.67 7.99
CA ILE A 123 -4.43 -7.76 8.92
C ILE A 123 -3.55 -7.44 10.11
N GLN A 124 -3.62 -8.23 11.14
CA GLN A 124 -2.80 -8.04 12.29
C GLN A 124 -2.30 -9.40 12.68
N LEU A 125 -1.07 -9.50 13.09
CA LEU A 125 -0.51 -10.78 13.44
C LEU A 125 -0.39 -10.91 14.95
N GLY A 126 -0.09 -9.80 15.58
CA GLY A 126 0.04 -9.78 17.02
C GLY A 126 1.26 -9.03 17.43
N GLU A 127 1.51 -7.95 16.73
CA GLU A 127 2.65 -7.11 16.99
C GLU A 127 2.26 -5.89 17.82
N GLU A 128 0.98 -5.72 18.00
CA GLU A 128 0.41 -4.68 18.80
C GLU A 128 -0.89 -5.27 19.31
N SER A 1 4.65 -10.37 -17.36
CA SER A 1 4.56 -11.36 -18.42
C SER A 1 3.51 -12.39 -18.06
N ASN A 2 3.51 -12.77 -16.81
CA ASN A 2 2.59 -13.72 -16.26
C ASN A 2 2.62 -13.45 -14.78
N THR A 3 2.11 -14.30 -13.98
CA THR A 3 2.31 -14.06 -12.63
C THR A 3 3.27 -14.97 -12.03
N ASN A 4 4.15 -14.37 -11.36
CA ASN A 4 5.19 -15.00 -10.73
C ASN A 4 5.52 -14.15 -9.56
N GLN A 5 6.19 -14.72 -8.59
CA GLN A 5 6.54 -14.06 -7.35
C GLN A 5 7.19 -12.71 -7.58
N SER A 6 8.18 -12.65 -8.43
CA SER A 6 8.90 -11.42 -8.65
C SER A 6 8.00 -10.34 -9.32
N GLU A 7 7.07 -10.77 -10.17
CA GLU A 7 6.14 -9.84 -10.79
C GLU A 7 5.12 -9.39 -9.78
N SER A 8 4.59 -10.31 -9.04
CA SER A 8 3.63 -10.01 -8.04
C SER A 8 4.24 -9.12 -6.95
N GLU A 9 5.48 -9.44 -6.54
CA GLU A 9 6.20 -8.68 -5.54
C GLU A 9 6.33 -7.27 -5.95
N LYS A 10 6.81 -7.09 -7.15
CA LYS A 10 7.12 -5.79 -7.65
C LYS A 10 5.88 -4.92 -7.70
N ILE A 11 4.75 -5.50 -8.02
CA ILE A 11 3.50 -4.76 -8.12
C ILE A 11 3.05 -4.31 -6.73
N ILE A 12 3.28 -5.18 -5.77
CA ILE A 12 3.00 -4.88 -4.38
C ILE A 12 3.94 -3.76 -3.94
N LYS A 13 5.20 -3.92 -4.29
CA LYS A 13 6.22 -2.96 -4.00
C LYS A 13 5.89 -1.63 -4.62
N GLU A 14 5.54 -1.63 -5.90
CA GLU A 14 5.09 -0.49 -6.60
C GLU A 14 3.91 0.17 -5.87
N PHE A 15 2.89 -0.63 -5.50
CA PHE A 15 1.68 -0.15 -4.81
C PHE A 15 2.06 0.61 -3.55
N TYR A 16 2.82 -0.05 -2.70
CA TYR A 16 3.25 0.50 -1.43
C TYR A 16 4.19 1.65 -1.60
N LYS A 17 5.14 1.50 -2.50
CA LYS A 17 6.12 2.50 -2.77
C LYS A 17 5.49 3.75 -3.36
N THR A 18 4.36 3.61 -3.98
CA THR A 18 3.68 4.76 -4.48
C THR A 18 2.84 5.37 -3.34
N VAL A 19 1.93 4.58 -2.77
CA VAL A 19 0.98 5.11 -1.79
C VAL A 19 1.58 5.55 -0.46
N TYR A 20 2.75 5.06 -0.18
CA TYR A 20 3.45 5.42 1.04
C TYR A 20 4.75 6.17 0.78
N ASN A 21 4.89 6.78 -0.37
CA ASN A 21 6.08 7.61 -0.63
C ASN A 21 5.70 8.94 -1.11
N TYR A 22 5.67 9.86 -0.22
CA TYR A 22 5.31 11.20 -0.57
C TYR A 22 5.88 12.17 0.38
N GLU A 23 5.57 13.38 0.12
CA GLU A 23 5.99 14.45 0.86
C GLU A 23 5.03 14.93 1.88
N LYS A 24 3.89 15.32 1.45
CA LYS A 24 3.01 15.99 2.34
C LYS A 24 1.61 15.41 2.22
N SER A 25 1.29 14.91 1.06
CA SER A 25 0.00 14.35 0.83
C SER A 25 0.10 13.15 -0.13
N GLN A 26 -0.70 12.14 0.11
CA GLN A 26 -0.75 10.95 -0.73
C GLN A 26 -1.43 11.28 -2.06
N LYS A 27 -1.98 12.45 -2.15
CA LYS A 27 -2.61 12.90 -3.38
C LYS A 27 -1.54 13.41 -4.38
N GLU A 28 -0.27 13.45 -3.95
CA GLU A 28 0.87 13.90 -4.79
C GLU A 28 1.43 12.72 -5.63
N ILE A 29 1.15 11.50 -5.21
CA ILE A 29 1.80 10.28 -5.75
C ILE A 29 1.24 9.80 -7.10
N SER A 30 0.30 10.54 -7.68
CA SER A 30 -0.35 10.16 -8.94
C SER A 30 -1.25 8.90 -8.79
N MET A 31 -2.53 9.15 -8.60
CA MET A 31 -3.53 8.10 -8.40
C MET A 31 -3.74 7.23 -9.65
N THR A 32 -3.25 7.66 -10.77
CA THR A 32 -3.38 6.88 -11.97
C THR A 32 -2.46 5.66 -11.89
N THR A 33 -1.30 5.84 -11.27
CA THR A 33 -0.30 4.79 -11.18
C THR A 33 -0.79 3.64 -10.29
N VAL A 34 -1.43 3.99 -9.19
CA VAL A 34 -1.99 2.97 -8.31
C VAL A 34 -3.12 2.19 -9.01
N LYS A 35 -3.84 2.85 -9.90
CA LYS A 35 -4.87 2.24 -10.69
C LYS A 35 -4.32 1.21 -11.70
N GLU A 36 -3.06 1.33 -12.01
CA GLU A 36 -2.44 0.43 -12.93
C GLU A 36 -1.95 -0.81 -12.18
N LEU A 37 -1.52 -0.58 -10.95
CA LEU A 37 -0.96 -1.60 -10.07
C LEU A 37 -2.03 -2.39 -9.35
N ALA A 38 -3.15 -1.78 -9.13
CA ALA A 38 -4.23 -2.41 -8.45
C ALA A 38 -5.48 -2.29 -9.27
N THR A 39 -6.49 -3.06 -8.99
CA THR A 39 -7.73 -2.92 -9.71
C THR A 39 -8.45 -1.69 -9.22
N ASP A 40 -9.42 -1.24 -9.97
CA ASP A 40 -10.25 -0.09 -9.60
C ASP A 40 -10.90 -0.24 -8.26
N ASN A 41 -11.23 -1.47 -7.88
CA ASN A 41 -11.84 -1.75 -6.59
C ASN A 41 -10.90 -1.33 -5.43
N VAL A 42 -9.67 -1.85 -5.46
CA VAL A 42 -8.68 -1.51 -4.44
C VAL A 42 -8.15 -0.10 -4.62
N TYR A 43 -8.11 0.34 -5.83
CA TYR A 43 -7.74 1.69 -6.15
C TYR A 43 -8.70 2.71 -5.53
N GLN A 44 -10.00 2.47 -5.65
CA GLN A 44 -10.99 3.40 -5.15
C GLN A 44 -11.00 3.46 -3.63
N GLU A 45 -10.79 2.33 -2.96
CA GLU A 45 -10.71 2.34 -1.50
C GLU A 45 -9.46 3.08 -1.04
N LEU A 46 -8.38 2.89 -1.79
CA LEU A 46 -7.10 3.49 -1.49
C LEU A 46 -7.17 5.01 -1.64
N GLN A 47 -7.70 5.47 -2.75
CA GLN A 47 -7.76 6.90 -2.98
C GLN A 47 -8.68 7.59 -2.00
N ASN A 48 -9.67 6.86 -1.53
CA ASN A 48 -10.60 7.39 -0.58
C ASN A 48 -9.99 7.50 0.80
N GLU A 49 -9.21 6.49 1.21
CA GLU A 49 -8.54 6.54 2.50
C GLU A 49 -7.51 7.67 2.47
N ILE A 50 -6.89 7.83 1.31
CA ILE A 50 -5.98 8.91 1.06
C ILE A 50 -6.67 10.25 1.22
N ASN A 51 -7.76 10.43 0.51
CA ASN A 51 -8.43 11.72 0.45
C ASN A 51 -8.81 12.22 1.82
N VAL A 52 -9.40 11.34 2.61
CA VAL A 52 -9.84 11.71 3.95
C VAL A 52 -8.65 11.93 4.89
N ASN A 53 -7.55 11.25 4.63
CA ASN A 53 -6.35 11.36 5.46
C ASN A 53 -5.61 12.65 5.12
N ASN A 54 -5.68 13.03 3.89
CA ASN A 54 -5.01 14.20 3.39
C ASN A 54 -5.81 15.44 3.65
N SER A 55 -7.07 15.37 3.39
CA SER A 55 -7.92 16.50 3.50
C SER A 55 -9.04 16.20 4.47
N TYR A 56 -8.86 16.64 5.68
CA TYR A 56 -9.86 16.42 6.71
C TYR A 56 -10.93 17.48 6.58
N SER A 57 -10.49 18.68 6.38
CA SER A 57 -11.33 19.82 6.23
C SER A 57 -10.51 20.89 5.51
N PRO A 58 -11.13 21.94 4.94
CA PRO A 58 -10.36 23.01 4.24
C PRO A 58 -9.53 23.86 5.21
N GLN A 59 -9.66 23.57 6.47
CA GLN A 59 -8.97 24.28 7.49
C GLN A 59 -8.00 23.37 8.25
N GLN A 60 -7.85 22.14 7.81
CA GLN A 60 -6.96 21.22 8.50
C GLN A 60 -6.20 20.40 7.52
N ASN A 61 -4.93 20.47 7.67
CA ASN A 61 -3.98 19.73 6.92
C ASN A 61 -2.72 19.82 7.73
N THR A 62 -1.79 18.96 7.50
CA THR A 62 -0.61 18.92 8.27
C THR A 62 0.44 18.18 7.45
N ILE A 63 1.67 18.27 7.87
CA ILE A 63 2.73 17.65 7.14
C ILE A 63 2.78 16.18 7.44
N GLN A 64 2.63 15.41 6.43
CA GLN A 64 2.63 14.00 6.52
C GLN A 64 3.66 13.49 5.60
N LYS A 65 4.70 13.02 6.13
CA LYS A 65 5.78 12.50 5.36
C LYS A 65 5.82 11.05 5.51
N SER A 66 5.75 10.38 4.42
CA SER A 66 5.80 8.95 4.45
C SER A 66 6.71 8.46 3.37
N SER A 67 7.46 7.45 3.69
CA SER A 67 8.35 6.84 2.75
C SER A 67 8.53 5.37 3.17
N VAL A 68 8.74 4.52 2.20
CA VAL A 68 8.93 3.10 2.46
C VAL A 68 9.95 2.52 1.48
N ASN A 69 10.90 1.78 2.02
CA ASN A 69 11.88 1.07 1.20
C ASN A 69 11.22 -0.16 0.61
N GLU A 70 11.14 -0.20 -0.70
CA GLU A 70 10.54 -1.32 -1.42
C GLU A 70 11.27 -2.65 -1.19
N ASN A 71 12.49 -2.58 -0.70
CA ASN A 71 13.28 -3.77 -0.47
C ASN A 71 13.16 -4.20 0.96
N GLU A 72 12.36 -3.46 1.69
CA GLU A 72 12.11 -3.71 3.08
C GLU A 72 10.67 -4.22 3.20
N ILE A 73 10.03 -4.28 2.05
CA ILE A 73 8.71 -4.78 1.96
C ILE A 73 8.82 -6.27 1.94
N LYS A 74 8.54 -6.83 3.05
CA LYS A 74 8.68 -8.23 3.23
C LYS A 74 7.41 -8.90 2.82
N ILE A 75 7.50 -9.60 1.74
CA ILE A 75 6.39 -10.27 1.14
C ILE A 75 6.51 -11.74 1.38
N LEU A 76 5.52 -12.30 1.98
CA LEU A 76 5.50 -13.70 2.24
C LEU A 76 4.46 -14.32 1.33
N ALA A 77 4.89 -15.20 0.47
CA ALA A 77 3.98 -15.87 -0.43
C ALA A 77 3.08 -16.77 0.36
N TYR A 78 1.83 -16.50 0.32
CA TYR A 78 0.86 -17.28 1.01
C TYR A 78 0.10 -18.04 0.01
N GLU A 79 -0.36 -19.16 0.38
CA GLU A 79 -0.99 -19.99 -0.53
C GLU A 79 -2.43 -19.68 -0.65
N SER A 80 -2.79 -19.37 -1.82
CA SER A 80 -4.09 -18.95 -2.11
C SER A 80 -5.04 -20.10 -2.12
N LYS A 81 -6.05 -19.95 -1.31
CA LYS A 81 -6.98 -21.01 -1.06
C LYS A 81 -7.86 -21.34 -2.28
N ASP A 82 -8.03 -20.37 -3.20
CA ASP A 82 -8.81 -20.61 -4.43
C ASP A 82 -8.56 -19.53 -5.48
N ASN A 83 -8.22 -19.99 -6.72
CA ASN A 83 -8.06 -19.20 -8.01
C ASN A 83 -7.16 -17.94 -8.00
N SER A 84 -6.86 -17.45 -6.89
CA SER A 84 -6.13 -16.25 -6.74
C SER A 84 -4.70 -16.54 -6.37
N GLN A 85 -3.96 -15.51 -6.03
CA GLN A 85 -2.60 -15.63 -5.51
C GLN A 85 -2.49 -14.62 -4.38
N GLN A 86 -2.19 -15.07 -3.20
CA GLN A 86 -2.11 -14.16 -2.08
C GLN A 86 -0.67 -14.00 -1.61
N TYR A 87 -0.37 -12.83 -1.16
CA TYR A 87 0.95 -12.47 -0.77
C TYR A 87 0.82 -11.59 0.44
N LEU A 88 1.46 -11.96 1.49
CA LEU A 88 1.39 -11.21 2.70
C LEU A 88 2.37 -10.09 2.60
N VAL A 89 1.95 -8.91 2.90
CA VAL A 89 2.80 -7.78 2.78
C VAL A 89 3.04 -7.16 4.14
N THR A 90 4.26 -7.17 4.55
CA THR A 90 4.65 -6.54 5.76
C THR A 90 5.71 -5.48 5.44
N ALA A 91 5.38 -4.23 5.67
CA ALA A 91 6.27 -3.15 5.31
C ALA A 91 6.24 -2.04 6.34
N PRO A 92 7.42 -1.55 6.74
CA PRO A 92 7.54 -0.45 7.65
C PRO A 92 7.34 0.87 6.92
N ILE A 93 6.55 1.71 7.50
CA ILE A 93 6.28 2.99 6.91
C ILE A 93 6.95 4.03 7.75
N HIS A 94 7.94 4.67 7.18
CA HIS A 94 8.71 5.66 7.87
C HIS A 94 7.98 6.98 7.71
N GLN A 95 7.44 7.49 8.80
CA GLN A 95 6.61 8.67 8.74
C GLN A 95 7.10 9.81 9.62
N VAL A 96 6.68 11.00 9.25
CA VAL A 96 6.91 12.18 10.03
C VAL A 96 5.62 12.95 9.99
N PHE A 97 5.07 13.19 11.13
CA PHE A 97 3.80 13.83 11.22
C PHE A 97 4.00 15.14 11.88
N ASN A 98 3.91 16.17 11.08
CA ASN A 98 4.11 17.57 11.48
C ASN A 98 5.45 17.74 12.23
N GLY A 99 6.45 16.97 11.80
CA GLY A 99 7.76 17.05 12.41
C GLY A 99 8.02 15.94 13.42
N THR A 100 7.03 15.16 13.67
CA THR A 100 7.07 14.08 14.64
C THR A 100 7.44 12.80 13.94
N LYS A 101 8.44 12.12 14.43
CA LYS A 101 8.92 10.92 13.76
C LYS A 101 8.13 9.72 14.20
N ASN A 102 7.72 8.95 13.25
CA ASN A 102 6.91 7.80 13.46
C ASN A 102 7.43 6.68 12.56
N ASP A 103 7.47 5.48 13.06
CA ASP A 103 7.89 4.34 12.27
C ASP A 103 7.10 3.18 12.75
N PHE A 104 6.51 2.45 11.84
CA PHE A 104 5.70 1.32 12.21
C PHE A 104 5.57 0.38 11.03
N GLU A 105 5.42 -0.89 11.30
CA GLU A 105 5.30 -1.85 10.25
C GLU A 105 3.86 -2.30 10.13
N ILE A 106 3.34 -2.28 8.91
CA ILE A 106 1.96 -2.63 8.68
C ILE A 106 1.87 -4.02 8.11
N ASN A 107 0.74 -4.67 8.34
CA ASN A 107 0.55 -6.03 7.88
C ASN A 107 -0.75 -6.10 7.13
N GLN A 108 -0.66 -6.28 5.85
CA GLN A 108 -1.83 -6.43 5.04
C GLN A 108 -1.58 -7.52 4.07
N LEU A 109 -2.57 -8.28 3.76
CA LEU A 109 -2.38 -9.28 2.78
C LEU A 109 -2.84 -8.71 1.45
N ILE A 110 -2.17 -9.05 0.43
CA ILE A 110 -2.49 -8.60 -0.90
C ILE A 110 -2.75 -9.79 -1.77
N GLN A 111 -3.73 -9.68 -2.59
CA GLN A 111 -4.06 -10.70 -3.50
C GLN A 111 -3.77 -10.19 -4.90
N ILE A 112 -2.97 -10.94 -5.62
CA ILE A 112 -2.54 -10.57 -6.96
C ILE A 112 -3.27 -11.39 -8.01
N LYS A 113 -3.78 -10.71 -9.00
CA LYS A 113 -4.41 -11.31 -10.13
C LYS A 113 -4.34 -10.32 -11.27
N ASN A 114 -4.11 -10.82 -12.48
CA ASN A 114 -4.04 -9.98 -13.70
C ASN A 114 -2.95 -8.92 -13.64
N GLN A 115 -1.79 -9.28 -13.03
CA GLN A 115 -0.62 -8.36 -12.95
C GLN A 115 -0.99 -7.13 -12.14
N LYS A 116 -1.87 -7.31 -11.19
CA LYS A 116 -2.28 -6.25 -10.32
C LYS A 116 -2.82 -6.79 -9.03
N ILE A 117 -2.97 -5.91 -8.07
CA ILE A 117 -3.62 -6.24 -6.84
C ILE A 117 -5.10 -6.27 -7.10
N THR A 118 -5.70 -7.34 -6.80
CA THR A 118 -7.09 -7.50 -7.02
C THR A 118 -7.87 -7.25 -5.73
N GLN A 119 -7.16 -7.32 -4.60
CA GLN A 119 -7.71 -7.06 -3.29
C GLN A 119 -6.60 -7.00 -2.27
N ARG A 120 -6.67 -6.07 -1.37
CA ARG A 120 -5.74 -5.96 -0.28
C ARG A 120 -6.57 -5.88 0.98
N THR A 121 -6.12 -6.39 2.08
CA THR A 121 -6.86 -6.22 3.30
C THR A 121 -5.90 -6.09 4.46
N THR A 122 -6.14 -5.14 5.35
CA THR A 122 -5.31 -4.98 6.51
C THR A 122 -5.59 -6.13 7.46
N ILE A 123 -4.55 -6.74 7.96
CA ILE A 123 -4.71 -7.92 8.79
C ILE A 123 -3.85 -7.88 10.01
N GLN A 124 -4.07 -8.83 10.85
CA GLN A 124 -3.26 -9.11 11.97
C GLN A 124 -2.52 -10.38 11.66
N LEU A 125 -1.36 -10.55 12.22
CA LEU A 125 -0.63 -11.76 11.99
C LEU A 125 -1.16 -12.85 12.88
N GLY A 126 -2.20 -13.40 12.41
CA GLY A 126 -2.84 -14.52 13.04
C GLY A 126 -4.11 -14.90 12.33
N GLU A 127 -4.14 -14.61 11.05
CA GLU A 127 -5.27 -14.90 10.20
C GLU A 127 -4.72 -15.69 9.04
N GLU A 128 -4.02 -15.00 8.19
CA GLU A 128 -3.23 -15.57 7.13
C GLU A 128 -1.93 -14.80 7.15
N SER A 1 4.76 -9.91 -17.32
CA SER A 1 4.63 -10.76 -18.47
C SER A 1 3.65 -11.88 -18.18
N ASN A 2 3.71 -12.37 -16.96
CA ASN A 2 2.84 -13.41 -16.47
C ASN A 2 2.85 -13.25 -14.98
N THR A 3 2.39 -14.18 -14.24
CA THR A 3 2.55 -14.04 -12.87
C THR A 3 3.57 -14.93 -12.35
N ASN A 4 4.35 -14.36 -11.55
CA ASN A 4 5.43 -14.98 -10.97
C ASN A 4 5.63 -14.30 -9.67
N GLN A 5 6.33 -14.95 -8.78
CA GLN A 5 6.58 -14.46 -7.46
C GLN A 5 7.14 -13.04 -7.48
N SER A 6 8.17 -12.81 -8.24
CA SER A 6 8.79 -11.51 -8.31
C SER A 6 7.94 -10.47 -9.08
N GLU A 7 7.15 -10.92 -10.08
CA GLU A 7 6.21 -10.02 -10.73
C GLU A 7 5.18 -9.56 -9.74
N SER A 8 4.64 -10.50 -9.02
CA SER A 8 3.68 -10.24 -7.97
C SER A 8 4.29 -9.30 -6.94
N GLU A 9 5.55 -9.58 -6.54
CA GLU A 9 6.26 -8.78 -5.56
C GLU A 9 6.32 -7.38 -5.98
N LYS A 10 6.83 -7.19 -7.17
CA LYS A 10 7.09 -5.89 -7.67
C LYS A 10 5.84 -5.06 -7.71
N ILE A 11 4.70 -5.68 -8.03
CA ILE A 11 3.42 -4.95 -8.15
C ILE A 11 3.02 -4.44 -6.77
N ILE A 12 3.20 -5.30 -5.78
CA ILE A 12 2.94 -4.97 -4.39
C ILE A 12 3.90 -3.87 -3.97
N LYS A 13 5.13 -4.03 -4.34
CA LYS A 13 6.18 -3.09 -4.05
C LYS A 13 5.90 -1.75 -4.67
N GLU A 14 5.45 -1.74 -5.93
CA GLU A 14 5.14 -0.51 -6.62
C GLU A 14 4.00 0.18 -5.86
N PHE A 15 2.98 -0.63 -5.48
CA PHE A 15 1.78 -0.13 -4.79
C PHE A 15 2.15 0.60 -3.52
N TYR A 16 2.91 -0.07 -2.66
CA TYR A 16 3.30 0.50 -1.39
C TYR A 16 4.25 1.66 -1.57
N LYS A 17 5.23 1.49 -2.46
CA LYS A 17 6.20 2.51 -2.76
C LYS A 17 5.53 3.76 -3.32
N THR A 18 4.42 3.59 -3.97
CA THR A 18 3.72 4.73 -4.50
C THR A 18 2.88 5.35 -3.39
N VAL A 19 1.97 4.58 -2.82
CA VAL A 19 0.99 5.12 -1.89
C VAL A 19 1.55 5.60 -0.56
N TYR A 20 2.69 5.11 -0.19
CA TYR A 20 3.30 5.52 1.04
C TYR A 20 4.62 6.25 0.84
N ASN A 21 4.81 6.88 -0.30
CA ASN A 21 5.99 7.73 -0.55
C ASN A 21 5.61 9.04 -1.06
N TYR A 22 5.65 9.99 -0.21
CA TYR A 22 5.32 11.35 -0.57
C TYR A 22 5.99 12.30 0.35
N GLU A 23 5.92 13.56 0.04
CA GLU A 23 6.49 14.49 0.89
C GLU A 23 5.53 15.10 1.87
N LYS A 24 4.42 15.63 1.42
CA LYS A 24 3.55 16.31 2.35
C LYS A 24 2.12 15.77 2.33
N SER A 25 1.68 15.27 1.19
CA SER A 25 0.34 14.71 1.07
C SER A 25 0.30 13.55 0.03
N GLN A 26 -0.51 12.52 0.32
CA GLN A 26 -0.61 11.32 -0.55
C GLN A 26 -1.16 11.65 -1.95
N LYS A 27 -1.76 12.79 -2.12
CA LYS A 27 -2.30 13.18 -3.41
C LYS A 27 -1.21 13.50 -4.46
N GLU A 28 0.06 13.53 -4.01
CA GLU A 28 1.23 13.79 -4.88
C GLU A 28 1.57 12.58 -5.75
N ILE A 29 1.30 11.40 -5.22
CA ILE A 29 1.81 10.12 -5.75
C ILE A 29 1.21 9.66 -7.09
N SER A 30 0.31 10.46 -7.67
CA SER A 30 -0.34 10.11 -8.93
C SER A 30 -1.25 8.86 -8.82
N MET A 31 -2.53 9.12 -8.60
CA MET A 31 -3.54 8.07 -8.43
C MET A 31 -3.72 7.20 -9.67
N THR A 32 -3.23 7.64 -10.80
CA THR A 32 -3.33 6.85 -11.99
C THR A 32 -2.39 5.64 -11.89
N THR A 33 -1.24 5.83 -11.26
CA THR A 33 -0.24 4.77 -11.18
C THR A 33 -0.71 3.64 -10.27
N VAL A 34 -1.35 3.98 -9.17
CA VAL A 34 -1.91 2.97 -8.27
C VAL A 34 -3.01 2.17 -8.99
N LYS A 35 -3.73 2.82 -9.88
CA LYS A 35 -4.74 2.20 -10.68
C LYS A 35 -4.15 1.19 -11.70
N GLU A 36 -2.89 1.35 -12.00
CA GLU A 36 -2.23 0.47 -12.93
C GLU A 36 -1.73 -0.77 -12.18
N LEU A 37 -1.39 -0.56 -10.93
CA LEU A 37 -0.86 -1.60 -10.05
C LEU A 37 -1.99 -2.40 -9.43
N ALA A 38 -3.08 -1.75 -9.17
CA ALA A 38 -4.18 -2.37 -8.49
C ALA A 38 -5.46 -2.16 -9.25
N THR A 39 -6.43 -3.00 -9.02
CA THR A 39 -7.72 -2.87 -9.66
C THR A 39 -8.47 -1.69 -9.06
N ASP A 40 -9.45 -1.19 -9.78
CA ASP A 40 -10.25 -0.06 -9.36
C ASP A 40 -10.88 -0.20 -8.00
N ASN A 41 -11.22 -1.42 -7.59
CA ASN A 41 -11.80 -1.64 -6.27
C ASN A 41 -10.78 -1.31 -5.15
N VAL A 42 -9.57 -1.83 -5.27
CA VAL A 42 -8.52 -1.55 -4.28
C VAL A 42 -7.96 -0.14 -4.46
N TYR A 43 -7.98 0.33 -5.67
CA TYR A 43 -7.60 1.68 -6.00
C TYR A 43 -8.55 2.70 -5.34
N GLN A 44 -9.85 2.43 -5.41
CA GLN A 44 -10.84 3.37 -4.88
C GLN A 44 -10.79 3.44 -3.36
N GLU A 45 -10.55 2.33 -2.69
CA GLU A 45 -10.44 2.33 -1.23
C GLU A 45 -9.19 3.13 -0.82
N LEU A 46 -8.16 3.00 -1.63
CA LEU A 46 -6.90 3.65 -1.39
C LEU A 46 -7.04 5.15 -1.55
N GLN A 47 -7.63 5.60 -2.63
CA GLN A 47 -7.78 7.02 -2.84
C GLN A 47 -8.68 7.66 -1.80
N ASN A 48 -9.55 6.86 -1.25
CA ASN A 48 -10.43 7.30 -0.21
C ASN A 48 -9.71 7.49 1.11
N GLU A 49 -8.83 6.54 1.48
CA GLU A 49 -8.05 6.69 2.72
C GLU A 49 -7.15 7.92 2.56
N ILE A 50 -6.63 8.09 1.37
CA ILE A 50 -5.82 9.23 1.01
C ILE A 50 -6.60 10.51 1.17
N ASN A 51 -7.78 10.55 0.60
CA ASN A 51 -8.57 11.75 0.58
C ASN A 51 -8.84 12.27 1.97
N VAL A 52 -9.32 11.39 2.82
CA VAL A 52 -9.66 11.76 4.19
C VAL A 52 -8.41 12.09 5.02
N ASN A 53 -7.30 11.48 4.67
CA ASN A 53 -6.06 11.68 5.39
C ASN A 53 -5.41 13.00 4.97
N ASN A 54 -5.57 13.37 3.73
CA ASN A 54 -4.98 14.59 3.22
C ASN A 54 -5.85 15.76 3.53
N SER A 55 -7.11 15.54 3.47
CA SER A 55 -8.07 16.55 3.68
C SER A 55 -9.09 16.05 4.69
N TYR A 56 -8.85 16.37 5.94
CA TYR A 56 -9.76 15.97 7.01
C TYR A 56 -10.97 16.89 6.93
N SER A 57 -10.67 18.11 6.62
CA SER A 57 -11.61 19.13 6.38
C SER A 57 -10.92 20.09 5.42
N PRO A 58 -11.66 20.93 4.68
CA PRO A 58 -11.05 21.84 3.67
C PRO A 58 -10.15 22.92 4.30
N GLN A 59 -10.22 23.01 5.60
CA GLN A 59 -9.47 23.99 6.35
C GLN A 59 -8.35 23.33 7.14
N GLN A 60 -8.09 22.06 6.90
CA GLN A 60 -7.10 21.35 7.67
C GLN A 60 -6.24 20.49 6.80
N ASN A 61 -4.97 20.64 6.97
CA ASN A 61 -3.96 19.90 6.32
C ASN A 61 -2.76 20.02 7.22
N THR A 62 -1.80 19.17 7.06
CA THR A 62 -0.67 19.12 7.91
C THR A 62 0.40 18.34 7.20
N ILE A 63 1.62 18.51 7.61
CA ILE A 63 2.73 17.87 6.99
C ILE A 63 2.70 16.38 7.29
N GLN A 64 2.65 15.63 6.26
CA GLN A 64 2.63 14.21 6.33
C GLN A 64 3.72 13.68 5.47
N LYS A 65 4.67 13.12 6.08
CA LYS A 65 5.75 12.56 5.38
C LYS A 65 5.67 11.08 5.53
N SER A 66 5.63 10.39 4.43
CA SER A 66 5.61 8.96 4.46
C SER A 66 6.58 8.49 3.44
N SER A 67 7.24 7.41 3.72
CA SER A 67 8.23 6.85 2.85
C SER A 67 8.41 5.38 3.20
N VAL A 68 8.71 4.57 2.20
CA VAL A 68 8.94 3.14 2.35
C VAL A 68 9.82 2.65 1.20
N ASN A 69 10.81 1.84 1.51
CA ASN A 69 11.63 1.22 0.50
C ASN A 69 10.92 -0.03 -0.03
N GLU A 70 10.90 -0.18 -1.32
CA GLU A 70 10.24 -1.31 -1.96
C GLU A 70 10.83 -2.67 -1.56
N ASN A 71 12.11 -2.71 -1.25
CA ASN A 71 12.71 -3.99 -0.92
C ASN A 71 12.93 -4.12 0.55
N GLU A 72 12.17 -3.33 1.25
CA GLU A 72 12.09 -3.30 2.68
C GLU A 72 10.74 -3.94 3.03
N ILE A 73 9.96 -4.10 1.98
CA ILE A 73 8.67 -4.69 2.02
C ILE A 73 8.83 -6.18 2.06
N LYS A 74 8.48 -6.75 3.16
CA LYS A 74 8.60 -8.16 3.33
C LYS A 74 7.36 -8.82 2.79
N ILE A 75 7.54 -9.52 1.69
CA ILE A 75 6.47 -10.21 1.04
C ILE A 75 6.64 -11.68 1.26
N LEU A 76 5.69 -12.27 1.89
CA LEU A 76 5.69 -13.64 2.18
C LEU A 76 4.64 -14.30 1.31
N ALA A 77 5.07 -15.15 0.39
CA ALA A 77 4.14 -15.87 -0.45
C ALA A 77 3.27 -16.70 0.40
N TYR A 78 2.02 -16.45 0.36
CA TYR A 78 1.16 -17.17 1.17
C TYR A 78 0.52 -18.22 0.34
N GLU A 79 0.13 -19.28 0.98
CA GLU A 79 -0.61 -20.32 0.35
C GLU A 79 -1.87 -19.64 -0.14
N SER A 80 -2.20 -19.79 -1.34
CA SER A 80 -3.34 -19.11 -1.81
C SER A 80 -4.54 -20.01 -1.72
N LYS A 81 -5.45 -19.59 -0.92
CA LYS A 81 -6.66 -20.35 -0.66
C LYS A 81 -7.76 -19.92 -1.61
N ASP A 82 -7.77 -18.66 -1.96
CA ASP A 82 -8.82 -18.09 -2.78
C ASP A 82 -8.37 -17.67 -4.17
N ASN A 83 -8.62 -18.56 -5.16
CA ASN A 83 -8.55 -18.41 -6.70
C ASN A 83 -7.32 -17.69 -7.32
N SER A 84 -6.60 -17.00 -6.57
CA SER A 84 -5.59 -16.14 -7.03
C SER A 84 -4.34 -16.46 -6.31
N GLN A 85 -3.47 -15.51 -6.23
CA GLN A 85 -2.26 -15.70 -5.57
C GLN A 85 -2.22 -14.68 -4.46
N GLN A 86 -2.28 -15.18 -3.27
CA GLN A 86 -2.39 -14.45 -2.06
C GLN A 86 -0.99 -14.30 -1.44
N TYR A 87 -0.57 -13.09 -1.28
CA TYR A 87 0.75 -12.77 -0.78
C TYR A 87 0.62 -11.94 0.47
N LEU A 88 1.28 -12.34 1.53
CA LEU A 88 1.22 -11.60 2.75
C LEU A 88 2.27 -10.51 2.68
N VAL A 89 1.89 -9.33 3.04
CA VAL A 89 2.78 -8.21 2.92
C VAL A 89 2.97 -7.53 4.27
N THR A 90 4.18 -7.29 4.61
CA THR A 90 4.53 -6.60 5.83
C THR A 90 5.61 -5.55 5.50
N ALA A 91 5.28 -4.29 5.65
CA ALA A 91 6.22 -3.24 5.27
C ALA A 91 6.25 -2.13 6.29
N PRO A 92 7.45 -1.66 6.65
CA PRO A 92 7.61 -0.54 7.54
C PRO A 92 7.34 0.77 6.82
N ILE A 93 6.63 1.64 7.46
CA ILE A 93 6.34 2.90 6.89
C ILE A 93 6.93 3.97 7.79
N HIS A 94 7.89 4.68 7.26
CA HIS A 94 8.55 5.72 8.01
C HIS A 94 7.83 7.03 7.83
N GLN A 95 7.07 7.42 8.83
CA GLN A 95 6.28 8.61 8.74
C GLN A 95 6.72 9.70 9.68
N VAL A 96 6.37 10.91 9.31
CA VAL A 96 6.61 12.10 10.07
C VAL A 96 5.36 12.95 9.91
N PHE A 97 4.77 13.31 10.98
CA PHE A 97 3.53 14.03 10.98
C PHE A 97 3.76 15.32 11.66
N ASN A 98 3.80 16.37 10.87
CA ASN A 98 4.04 17.76 11.31
C ASN A 98 5.34 17.84 12.12
N GLY A 99 6.33 17.06 11.69
CA GLY A 99 7.62 17.06 12.35
C GLY A 99 7.74 16.00 13.42
N THR A 100 6.70 15.25 13.56
CA THR A 100 6.61 14.23 14.58
C THR A 100 6.78 12.90 14.00
N LYS A 101 7.65 12.19 14.57
CA LYS A 101 8.02 10.97 14.08
C LYS A 101 7.04 9.89 14.48
N ASN A 102 6.76 9.06 13.54
CA ASN A 102 5.93 7.91 13.73
C ASN A 102 6.38 6.86 12.75
N ASP A 103 7.02 5.86 13.25
CA ASP A 103 7.58 4.81 12.43
C ASP A 103 6.97 3.51 12.87
N PHE A 104 6.40 2.80 11.95
CA PHE A 104 5.65 1.60 12.25
C PHE A 104 5.67 0.66 11.08
N GLU A 105 5.12 -0.51 11.25
CA GLU A 105 5.07 -1.48 10.18
C GLU A 105 3.64 -1.96 10.02
N ILE A 106 3.19 -2.09 8.78
CA ILE A 106 1.81 -2.48 8.53
C ILE A 106 1.72 -3.91 8.08
N ASN A 107 0.55 -4.49 8.24
CA ASN A 107 0.34 -5.87 7.90
C ASN A 107 -0.89 -5.96 7.02
N GLN A 108 -0.72 -6.30 5.77
CA GLN A 108 -1.85 -6.47 4.88
C GLN A 108 -1.57 -7.59 3.93
N LEU A 109 -2.56 -8.35 3.58
CA LEU A 109 -2.35 -9.36 2.59
C LEU A 109 -2.79 -8.79 1.27
N ILE A 110 -2.07 -9.11 0.25
CA ILE A 110 -2.39 -8.66 -1.07
C ILE A 110 -2.67 -9.84 -1.97
N GLN A 111 -3.74 -9.74 -2.66
CA GLN A 111 -4.14 -10.71 -3.59
C GLN A 111 -3.80 -10.24 -4.99
N ILE A 112 -2.99 -10.99 -5.67
CA ILE A 112 -2.53 -10.66 -6.99
C ILE A 112 -3.31 -11.44 -8.04
N LYS A 113 -3.75 -10.74 -9.03
CA LYS A 113 -4.40 -11.30 -10.18
C LYS A 113 -4.36 -10.25 -11.26
N ASN A 114 -4.18 -10.68 -12.49
CA ASN A 114 -4.10 -9.79 -13.67
C ASN A 114 -2.96 -8.82 -13.58
N GLN A 115 -1.82 -9.25 -13.00
CA GLN A 115 -0.62 -8.40 -12.87
C GLN A 115 -0.93 -7.21 -11.99
N LYS A 116 -1.91 -7.35 -11.15
CA LYS A 116 -2.35 -6.28 -10.34
C LYS A 116 -2.75 -6.80 -9.01
N ILE A 117 -2.99 -5.89 -8.12
CA ILE A 117 -3.59 -6.22 -6.87
C ILE A 117 -5.07 -6.17 -7.10
N THR A 118 -5.75 -7.19 -6.75
CA THR A 118 -7.16 -7.24 -6.95
C THR A 118 -7.90 -7.15 -5.61
N GLN A 119 -7.15 -7.33 -4.53
CA GLN A 119 -7.67 -7.25 -3.19
C GLN A 119 -6.55 -7.09 -2.21
N ARG A 120 -6.71 -6.18 -1.30
CA ARG A 120 -5.80 -6.04 -0.23
C ARG A 120 -6.66 -5.87 0.99
N THR A 121 -6.24 -6.36 2.08
CA THR A 121 -6.93 -6.14 3.32
C THR A 121 -5.92 -6.08 4.43
N THR A 122 -6.07 -5.10 5.31
CA THR A 122 -5.19 -5.00 6.44
C THR A 122 -5.57 -6.09 7.42
N ILE A 123 -4.59 -6.82 7.83
CA ILE A 123 -4.79 -7.99 8.65
C ILE A 123 -3.96 -7.90 9.90
N GLN A 124 -4.19 -8.81 10.78
CA GLN A 124 -3.38 -8.96 11.93
C GLN A 124 -2.46 -10.14 11.71
N LEU A 125 -1.28 -10.11 12.29
CA LEU A 125 -0.40 -11.23 12.16
C LEU A 125 -0.74 -12.30 13.16
N GLY A 126 -1.74 -12.96 12.82
CA GLY A 126 -2.26 -14.07 13.55
C GLY A 126 -3.64 -14.38 13.03
N GLU A 127 -3.82 -14.15 11.76
CA GLU A 127 -5.08 -14.29 11.07
C GLU A 127 -4.81 -15.32 9.97
N GLU A 128 -4.02 -14.92 9.02
CA GLU A 128 -3.41 -15.77 8.06
C GLU A 128 -2.00 -15.27 7.93
N SER A 1 6.33 -10.80 -17.70
CA SER A 1 4.99 -10.59 -18.21
C SER A 1 4.12 -11.78 -17.84
N ASN A 2 4.36 -12.35 -16.67
CA ASN A 2 3.68 -13.54 -16.24
C ASN A 2 3.49 -13.41 -14.74
N THR A 3 3.02 -14.44 -14.10
CA THR A 3 2.95 -14.38 -12.71
C THR A 3 3.93 -15.25 -12.06
N ASN A 4 4.43 -14.73 -11.01
CA ASN A 4 5.46 -15.29 -10.25
C ASN A 4 5.52 -14.46 -9.03
N GLN A 5 6.13 -14.98 -8.01
CA GLN A 5 6.29 -14.27 -6.75
C GLN A 5 6.87 -12.89 -6.94
N SER A 6 7.99 -12.83 -7.61
CA SER A 6 8.68 -11.56 -7.83
C SER A 6 7.89 -10.61 -8.77
N GLU A 7 7.21 -11.18 -9.76
CA GLU A 7 6.33 -10.46 -10.65
C GLU A 7 5.20 -9.84 -9.86
N SER A 8 4.74 -10.55 -8.87
CA SER A 8 3.71 -10.08 -7.99
C SER A 8 4.29 -9.09 -6.98
N GLU A 9 5.48 -9.40 -6.43
CA GLU A 9 6.18 -8.56 -5.47
C GLU A 9 6.28 -7.18 -5.97
N LYS A 10 6.83 -7.08 -7.16
CA LYS A 10 7.09 -5.83 -7.81
C LYS A 10 5.84 -4.94 -7.91
N ILE A 11 4.68 -5.56 -8.09
CA ILE A 11 3.41 -4.85 -8.20
C ILE A 11 3.00 -4.32 -6.81
N ILE A 12 3.18 -5.17 -5.80
CA ILE A 12 2.88 -4.85 -4.42
C ILE A 12 3.85 -3.77 -3.94
N LYS A 13 5.10 -3.96 -4.32
CA LYS A 13 6.17 -3.06 -3.99
C LYS A 13 5.88 -1.70 -4.50
N GLU A 14 5.55 -1.60 -5.79
CA GLU A 14 5.22 -0.32 -6.37
C GLU A 14 3.94 0.26 -5.74
N PHE A 15 2.97 -0.59 -5.40
CA PHE A 15 1.71 -0.14 -4.76
C PHE A 15 2.04 0.63 -3.48
N TYR A 16 2.82 0.01 -2.63
CA TYR A 16 3.24 0.60 -1.37
C TYR A 16 4.20 1.76 -1.61
N LYS A 17 5.14 1.55 -2.49
CA LYS A 17 6.14 2.56 -2.84
C LYS A 17 5.50 3.80 -3.42
N THR A 18 4.37 3.64 -4.02
CA THR A 18 3.64 4.76 -4.49
C THR A 18 2.86 5.38 -3.33
N VAL A 19 1.97 4.61 -2.72
CA VAL A 19 1.03 5.16 -1.76
C VAL A 19 1.59 5.53 -0.40
N TYR A 20 2.76 5.08 -0.13
CA TYR A 20 3.44 5.40 1.10
C TYR A 20 4.69 6.23 0.88
N ASN A 21 4.82 6.86 -0.25
CA ASN A 21 5.96 7.75 -0.51
C ASN A 21 5.49 9.09 -0.93
N TYR A 22 5.37 9.93 0.03
CA TYR A 22 4.87 11.28 -0.19
C TYR A 22 5.36 12.17 0.85
N GLU A 23 5.36 13.41 0.57
CA GLU A 23 5.77 14.29 1.55
C GLU A 23 4.75 15.00 2.39
N LYS A 24 3.68 15.43 1.83
CA LYS A 24 2.71 16.09 2.67
C LYS A 24 1.38 15.40 2.53
N SER A 25 1.10 15.02 1.33
CA SER A 25 -0.14 14.44 0.98
C SER A 25 0.02 13.23 0.08
N GLN A 26 -0.84 12.24 0.26
CA GLN A 26 -0.86 11.05 -0.61
C GLN A 26 -1.42 11.44 -1.98
N LYS A 27 -1.92 12.63 -2.07
CA LYS A 27 -2.47 13.17 -3.29
C LYS A 27 -1.34 13.51 -4.30
N GLU A 28 -0.09 13.50 -3.81
CA GLU A 28 1.12 13.79 -4.60
C GLU A 28 1.57 12.60 -5.48
N ILE A 29 1.24 11.40 -5.04
CA ILE A 29 1.84 10.15 -5.56
C ILE A 29 1.36 9.71 -6.96
N SER A 30 0.43 10.44 -7.56
CA SER A 30 -0.12 10.08 -8.88
C SER A 30 -1.00 8.81 -8.85
N MET A 31 -2.31 9.02 -8.89
CA MET A 31 -3.29 7.93 -8.81
C MET A 31 -3.32 7.08 -10.08
N THR A 32 -2.66 7.54 -11.12
CA THR A 32 -2.57 6.76 -12.34
C THR A 32 -1.72 5.53 -12.08
N THR A 33 -0.71 5.69 -11.27
CA THR A 33 0.20 4.65 -10.96
C THR A 33 -0.53 3.47 -10.26
N VAL A 34 -1.31 3.79 -9.24
CA VAL A 34 -2.06 2.76 -8.51
C VAL A 34 -3.10 2.06 -9.42
N LYS A 35 -3.69 2.80 -10.32
CA LYS A 35 -4.62 2.31 -11.23
C LYS A 35 -4.02 1.19 -12.16
N GLU A 36 -2.74 1.25 -12.37
CA GLU A 36 -2.05 0.30 -13.22
C GLU A 36 -1.59 -0.89 -12.41
N LEU A 37 -1.32 -0.65 -11.16
CA LEU A 37 -0.84 -1.68 -10.25
C LEU A 37 -2.01 -2.45 -9.64
N ALA A 38 -3.10 -1.79 -9.45
CA ALA A 38 -4.23 -2.36 -8.76
C ALA A 38 -5.51 -2.21 -9.57
N THR A 39 -6.51 -3.02 -9.25
CA THR A 39 -7.80 -2.94 -9.89
C THR A 39 -8.57 -1.70 -9.42
N ASP A 40 -9.70 -1.44 -10.05
CA ASP A 40 -10.55 -0.29 -9.72
C ASP A 40 -10.97 -0.30 -8.27
N ASN A 41 -11.34 -1.48 -7.79
CA ASN A 41 -11.85 -1.66 -6.41
C ASN A 41 -10.83 -1.12 -5.39
N VAL A 42 -9.62 -1.61 -5.49
CA VAL A 42 -8.56 -1.21 -4.61
C VAL A 42 -8.08 0.21 -4.89
N TYR A 43 -8.16 0.61 -6.15
CA TYR A 43 -7.85 1.97 -6.54
C TYR A 43 -8.80 2.96 -5.85
N GLN A 44 -10.10 2.69 -5.93
CA GLN A 44 -11.09 3.60 -5.39
C GLN A 44 -11.07 3.66 -3.87
N GLU A 45 -10.89 2.52 -3.21
CA GLU A 45 -10.83 2.51 -1.75
C GLU A 45 -9.60 3.29 -1.26
N LEU A 46 -8.51 3.18 -2.03
CA LEU A 46 -7.28 3.81 -1.68
C LEU A 46 -7.39 5.31 -1.78
N GLN A 47 -7.90 5.80 -2.90
CA GLN A 47 -8.02 7.22 -3.08
C GLN A 47 -8.98 7.83 -2.07
N ASN A 48 -9.95 7.05 -1.66
CA ASN A 48 -10.89 7.47 -0.66
C ASN A 48 -10.24 7.56 0.70
N GLU A 49 -9.40 6.56 1.05
CA GLU A 49 -8.70 6.62 2.33
C GLU A 49 -7.70 7.77 2.29
N ILE A 50 -7.09 7.96 1.12
CA ILE A 50 -6.18 9.05 0.88
C ILE A 50 -6.82 10.38 1.19
N ASN A 51 -8.00 10.61 0.63
CA ASN A 51 -8.65 11.90 0.77
C ASN A 51 -8.88 12.24 2.22
N VAL A 52 -9.47 11.30 2.93
CA VAL A 52 -9.81 11.50 4.34
C VAL A 52 -8.55 11.55 5.23
N ASN A 53 -7.51 10.84 4.82
CA ASN A 53 -6.26 10.79 5.58
C ASN A 53 -5.50 12.10 5.43
N ASN A 54 -5.62 12.71 4.29
CA ASN A 54 -4.94 13.96 4.02
C ASN A 54 -5.71 15.09 4.61
N SER A 55 -6.99 15.07 4.37
CA SER A 55 -7.88 16.09 4.78
C SER A 55 -9.00 15.44 5.55
N TYR A 56 -8.93 15.48 6.86
CA TYR A 56 -9.92 14.83 7.70
C TYR A 56 -11.16 15.69 7.81
N SER A 57 -10.93 16.96 8.08
CA SER A 57 -11.95 17.94 8.28
C SER A 57 -11.28 19.30 8.17
N PRO A 58 -12.02 20.42 8.09
CA PRO A 58 -11.40 21.76 8.07
C PRO A 58 -10.69 22.09 9.40
N GLN A 59 -10.94 21.25 10.39
CA GLN A 59 -10.34 21.37 11.69
C GLN A 59 -9.05 20.53 11.78
N GLN A 60 -8.78 19.70 10.76
CA GLN A 60 -7.61 18.86 10.78
C GLN A 60 -7.19 18.48 9.39
N ASN A 61 -6.08 18.97 9.04
CA ASN A 61 -5.43 18.70 7.80
C ASN A 61 -3.97 18.84 8.13
N THR A 62 -3.21 17.80 8.03
CA THR A 62 -1.90 17.79 8.58
C THR A 62 -0.88 17.23 7.61
N ILE A 63 0.36 17.46 7.94
CA ILE A 63 1.47 17.04 7.15
C ILE A 63 1.87 15.62 7.52
N GLN A 64 2.09 14.84 6.51
CA GLN A 64 2.48 13.48 6.65
C GLN A 64 3.58 13.23 5.68
N LYS A 65 4.70 12.91 6.18
CA LYS A 65 5.82 12.58 5.35
C LYS A 65 5.97 11.12 5.50
N SER A 66 5.91 10.41 4.43
CA SER A 66 5.94 9.00 4.45
C SER A 66 6.85 8.50 3.37
N SER A 67 7.53 7.45 3.64
CA SER A 67 8.42 6.84 2.70
C SER A 67 8.59 5.37 3.07
N VAL A 68 8.84 4.54 2.09
CA VAL A 68 9.05 3.12 2.28
C VAL A 68 10.02 2.58 1.25
N ASN A 69 10.96 1.78 1.72
CA ASN A 69 11.89 1.09 0.83
C ASN A 69 11.20 -0.09 0.19
N GLU A 70 11.09 -0.05 -1.11
CA GLU A 70 10.47 -1.09 -1.93
C GLU A 70 11.03 -2.49 -1.63
N ASN A 71 12.29 -2.58 -1.31
CA ASN A 71 12.86 -3.89 -1.09
C ASN A 71 13.03 -4.22 0.37
N GLU A 72 12.36 -3.47 1.22
CA GLU A 72 12.28 -3.81 2.62
C GLU A 72 10.85 -4.29 2.87
N ILE A 73 10.12 -4.35 1.78
CA ILE A 73 8.79 -4.84 1.78
C ILE A 73 8.92 -6.34 1.75
N LYS A 74 8.70 -6.92 2.88
CA LYS A 74 8.86 -8.31 3.06
C LYS A 74 7.58 -9.01 2.73
N ILE A 75 7.61 -9.73 1.64
CA ILE A 75 6.46 -10.37 1.10
C ILE A 75 6.55 -11.88 1.25
N LEU A 76 5.54 -12.44 1.86
CA LEU A 76 5.44 -13.86 2.07
C LEU A 76 4.30 -14.39 1.19
N ALA A 77 4.63 -15.31 0.32
CA ALA A 77 3.65 -15.89 -0.59
C ALA A 77 2.67 -16.76 0.20
N TYR A 78 1.40 -16.50 0.02
CA TYR A 78 0.36 -17.20 0.71
C TYR A 78 -0.49 -17.95 -0.30
N GLU A 79 -0.99 -19.07 0.12
CA GLU A 79 -1.70 -20.01 -0.72
C GLU A 79 -3.14 -19.65 -1.07
N SER A 80 -3.45 -19.89 -2.33
CA SER A 80 -4.76 -19.83 -2.92
C SER A 80 -4.66 -20.64 -4.20
N LYS A 81 -5.76 -21.09 -4.75
CA LYS A 81 -5.68 -21.99 -5.90
C LYS A 81 -6.56 -21.54 -7.04
N ASP A 82 -7.07 -20.33 -6.96
CA ASP A 82 -7.93 -19.77 -8.05
C ASP A 82 -7.05 -18.93 -8.98
N ASN A 83 -5.76 -19.13 -8.82
CA ASN A 83 -4.69 -18.43 -9.52
C ASN A 83 -4.50 -17.00 -8.97
N SER A 84 -5.23 -16.63 -7.91
CA SER A 84 -4.91 -15.40 -7.25
C SER A 84 -3.82 -15.73 -6.29
N GLN A 85 -2.74 -15.11 -6.45
CA GLN A 85 -1.67 -15.37 -5.60
C GLN A 85 -1.74 -14.33 -4.52
N GLN A 86 -2.01 -14.73 -3.35
CA GLN A 86 -2.11 -13.82 -2.27
C GLN A 86 -0.84 -13.75 -1.51
N TYR A 87 -0.44 -12.59 -1.25
CA TYR A 87 0.82 -12.33 -0.67
C TYR A 87 0.65 -11.57 0.61
N LEU A 88 1.27 -12.05 1.62
CA LEU A 88 1.25 -11.41 2.89
C LEU A 88 2.36 -10.41 2.85
N VAL A 89 2.06 -9.22 3.21
CA VAL A 89 2.99 -8.14 3.03
C VAL A 89 3.28 -7.44 4.35
N THR A 90 4.52 -7.45 4.72
CA THR A 90 4.98 -6.78 5.88
C THR A 90 5.96 -5.67 5.44
N ALA A 91 5.63 -4.43 5.69
CA ALA A 91 6.48 -3.33 5.24
C ALA A 91 6.54 -2.19 6.23
N PRO A 92 7.75 -1.71 6.53
CA PRO A 92 7.96 -0.57 7.41
C PRO A 92 7.65 0.74 6.70
N ILE A 93 6.91 1.59 7.35
CA ILE A 93 6.58 2.86 6.80
C ILE A 93 7.19 3.92 7.67
N HIS A 94 8.08 4.68 7.09
CA HIS A 94 8.80 5.70 7.81
C HIS A 94 8.01 6.98 7.68
N GLN A 95 7.41 7.46 8.76
CA GLN A 95 6.58 8.63 8.69
C GLN A 95 6.96 9.74 9.64
N VAL A 96 6.52 10.92 9.30
CA VAL A 96 6.65 12.08 10.14
C VAL A 96 5.30 12.74 10.09
N PHE A 97 4.67 12.85 11.20
CA PHE A 97 3.34 13.33 11.26
C PHE A 97 3.39 14.65 11.92
N ASN A 98 3.24 15.68 11.13
CA ASN A 98 3.29 17.09 11.55
C ASN A 98 4.57 17.37 12.39
N GLY A 99 5.66 16.71 12.00
CA GLY A 99 6.93 16.90 12.69
C GLY A 99 7.24 15.80 13.68
N THR A 100 6.32 14.92 13.85
CA THR A 100 6.44 13.83 14.78
C THR A 100 6.97 12.61 14.05
N LYS A 101 8.10 12.12 14.48
CA LYS A 101 8.69 10.99 13.83
C LYS A 101 8.05 9.72 14.30
N ASN A 102 7.54 8.99 13.37
CA ASN A 102 6.78 7.80 13.65
C ASN A 102 7.10 6.72 12.64
N ASP A 103 7.73 5.68 13.10
CA ASP A 103 8.08 4.55 12.25
C ASP A 103 7.30 3.37 12.70
N PHE A 104 6.82 2.58 11.78
CA PHE A 104 6.02 1.44 12.12
C PHE A 104 5.97 0.47 10.95
N GLU A 105 5.77 -0.79 11.24
CA GLU A 105 5.70 -1.77 10.19
C GLU A 105 4.30 -2.32 10.07
N ILE A 106 3.76 -2.28 8.86
CA ILE A 106 2.40 -2.69 8.63
C ILE A 106 2.35 -4.10 8.11
N ASN A 107 1.25 -4.74 8.35
CA ASN A 107 1.01 -6.09 7.90
C ASN A 107 -0.31 -6.14 7.22
N GLN A 108 -0.29 -6.43 5.96
CA GLN A 108 -1.49 -6.52 5.17
C GLN A 108 -1.37 -7.68 4.24
N LEU A 109 -2.47 -8.17 3.79
CA LEU A 109 -2.47 -9.22 2.82
C LEU A 109 -2.86 -8.57 1.49
N ILE A 110 -2.13 -8.86 0.47
CA ILE A 110 -2.45 -8.37 -0.85
C ILE A 110 -2.65 -9.52 -1.79
N GLN A 111 -3.78 -9.55 -2.41
CA GLN A 111 -4.08 -10.58 -3.34
C GLN A 111 -3.77 -10.11 -4.77
N ILE A 112 -2.95 -10.88 -5.46
CA ILE A 112 -2.50 -10.60 -6.80
C ILE A 112 -3.28 -11.42 -7.82
N LYS A 113 -3.90 -10.74 -8.72
CA LYS A 113 -4.64 -11.33 -9.79
C LYS A 113 -4.58 -10.37 -10.94
N ASN A 114 -4.39 -10.90 -12.15
CA ASN A 114 -4.32 -10.11 -13.40
C ASN A 114 -3.21 -9.14 -13.39
N GLN A 115 -2.11 -9.55 -12.77
CA GLN A 115 -0.86 -8.77 -12.69
C GLN A 115 -1.10 -7.50 -11.92
N LYS A 116 -2.06 -7.54 -11.06
CA LYS A 116 -2.46 -6.39 -10.34
C LYS A 116 -2.88 -6.81 -8.97
N ILE A 117 -3.07 -5.84 -8.13
CA ILE A 117 -3.66 -6.09 -6.85
C ILE A 117 -5.13 -6.10 -7.08
N THR A 118 -5.75 -7.13 -6.69
CA THR A 118 -7.16 -7.25 -6.89
C THR A 118 -7.90 -7.00 -5.59
N GLN A 119 -7.17 -7.09 -4.48
CA GLN A 119 -7.73 -6.87 -3.17
C GLN A 119 -6.59 -6.78 -2.18
N ARG A 120 -6.68 -5.86 -1.26
CA ARG A 120 -5.72 -5.72 -0.22
C ARG A 120 -6.50 -5.76 1.08
N THR A 121 -5.95 -6.32 2.11
CA THR A 121 -6.63 -6.32 3.36
C THR A 121 -5.64 -6.20 4.48
N THR A 122 -5.74 -5.13 5.22
CA THR A 122 -4.89 -4.90 6.36
C THR A 122 -5.21 -5.96 7.42
N ILE A 123 -4.19 -6.52 8.02
CA ILE A 123 -4.38 -7.59 8.96
C ILE A 123 -3.66 -7.29 10.26
N GLN A 124 -3.96 -8.08 11.26
CA GLN A 124 -3.34 -7.96 12.53
C GLN A 124 -2.74 -9.31 12.88
N LEU A 125 -1.64 -9.29 13.58
CA LEU A 125 -0.95 -10.49 13.96
C LEU A 125 -1.31 -10.86 15.39
N GLY A 126 -1.45 -9.85 16.23
CA GLY A 126 -1.78 -10.07 17.61
C GLY A 126 -1.34 -8.92 18.46
N GLU A 127 -2.14 -7.89 18.45
CA GLU A 127 -1.88 -6.67 19.15
C GLU A 127 -3.24 -6.06 19.48
N GLU A 128 -3.80 -5.40 18.50
CA GLU A 128 -5.13 -4.85 18.53
C GLU A 128 -5.83 -5.42 17.31
#